data_2MZS
#
_entry.id   2MZS
#
_entity_poly.entity_id   1
_entity_poly.type   'polypeptide(L)'
_entity_poly.pdbx_seq_one_letter_code
;GSEVIVKNLPASVNWQALKDIFKECGNVAHADVELDGDGVSTGSGTVSFYDIKDLHRAIEKYNGYSIEGNVLDVKSKESV
HNHSDGDDVDIPMDDSPVN
;
_entity_poly.pdbx_strand_id   A
#
# COMPACT_ATOMS: atom_id res chain seq x y z
N GLY A 1 3.21 3.68 11.45
CA GLY A 1 3.34 3.16 10.06
C GLY A 1 3.45 4.28 9.04
N SER A 2 4.15 4.03 7.93
CA SER A 2 4.47 5.01 6.88
C SER A 2 5.07 4.32 5.63
N GLU A 3 4.89 4.92 4.44
CA GLU A 3 5.35 4.44 3.12
C GLU A 3 4.62 3.16 2.64
N VAL A 4 4.81 2.78 1.36
CA VAL A 4 4.31 1.51 0.80
C VAL A 4 5.35 0.85 -0.10
N ILE A 5 5.23 -0.46 -0.29
CA ILE A 5 6.13 -1.31 -1.06
C ILE A 5 5.26 -2.16 -1.99
N VAL A 6 5.63 -2.25 -3.28
CA VAL A 6 4.91 -3.05 -4.30
C VAL A 6 5.70 -4.32 -4.59
N LYS A 7 5.02 -5.46 -4.70
CA LYS A 7 5.61 -6.81 -4.50
C LYS A 7 5.10 -7.87 -5.52
N ASN A 8 4.86 -7.47 -6.78
CA ASN A 8 4.34 -8.37 -7.83
C ASN A 8 4.56 -7.86 -9.27
N LEU A 9 4.74 -6.54 -9.47
CA LEU A 9 5.35 -5.96 -10.67
C LEU A 9 6.67 -6.70 -11.05
N PRO A 10 6.86 -7.11 -12.32
CA PRO A 10 8.08 -7.74 -12.82
C PRO A 10 9.10 -6.71 -13.32
N ALA A 11 10.33 -7.14 -13.61
CA ALA A 11 11.43 -6.29 -14.06
C ALA A 11 11.19 -5.53 -15.39
N SER A 12 10.11 -5.83 -16.11
CA SER A 12 9.67 -5.08 -17.31
C SER A 12 9.17 -3.66 -16.98
N VAL A 13 8.74 -3.42 -15.73
CA VAL A 13 8.34 -2.12 -15.17
C VAL A 13 9.40 -1.65 -14.16
N ASN A 14 9.77 -0.36 -14.21
CA ASN A 14 10.94 0.22 -13.53
C ASN A 14 10.63 1.62 -12.97
N TRP A 15 11.55 2.25 -12.23
CA TRP A 15 11.33 3.48 -11.44
C TRP A 15 10.52 4.58 -12.15
N GLN A 16 10.88 4.96 -13.38
CA GLN A 16 10.21 6.08 -14.05
C GLN A 16 8.75 5.76 -14.45
N ALA A 17 8.42 4.48 -14.71
CA ALA A 17 7.05 4.00 -14.85
C ALA A 17 6.35 3.81 -13.49
N LEU A 18 7.05 3.29 -12.47
CA LEU A 18 6.55 3.13 -11.09
C LEU A 18 6.01 4.47 -10.59
N LYS A 19 6.76 5.57 -10.79
CA LYS A 19 6.31 6.93 -10.49
C LYS A 19 4.88 7.19 -11.03
N ASP A 20 4.64 6.94 -12.32
CA ASP A 20 3.36 7.22 -13.00
C ASP A 20 2.16 6.44 -12.42
N ILE A 21 2.38 5.26 -11.83
CA ILE A 21 1.36 4.48 -11.11
C ILE A 21 0.66 5.30 -10.00
N PHE A 22 1.36 6.31 -9.44
CA PHE A 22 0.86 7.21 -8.40
C PHE A 22 0.80 8.68 -8.86
N LYS A 23 1.69 9.09 -9.78
CA LYS A 23 1.74 10.44 -10.37
C LYS A 23 0.56 10.75 -11.32
N GLU A 24 -0.21 9.74 -11.74
CA GLU A 24 -1.45 9.91 -12.52
C GLU A 24 -2.52 10.80 -11.81
N CYS A 25 -2.41 11.01 -10.49
CA CYS A 25 -3.26 11.93 -9.72
C CYS A 25 -2.97 13.43 -9.97
N GLY A 26 -1.99 13.77 -10.82
CA GLY A 26 -1.65 15.16 -11.20
C GLY A 26 -0.61 15.83 -10.29
N ASN A 27 0.07 15.05 -9.45
CA ASN A 27 1.13 15.47 -8.52
C ASN A 27 2.29 14.44 -8.54
N VAL A 28 3.35 14.61 -7.75
CA VAL A 28 4.37 13.56 -7.53
C VAL A 28 4.94 13.56 -6.11
N ALA A 29 5.29 12.38 -5.60
CA ALA A 29 6.05 12.17 -4.36
C ALA A 29 7.48 11.66 -4.69
N HIS A 30 7.84 10.43 -4.30
CA HIS A 30 9.12 9.78 -4.61
C HIS A 30 9.06 8.23 -4.53
N ALA A 31 9.93 7.53 -5.24
CA ALA A 31 10.01 6.05 -5.25
C ALA A 31 11.39 5.54 -5.71
N ASP A 32 11.61 4.22 -5.59
CA ASP A 32 12.87 3.55 -5.94
C ASP A 32 12.72 2.02 -6.14
N VAL A 33 13.76 1.39 -6.70
CA VAL A 33 13.91 -0.05 -6.96
C VAL A 33 15.36 -0.46 -6.66
N GLU A 34 15.59 -1.76 -6.41
CA GLU A 34 16.90 -2.30 -6.08
C GLU A 34 17.25 -3.48 -6.99
N LEU A 35 18.20 -3.25 -7.90
CA LEU A 35 18.65 -4.21 -8.91
C LEU A 35 19.46 -5.36 -8.27
N ASP A 36 19.32 -6.56 -8.83
CA ASP A 36 20.24 -7.68 -8.60
C ASP A 36 21.66 -7.38 -9.14
N GLY A 37 22.68 -8.08 -8.65
CA GLY A 37 24.09 -7.88 -9.00
C GLY A 37 24.43 -8.13 -10.49
N ASP A 38 23.57 -8.84 -11.23
CA ASP A 38 23.69 -8.99 -12.70
C ASP A 38 23.10 -7.79 -13.48
N GLY A 39 22.49 -6.80 -12.80
CA GLY A 39 22.00 -5.55 -13.38
C GLY A 39 20.59 -5.63 -13.99
N VAL A 40 19.79 -6.61 -13.56
CA VAL A 40 18.55 -7.03 -14.27
C VAL A 40 17.22 -6.48 -13.73
N SER A 41 17.23 -5.77 -12.58
CA SER A 41 16.04 -5.16 -11.95
C SER A 41 15.00 -6.17 -11.41
N THR A 42 13.87 -5.66 -10.89
CA THR A 42 12.91 -6.39 -10.03
C THR A 42 11.45 -6.03 -10.26
N GLY A 43 11.12 -4.78 -10.57
CA GLY A 43 9.74 -4.25 -10.57
C GLY A 43 9.21 -4.03 -9.15
N SER A 44 9.19 -5.08 -8.35
CA SER A 44 9.16 -5.07 -6.88
C SER A 44 10.08 -3.96 -6.32
N GLY A 45 9.49 -2.99 -5.60
CA GLY A 45 10.15 -1.76 -5.16
C GLY A 45 9.36 -0.92 -4.16
N THR A 46 9.96 0.20 -3.72
CA THR A 46 9.50 1.06 -2.59
C THR A 46 8.91 2.36 -3.11
N VAL A 47 7.85 2.84 -2.46
CA VAL A 47 7.15 4.10 -2.78
C VAL A 47 7.03 4.94 -1.50
N SER A 48 7.58 6.14 -1.53
CA SER A 48 7.50 7.12 -0.44
C SER A 48 6.31 8.05 -0.70
N PHE A 49 5.26 7.95 0.11
CA PHE A 49 3.94 8.51 -0.25
C PHE A 49 3.85 10.03 -0.09
N TYR A 50 2.83 10.60 -0.75
CA TYR A 50 2.46 12.02 -0.63
C TYR A 50 2.29 12.44 0.84
N ASP A 51 1.43 11.71 1.56
CA ASP A 51 1.17 11.75 3.01
C ASP A 51 0.22 10.59 3.36
N ILE A 52 0.14 10.23 4.65
CA ILE A 52 -0.72 9.13 5.15
C ILE A 52 -2.21 9.35 4.79
N LYS A 53 -2.64 10.61 4.71
CA LYS A 53 -3.97 11.02 4.22
C LYS A 53 -4.37 10.42 2.87
N ASP A 54 -3.43 10.33 1.90
CA ASP A 54 -3.74 9.82 0.57
C ASP A 54 -3.27 8.37 0.36
N LEU A 55 -2.31 7.92 1.19
CA LEU A 55 -1.81 6.54 1.22
C LEU A 55 -2.97 5.56 1.43
N HIS A 56 -3.81 5.76 2.45
CA HIS A 56 -4.95 4.88 2.74
C HIS A 56 -6.01 4.88 1.63
N ARG A 57 -6.16 6.01 0.90
CA ARG A 57 -7.03 6.14 -0.27
C ARG A 57 -6.47 5.35 -1.47
N ALA A 58 -5.18 5.50 -1.76
CA ALA A 58 -4.46 4.82 -2.83
C ALA A 58 -4.30 3.31 -2.59
N ILE A 59 -4.17 2.88 -1.33
CA ILE A 59 -4.04 1.46 -0.93
C ILE A 59 -5.22 0.61 -1.42
N GLU A 60 -6.44 1.13 -1.38
CA GLU A 60 -7.64 0.45 -1.88
C GLU A 60 -7.84 0.60 -3.41
N LYS A 61 -7.19 1.59 -4.04
CA LYS A 61 -7.32 1.88 -5.48
C LYS A 61 -6.40 1.01 -6.35
N TYR A 62 -5.12 0.88 -5.96
CA TYR A 62 -4.09 0.24 -6.82
C TYR A 62 -3.76 -1.20 -6.45
N ASN A 63 -4.04 -1.66 -5.23
CA ASN A 63 -3.92 -3.07 -4.86
C ASN A 63 -4.98 -3.90 -5.62
N GLY A 64 -4.54 -4.76 -6.56
CA GLY A 64 -5.41 -5.50 -7.48
C GLY A 64 -5.53 -4.87 -8.89
N TYR A 65 -4.85 -3.75 -9.16
CA TYR A 65 -4.77 -3.12 -10.50
C TYR A 65 -3.50 -3.58 -11.25
N SER A 66 -3.39 -3.30 -12.56
CA SER A 66 -2.22 -3.71 -13.38
C SER A 66 -1.76 -2.61 -14.36
N ILE A 67 -0.45 -2.30 -14.36
CA ILE A 67 0.15 -1.25 -15.23
C ILE A 67 1.56 -1.69 -15.67
N GLU A 68 1.74 -1.99 -16.96
CA GLU A 68 3.03 -2.30 -17.62
C GLU A 68 3.72 -3.57 -17.07
N GLY A 69 2.98 -4.43 -16.35
CA GLY A 69 3.50 -5.59 -15.63
C GLY A 69 2.44 -6.65 -15.33
N ASN A 70 2.39 -7.12 -14.08
CA ASN A 70 1.38 -8.08 -13.60
C ASN A 70 0.23 -7.33 -12.91
N VAL A 71 -0.75 -8.06 -12.34
CA VAL A 71 -1.53 -7.54 -11.20
C VAL A 71 -0.56 -7.14 -10.08
N LEU A 72 -0.73 -5.94 -9.52
CA LEU A 72 0.15 -5.38 -8.50
C LEU A 72 -0.51 -5.48 -7.10
N ASP A 73 0.34 -5.75 -6.11
CA ASP A 73 -0.04 -5.93 -4.70
C ASP A 73 0.82 -5.02 -3.83
N VAL A 74 0.22 -4.44 -2.79
CA VAL A 74 0.75 -3.30 -2.03
C VAL A 74 0.77 -3.63 -0.53
N LYS A 75 1.92 -3.40 0.10
CA LYS A 75 2.16 -3.59 1.55
C LYS A 75 2.80 -2.33 2.16
N SER A 76 2.90 -2.25 3.49
CA SER A 76 3.47 -1.10 4.23
C SER A 76 4.37 -1.55 5.40
N LYS A 77 5.11 -0.62 6.02
CA LYS A 77 6.07 -0.95 7.10
C LYS A 77 5.41 -1.28 8.46
N GLU A 78 4.11 -0.99 8.63
CA GLU A 78 3.27 -1.41 9.76
C GLU A 78 3.77 -0.83 11.11
N SER A 79 3.66 -1.56 12.22
CA SER A 79 4.08 -1.17 13.58
C SER A 79 4.11 -2.39 14.52
N VAL A 80 4.60 -2.21 15.76
CA VAL A 80 4.71 -3.25 16.82
C VAL A 80 4.49 -2.59 18.18
N HIS A 81 3.49 -3.07 18.92
CA HIS A 81 3.00 -2.47 20.17
C HIS A 81 2.20 -3.42 21.09
N ASN A 82 2.06 -4.70 20.72
CA ASN A 82 1.05 -5.60 21.27
C ASN A 82 1.37 -6.18 22.65
N HIS A 83 2.66 -6.22 23.05
CA HIS A 83 3.16 -6.69 24.36
C HIS A 83 2.86 -8.18 24.67
N SER A 84 3.27 -8.66 25.84
CA SER A 84 2.94 -9.97 26.44
C SER A 84 3.28 -9.93 27.94
N ASP A 85 2.26 -10.03 28.80
CA ASP A 85 2.34 -9.73 30.25
C ASP A 85 2.10 -10.95 31.16
N GLY A 86 1.86 -12.13 30.57
CA GLY A 86 1.32 -13.32 31.25
C GLY A 86 -0.19 -13.42 31.01
N ASP A 87 -0.58 -13.61 29.74
CA ASP A 87 -1.95 -13.47 29.24
C ASP A 87 -2.70 -14.82 29.10
N ASP A 88 -2.14 -15.89 29.67
CA ASP A 88 -2.64 -17.27 29.63
C ASP A 88 -2.07 -18.08 30.82
N VAL A 89 -2.68 -19.22 31.09
CA VAL A 89 -2.49 -20.09 32.28
C VAL A 89 -2.67 -21.58 31.91
N ASP A 90 -2.25 -22.47 32.80
CA ASP A 90 -2.21 -23.93 32.58
C ASP A 90 -2.59 -24.72 33.86
N ILE A 91 -3.67 -24.28 34.53
CA ILE A 91 -4.20 -24.81 35.79
C ILE A 91 -5.73 -25.04 35.73
N PRO A 92 -6.28 -26.03 36.46
CA PRO A 92 -7.71 -26.32 36.50
C PRO A 92 -8.48 -25.29 37.35
N MET A 93 -9.80 -25.27 37.18
CA MET A 93 -10.73 -24.38 37.89
C MET A 93 -12.15 -24.97 37.90
N ASP A 94 -12.77 -25.03 39.07
CA ASP A 94 -14.09 -25.62 39.34
C ASP A 94 -14.62 -25.19 40.73
N ASP A 95 -15.90 -25.47 40.99
CA ASP A 95 -16.55 -25.31 42.30
C ASP A 95 -17.65 -26.38 42.48
N SER A 96 -17.43 -27.29 43.44
CA SER A 96 -18.33 -28.40 43.78
C SER A 96 -18.91 -28.26 45.21
N PRO A 97 -20.14 -28.74 45.47
CA PRO A 97 -20.76 -28.71 46.81
C PRO A 97 -20.05 -29.68 47.76
N VAL A 98 -19.86 -29.25 49.01
CA VAL A 98 -19.10 -30.00 50.05
C VAL A 98 -19.38 -29.40 51.44
N ASN A 99 -19.42 -30.26 52.46
CA ASN A 99 -19.71 -29.93 53.87
C ASN A 99 -18.97 -30.87 54.84
N GLY A 1 5.25 3.99 11.66
CA GLY A 1 4.99 3.29 10.37
C GLY A 1 5.56 4.07 9.19
N SER A 2 4.68 4.59 8.33
CA SER A 2 4.98 5.46 7.16
C SER A 2 5.55 4.70 5.94
N GLU A 3 5.36 5.27 4.72
CA GLU A 3 5.79 4.73 3.41
C GLU A 3 4.99 3.46 3.01
N VAL A 4 5.15 2.99 1.76
CA VAL A 4 4.53 1.73 1.28
C VAL A 4 5.49 0.90 0.43
N ILE A 5 5.29 -0.42 0.46
CA ILE A 5 6.02 -1.45 -0.29
C ILE A 5 5.14 -1.88 -1.49
N VAL A 6 5.78 -2.19 -2.64
CA VAL A 6 5.16 -2.84 -3.81
C VAL A 6 6.01 -4.06 -4.18
N LYS A 7 5.39 -5.18 -4.57
CA LYS A 7 5.93 -6.52 -4.24
C LYS A 7 5.71 -7.62 -5.31
N ASN A 8 5.53 -7.25 -6.59
CA ASN A 8 5.26 -8.22 -7.69
C ASN A 8 5.53 -7.68 -9.12
N LEU A 9 5.51 -6.35 -9.30
CA LEU A 9 5.95 -5.61 -10.50
C LEU A 9 7.35 -6.08 -10.98
N PRO A 10 7.50 -6.61 -12.22
CA PRO A 10 8.76 -7.17 -12.76
C PRO A 10 9.63 -6.11 -13.47
N ALA A 11 10.72 -6.56 -14.11
CA ALA A 11 11.76 -5.71 -14.73
C ALA A 11 11.24 -4.67 -15.75
N SER A 12 10.13 -4.95 -16.44
CA SER A 12 9.56 -4.03 -17.45
C SER A 12 8.92 -2.78 -16.82
N VAL A 13 8.62 -2.82 -15.51
CA VAL A 13 8.08 -1.74 -14.68
C VAL A 13 9.12 -1.31 -13.62
N ASN A 14 10.28 -0.84 -14.12
CA ASN A 14 11.39 -0.30 -13.32
C ASN A 14 10.98 0.98 -12.54
N TRP A 15 11.86 1.54 -11.70
CA TRP A 15 11.60 2.68 -10.80
C TRP A 15 10.84 3.86 -11.45
N GLN A 16 11.18 4.26 -12.69
CA GLN A 16 10.50 5.38 -13.36
C GLN A 16 9.04 5.02 -13.72
N ALA A 17 8.79 3.79 -14.18
CA ALA A 17 7.43 3.29 -14.42
C ALA A 17 6.64 3.06 -13.11
N LEU A 18 7.28 2.61 -12.02
CA LEU A 18 6.69 2.58 -10.68
C LEU A 18 6.20 3.97 -10.31
N LYS A 19 7.05 4.99 -10.45
CA LYS A 19 6.69 6.39 -10.17
C LYS A 19 5.48 6.86 -11.01
N ASP A 20 5.36 6.39 -12.26
CA ASP A 20 4.22 6.66 -13.14
C ASP A 20 2.89 6.01 -12.68
N ILE A 21 2.94 4.92 -11.89
CA ILE A 21 1.73 4.30 -11.28
C ILE A 21 0.98 5.30 -10.40
N PHE A 22 1.70 5.96 -9.46
CA PHE A 22 1.10 6.91 -8.52
C PHE A 22 0.85 8.28 -9.18
N LYS A 23 1.64 8.65 -10.20
CA LYS A 23 1.45 9.87 -11.02
C LYS A 23 0.01 10.02 -11.59
N GLU A 24 -0.74 8.93 -11.74
CA GLU A 24 -2.14 8.94 -12.17
C GLU A 24 -3.10 9.72 -11.23
N CYS A 25 -2.68 10.06 -10.01
CA CYS A 25 -3.38 10.99 -9.11
C CYS A 25 -3.30 12.48 -9.54
N GLY A 26 -2.52 12.81 -10.58
CA GLY A 26 -2.34 14.17 -11.12
C GLY A 26 -1.09 14.91 -10.62
N ASN A 27 -0.45 14.38 -9.57
CA ASN A 27 0.82 14.83 -8.98
C ASN A 27 1.68 13.59 -8.64
N VAL A 28 2.95 13.75 -8.22
CA VAL A 28 3.79 12.59 -7.85
C VAL A 28 4.78 12.82 -6.70
N ALA A 29 4.99 11.77 -5.90
CA ALA A 29 5.94 11.71 -4.79
C ALA A 29 7.32 11.16 -5.24
N HIS A 30 7.84 10.10 -4.59
CA HIS A 30 9.16 9.51 -4.83
C HIS A 30 9.23 8.01 -4.46
N ALA A 31 10.20 7.26 -5.03
CA ALA A 31 10.30 5.80 -4.90
C ALA A 31 11.72 5.23 -5.18
N ASP A 32 11.89 3.92 -5.00
CA ASP A 32 13.10 3.14 -5.27
C ASP A 32 12.78 1.63 -5.44
N VAL A 33 13.75 0.84 -5.93
CA VAL A 33 13.61 -0.57 -6.34
C VAL A 33 14.90 -1.38 -6.16
N GLU A 34 14.82 -2.71 -6.33
CA GLU A 34 15.95 -3.64 -6.33
C GLU A 34 16.32 -4.10 -7.75
N LEU A 35 17.59 -4.49 -7.96
CA LEU A 35 18.11 -5.07 -9.19
C LEU A 35 18.84 -6.41 -8.95
N ASP A 36 18.70 -7.34 -9.90
CA ASP A 36 19.59 -8.50 -10.03
C ASP A 36 20.98 -8.09 -10.55
N GLY A 37 21.99 -8.95 -10.34
CA GLY A 37 23.41 -8.62 -10.55
C GLY A 37 23.84 -8.36 -12.00
N ASP A 38 22.99 -8.69 -12.98
CA ASP A 38 23.19 -8.36 -14.40
C ASP A 38 22.67 -6.95 -14.78
N GLY A 39 22.10 -6.22 -13.82
CA GLY A 39 21.65 -4.81 -13.98
C GLY A 39 20.27 -4.64 -14.61
N VAL A 40 19.47 -5.71 -14.67
CA VAL A 40 18.20 -5.77 -15.45
C VAL A 40 17.00 -5.12 -14.75
N SER A 41 17.08 -4.91 -13.42
CA SER A 41 16.08 -4.25 -12.56
C SER A 41 14.83 -5.11 -12.23
N THR A 42 14.00 -4.59 -11.30
CA THR A 42 12.68 -5.11 -10.91
C THR A 42 11.81 -3.89 -10.56
N GLY A 43 10.49 -4.09 -10.49
CA GLY A 43 9.53 -3.10 -9.97
C GLY A 43 9.20 -3.30 -8.48
N SER A 44 9.50 -4.47 -7.92
CA SER A 44 9.51 -4.70 -6.47
C SER A 44 10.44 -3.70 -5.76
N GLY A 45 9.85 -2.94 -4.82
CA GLY A 45 10.49 -1.81 -4.15
C GLY A 45 9.59 -1.04 -3.20
N THR A 46 10.00 0.20 -2.91
CA THR A 46 9.38 1.09 -1.90
C THR A 46 8.97 2.41 -2.53
N VAL A 47 7.89 2.98 -1.99
CA VAL A 47 7.30 4.27 -2.39
C VAL A 47 7.23 5.12 -1.13
N SER A 48 7.85 6.30 -1.20
CA SER A 48 7.90 7.27 -0.11
C SER A 48 6.84 8.35 -0.37
N PHE A 49 5.78 8.36 0.46
CA PHE A 49 4.46 8.81 0.00
C PHE A 49 4.22 10.31 0.09
N TYR A 50 3.14 10.75 -0.60
CA TYR A 50 2.62 12.11 -0.59
C TYR A 50 2.39 12.63 0.84
N ASP A 51 1.67 11.83 1.62
CA ASP A 51 1.39 11.91 3.07
C ASP A 51 0.65 10.63 3.49
N ILE A 52 0.54 10.37 4.80
CA ILE A 52 -0.13 9.17 5.35
C ILE A 52 -1.62 9.12 4.97
N LYS A 53 -2.25 10.28 4.74
CA LYS A 53 -3.61 10.40 4.19
C LYS A 53 -3.81 9.71 2.83
N ASP A 54 -2.78 9.63 1.97
CA ASP A 54 -2.97 9.22 0.58
C ASP A 54 -2.82 7.71 0.38
N LEU A 55 -2.25 6.99 1.36
CA LEU A 55 -2.37 5.53 1.49
C LEU A 55 -3.84 5.15 1.37
N HIS A 56 -4.72 5.82 2.12
CA HIS A 56 -6.13 5.44 2.22
C HIS A 56 -6.85 5.49 0.85
N ARG A 57 -6.43 6.42 -0.02
CA ARG A 57 -6.82 6.49 -1.44
C ARG A 57 -6.10 5.43 -2.29
N ALA A 58 -4.76 5.40 -2.27
CA ALA A 58 -3.93 4.58 -3.15
C ALA A 58 -4.07 3.07 -2.92
N ILE A 59 -4.30 2.64 -1.67
CA ILE A 59 -4.52 1.24 -1.28
C ILE A 59 -5.86 0.71 -1.82
N GLU A 60 -6.86 1.57 -2.03
CA GLU A 60 -8.11 1.24 -2.72
C GLU A 60 -7.95 1.30 -4.25
N LYS A 61 -7.19 2.28 -4.76
CA LYS A 61 -7.11 2.59 -6.19
C LYS A 61 -6.21 1.62 -6.99
N TYR A 62 -5.05 1.22 -6.43
CA TYR A 62 -4.03 0.45 -7.16
C TYR A 62 -3.93 -1.04 -6.75
N ASN A 63 -4.48 -1.44 -5.59
CA ASN A 63 -4.67 -2.85 -5.22
C ASN A 63 -5.48 -3.59 -6.31
N GLY A 64 -4.95 -4.70 -6.82
CA GLY A 64 -5.62 -5.53 -7.83
C GLY A 64 -5.46 -5.04 -9.27
N TYR A 65 -4.74 -3.93 -9.48
CA TYR A 65 -4.47 -3.35 -10.81
C TYR A 65 -3.09 -3.76 -11.35
N SER A 66 -2.84 -3.61 -12.65
CA SER A 66 -1.60 -4.03 -13.32
C SER A 66 -1.13 -2.98 -14.34
N ILE A 67 0.14 -2.55 -14.27
CA ILE A 67 0.71 -1.51 -15.16
C ILE A 67 2.10 -1.94 -15.65
N GLU A 68 2.24 -2.21 -16.95
CA GLU A 68 3.49 -2.57 -17.64
C GLU A 68 4.19 -3.82 -17.02
N GLY A 69 3.40 -4.71 -16.40
CA GLY A 69 3.88 -5.78 -15.53
C GLY A 69 2.77 -6.70 -15.03
N ASN A 70 2.89 -7.16 -13.77
CA ASN A 70 1.94 -8.08 -13.14
C ASN A 70 0.85 -7.32 -12.36
N VAL A 71 -0.13 -8.04 -11.82
CA VAL A 71 -1.03 -7.49 -10.76
C VAL A 71 -0.21 -7.06 -9.55
N LEU A 72 -0.58 -5.94 -8.91
CA LEU A 72 0.11 -5.39 -7.76
C LEU A 72 -0.80 -5.22 -6.53
N ASP A 73 -0.16 -5.20 -5.36
CA ASP A 73 -0.71 -4.74 -4.09
C ASP A 73 0.17 -3.61 -3.51
N VAL A 74 -0.35 -2.90 -2.51
CA VAL A 74 0.26 -1.75 -1.84
C VAL A 74 0.13 -1.98 -0.33
N LYS A 75 1.24 -1.93 0.41
CA LYS A 75 1.29 -2.35 1.82
C LYS A 75 2.19 -1.45 2.67
N SER A 76 1.73 -1.03 3.85
CA SER A 76 2.46 -0.17 4.80
C SER A 76 2.86 -0.94 6.07
N LYS A 77 3.93 -0.51 6.75
CA LYS A 77 4.34 -1.06 8.06
C LYS A 77 3.43 -0.55 9.19
N GLU A 78 2.52 -1.40 9.66
CA GLU A 78 1.51 -1.10 10.70
C GLU A 78 0.86 -2.39 11.21
N SER A 79 0.53 -2.45 12.49
CA SER A 79 -0.21 -3.57 13.11
C SER A 79 -0.73 -3.22 14.52
N VAL A 80 -1.82 -3.88 14.93
CA VAL A 80 -2.57 -3.64 16.19
C VAL A 80 -3.61 -4.76 16.38
N HIS A 81 -3.85 -5.16 17.63
CA HIS A 81 -4.81 -6.21 18.00
C HIS A 81 -5.34 -6.07 19.45
N ASN A 82 -6.47 -6.74 19.73
CA ASN A 82 -7.12 -6.79 21.05
C ASN A 82 -8.05 -8.03 21.15
N HIS A 83 -8.02 -8.74 22.28
CA HIS A 83 -8.76 -10.00 22.46
C HIS A 83 -10.28 -9.83 22.61
N SER A 84 -10.75 -8.71 23.17
CA SER A 84 -12.18 -8.42 23.45
C SER A 84 -12.38 -6.96 23.89
N ASP A 85 -13.50 -6.34 23.49
CA ASP A 85 -13.93 -5.02 23.97
C ASP A 85 -14.64 -5.09 25.35
N GLY A 86 -14.96 -6.29 25.83
CA GLY A 86 -15.65 -6.56 27.10
C GLY A 86 -17.17 -6.56 26.98
N ASP A 87 -17.84 -7.16 27.97
CA ASP A 87 -19.29 -7.33 28.06
C ASP A 87 -19.70 -7.78 29.48
N ASP A 88 -20.79 -7.21 30.00
CA ASP A 88 -21.38 -7.52 31.32
C ASP A 88 -22.81 -6.98 31.41
N VAL A 89 -23.61 -7.59 32.29
CA VAL A 89 -25.03 -7.32 32.58
C VAL A 89 -25.45 -8.11 33.82
N ASP A 90 -26.17 -7.46 34.74
CA ASP A 90 -26.54 -8.00 36.06
C ASP A 90 -27.81 -7.33 36.64
N ILE A 91 -28.80 -7.06 35.77
CA ILE A 91 -30.02 -6.29 36.08
C ILE A 91 -31.30 -7.06 35.63
N PRO A 92 -31.97 -7.78 36.54
CA PRO A 92 -33.21 -8.50 36.26
C PRO A 92 -34.43 -7.56 36.30
N MET A 93 -35.56 -8.03 35.74
CA MET A 93 -36.84 -7.29 35.69
C MET A 93 -38.01 -8.28 35.51
N ASP A 94 -38.98 -8.22 36.43
CA ASP A 94 -40.18 -9.07 36.49
C ASP A 94 -41.34 -8.34 37.20
N ASP A 95 -42.57 -8.61 36.75
CA ASP A 95 -43.83 -8.17 37.36
C ASP A 95 -44.94 -9.20 37.07
N SER A 96 -45.61 -9.67 38.13
CA SER A 96 -46.71 -10.65 38.05
C SER A 96 -48.05 -10.05 38.52
N PRO A 97 -49.21 -10.47 37.94
CA PRO A 97 -50.54 -10.00 38.33
C PRO A 97 -50.96 -10.58 39.68
N VAL A 98 -51.82 -9.85 40.40
CA VAL A 98 -52.33 -10.21 41.74
C VAL A 98 -53.62 -9.44 42.07
N ASN A 99 -54.56 -10.10 42.76
CA ASN A 99 -55.88 -9.58 43.17
C ASN A 99 -56.77 -9.21 41.95
N GLY A 1 5.64 11.81 7.64
CA GLY A 1 5.69 11.00 6.39
C GLY A 1 5.13 9.60 6.58
N SER A 2 5.09 8.81 5.50
CA SER A 2 4.62 7.40 5.43
C SER A 2 4.99 6.78 4.07
N GLU A 3 4.94 5.45 3.94
CA GLU A 3 5.42 4.73 2.75
C GLU A 3 4.77 3.35 2.58
N VAL A 4 4.84 2.82 1.35
CA VAL A 4 4.40 1.47 0.96
C VAL A 4 5.48 0.77 0.15
N ILE A 5 5.56 -0.54 0.31
CA ILE A 5 6.43 -1.49 -0.39
C ILE A 5 5.59 -2.11 -1.54
N VAL A 6 6.18 -2.32 -2.72
CA VAL A 6 5.48 -2.90 -3.89
C VAL A 6 6.29 -4.04 -4.50
N LYS A 7 5.70 -5.22 -4.54
CA LYS A 7 6.43 -6.49 -4.74
C LYS A 7 5.58 -7.51 -5.52
N ASN A 8 5.50 -7.31 -6.84
CA ASN A 8 4.79 -8.17 -7.83
C ASN A 8 5.06 -7.69 -9.27
N LEU A 9 5.03 -6.36 -9.48
CA LEU A 9 5.61 -5.62 -10.63
C LEU A 9 6.94 -6.27 -11.11
N PRO A 10 7.03 -6.79 -12.37
CA PRO A 10 8.22 -7.41 -12.94
C PRO A 10 9.14 -6.39 -13.65
N ALA A 11 10.28 -6.86 -14.17
CA ALA A 11 11.37 -6.07 -14.73
C ALA A 11 10.97 -5.03 -15.81
N SER A 12 9.87 -5.26 -16.53
CA SER A 12 9.39 -4.38 -17.61
C SER A 12 8.68 -3.10 -17.08
N VAL A 13 8.31 -3.07 -15.79
CA VAL A 13 7.72 -1.91 -15.09
C VAL A 13 8.76 -1.34 -14.11
N ASN A 14 9.68 -0.56 -14.68
CA ASN A 14 10.83 0.08 -14.01
C ASN A 14 10.40 1.21 -13.06
N TRP A 15 11.35 1.88 -12.37
CA TRP A 15 11.04 3.01 -11.48
C TRP A 15 10.31 4.16 -12.20
N GLN A 16 10.67 4.44 -13.45
CA GLN A 16 10.04 5.51 -14.26
C GLN A 16 8.55 5.20 -14.54
N ALA A 17 8.21 3.92 -14.77
CA ALA A 17 6.83 3.46 -14.82
C ALA A 17 6.15 3.42 -13.44
N LEU A 18 6.86 3.04 -12.37
CA LEU A 18 6.36 3.03 -10.99
C LEU A 18 5.81 4.41 -10.60
N LYS A 19 6.53 5.49 -10.93
CA LYS A 19 6.06 6.86 -10.76
C LYS A 19 4.64 7.04 -11.34
N ASP A 20 4.40 6.63 -12.59
CA ASP A 20 3.15 6.84 -13.31
C ASP A 20 1.95 6.09 -12.69
N ILE A 21 2.19 5.01 -11.92
CA ILE A 21 1.18 4.31 -11.12
C ILE A 21 0.44 5.27 -10.16
N PHE A 22 1.18 6.14 -9.45
CA PHE A 22 0.63 7.02 -8.41
C PHE A 22 0.50 8.49 -8.86
N LYS A 23 1.25 8.90 -9.89
CA LYS A 23 1.31 10.28 -10.44
C LYS A 23 -0.01 10.77 -11.11
N GLU A 24 -1.08 9.95 -11.12
CA GLU A 24 -2.44 10.38 -11.51
C GLU A 24 -2.98 11.57 -10.68
N CYS A 25 -2.40 11.83 -9.51
CA CYS A 25 -2.62 13.05 -8.70
C CYS A 25 -2.32 14.37 -9.45
N GLY A 26 -1.53 14.33 -10.54
CA GLY A 26 -1.04 15.49 -11.30
C GLY A 26 0.33 15.99 -10.84
N ASN A 27 0.83 15.44 -9.73
CA ASN A 27 2.15 15.62 -9.12
C ASN A 27 2.70 14.26 -8.63
N VAL A 28 3.93 14.18 -8.12
CA VAL A 28 4.46 12.94 -7.53
C VAL A 28 5.39 13.19 -6.34
N ALA A 29 5.34 12.27 -5.37
CA ALA A 29 6.15 12.27 -4.14
C ALA A 29 7.59 11.76 -4.39
N HIS A 30 7.87 10.52 -3.96
CA HIS A 30 9.19 9.89 -4.01
C HIS A 30 9.10 8.35 -4.12
N ALA A 31 10.03 7.70 -4.82
CA ALA A 31 10.03 6.25 -5.05
C ALA A 31 11.41 5.69 -5.42
N ASP A 32 11.54 4.37 -5.38
CA ASP A 32 12.78 3.60 -5.63
C ASP A 32 12.47 2.13 -5.98
N VAL A 33 13.49 1.37 -6.39
CA VAL A 33 13.42 -0.04 -6.82
C VAL A 33 14.63 -0.84 -6.34
N GLU A 34 14.43 -2.15 -6.16
CA GLU A 34 15.45 -3.07 -5.67
C GLU A 34 15.86 -4.03 -6.79
N LEU A 35 16.98 -3.72 -7.44
CA LEU A 35 17.45 -4.44 -8.64
C LEU A 35 18.38 -5.61 -8.29
N ASP A 36 18.52 -6.55 -9.23
CA ASP A 36 19.26 -7.80 -9.05
C ASP A 36 20.78 -7.62 -9.20
N GLY A 37 21.57 -8.41 -8.43
CA GLY A 37 23.03 -8.29 -8.32
C GLY A 37 23.83 -8.63 -9.58
N ASP A 38 23.23 -9.26 -10.59
CA ASP A 38 23.81 -9.44 -11.93
C ASP A 38 23.67 -8.20 -12.84
N GLY A 39 23.02 -7.13 -12.34
CA GLY A 39 22.85 -5.84 -13.03
C GLY A 39 21.67 -5.86 -14.00
N VAL A 40 20.46 -6.08 -13.48
CA VAL A 40 19.23 -6.24 -14.29
C VAL A 40 17.98 -5.85 -13.48
N SER A 41 16.98 -5.29 -14.18
CA SER A 41 15.71 -4.83 -13.60
C SER A 41 14.86 -5.96 -12.97
N THR A 42 13.91 -5.57 -12.10
CA THR A 42 13.13 -6.43 -11.19
C THR A 42 11.69 -5.95 -10.96
N GLY A 43 11.43 -4.63 -11.09
CA GLY A 43 10.12 -3.99 -10.92
C GLY A 43 9.69 -3.77 -9.47
N SER A 44 9.93 -4.75 -8.59
CA SER A 44 9.84 -4.65 -7.13
C SER A 44 10.63 -3.45 -6.56
N GLY A 45 9.96 -2.71 -5.67
CA GLY A 45 10.44 -1.44 -5.12
C GLY A 45 9.61 -0.86 -3.99
N THR A 46 9.77 0.45 -3.75
CA THR A 46 9.17 1.20 -2.64
C THR A 46 8.64 2.54 -3.12
N VAL A 47 7.66 3.08 -2.39
CA VAL A 47 6.94 4.31 -2.69
C VAL A 47 6.77 5.07 -1.37
N SER A 48 7.31 6.27 -1.30
CA SER A 48 7.23 7.16 -0.12
C SER A 48 6.31 8.33 -0.43
N PHE A 49 5.29 8.52 0.41
CA PHE A 49 3.99 9.01 -0.06
C PHE A 49 3.79 10.52 0.03
N TYR A 50 2.74 10.98 -0.66
CA TYR A 50 2.23 12.35 -0.56
C TYR A 50 1.94 12.75 0.90
N ASP A 51 1.15 11.92 1.59
CA ASP A 51 0.92 11.86 3.04
C ASP A 51 0.05 10.62 3.32
N ILE A 52 -0.09 10.24 4.60
CA ILE A 52 -0.93 9.11 5.03
C ILE A 52 -2.42 9.27 4.61
N LYS A 53 -2.89 10.51 4.48
CA LYS A 53 -4.21 10.85 3.93
C LYS A 53 -4.49 10.25 2.55
N ASP A 54 -3.50 10.26 1.64
CA ASP A 54 -3.70 9.79 0.26
C ASP A 54 -3.29 8.33 0.11
N LEU A 55 -2.33 7.88 0.94
CA LEU A 55 -1.94 6.48 1.10
C LEU A 55 -3.17 5.62 1.41
N HIS A 56 -4.01 6.02 2.36
CA HIS A 56 -5.25 5.29 2.70
C HIS A 56 -6.21 5.09 1.50
N ARG A 57 -6.30 6.06 0.59
CA ARG A 57 -7.00 5.91 -0.71
C ARG A 57 -6.22 4.97 -1.64
N ALA A 58 -4.96 5.29 -1.92
CA ALA A 58 -4.09 4.60 -2.88
C ALA A 58 -3.89 3.10 -2.58
N ILE A 59 -3.84 2.73 -1.30
CA ILE A 59 -3.68 1.33 -0.85
C ILE A 59 -4.87 0.45 -1.27
N GLU A 60 -6.09 1.02 -1.30
CA GLU A 60 -7.29 0.35 -1.81
C GLU A 60 -7.38 0.44 -3.36
N LYS A 61 -7.07 1.61 -3.92
CA LYS A 61 -7.22 1.88 -5.36
C LYS A 61 -6.29 1.03 -6.24
N TYR A 62 -5.04 0.83 -5.82
CA TYR A 62 -3.99 0.24 -6.66
C TYR A 62 -3.61 -1.22 -6.29
N ASN A 63 -4.09 -1.75 -5.17
CA ASN A 63 -3.97 -3.17 -4.86
C ASN A 63 -4.85 -4.01 -5.81
N GLY A 64 -4.22 -4.86 -6.64
CA GLY A 64 -4.86 -5.67 -7.67
C GLY A 64 -4.89 -5.04 -9.07
N TYR A 65 -4.35 -3.83 -9.23
CA TYR A 65 -4.30 -3.08 -10.50
C TYR A 65 -3.15 -3.57 -11.40
N SER A 66 -3.35 -3.80 -12.70
CA SER A 66 -2.28 -4.27 -13.60
C SER A 66 -1.68 -3.11 -14.43
N ILE A 67 -0.36 -2.94 -14.40
CA ILE A 67 0.35 -1.79 -14.99
C ILE A 67 1.68 -2.25 -15.62
N GLU A 68 1.67 -2.49 -16.94
CA GLU A 68 2.86 -2.84 -17.74
C GLU A 68 3.61 -4.11 -17.22
N GLY A 69 2.86 -5.04 -16.61
CA GLY A 69 3.42 -6.19 -15.90
C GLY A 69 2.35 -7.08 -15.26
N ASN A 70 2.53 -7.42 -13.98
CA ASN A 70 1.58 -8.26 -13.22
C ASN A 70 0.52 -7.38 -12.54
N VAL A 71 -0.44 -8.00 -11.82
CA VAL A 71 -1.26 -7.27 -10.83
C VAL A 71 -0.37 -6.75 -9.70
N LEU A 72 -0.59 -5.52 -9.27
CA LEU A 72 0.20 -4.82 -8.27
C LEU A 72 -0.25 -5.22 -6.85
N ASP A 73 0.67 -5.79 -6.08
CA ASP A 73 0.52 -5.96 -4.63
C ASP A 73 1.20 -4.80 -3.90
N VAL A 74 0.60 -4.36 -2.80
CA VAL A 74 0.96 -3.15 -2.03
C VAL A 74 0.94 -3.50 -0.54
N LYS A 75 2.05 -3.25 0.15
CA LYS A 75 2.28 -3.69 1.53
C LYS A 75 2.83 -2.53 2.39
N SER A 76 2.29 -2.33 3.59
CA SER A 76 2.78 -1.32 4.54
C SER A 76 3.97 -1.84 5.38
N LYS A 77 4.80 -0.92 5.89
CA LYS A 77 5.97 -1.27 6.71
C LYS A 77 5.55 -1.74 8.12
N GLU A 78 6.08 -2.89 8.56
CA GLU A 78 5.83 -3.45 9.90
C GLU A 78 6.56 -2.63 10.99
N SER A 79 5.88 -2.37 12.11
CA SER A 79 6.36 -1.56 13.24
C SER A 79 5.45 -1.73 14.48
N VAL A 80 5.64 -0.90 15.51
CA VAL A 80 4.87 -0.84 16.77
C VAL A 80 4.72 0.61 17.24
N HIS A 81 3.58 0.93 17.84
CA HIS A 81 3.16 2.29 18.20
C HIS A 81 2.29 2.34 19.48
N ASN A 82 2.34 3.46 20.20
CA ASN A 82 1.57 3.74 21.41
C ASN A 82 1.13 5.22 21.46
N HIS A 83 -0.10 5.48 21.92
CA HIS A 83 -0.75 6.80 21.91
C HIS A 83 -1.93 6.90 22.91
N SER A 84 -2.41 8.14 23.12
CA SER A 84 -3.49 8.56 24.04
C SER A 84 -3.04 8.66 25.52
N ASP A 85 -3.76 9.48 26.31
CA ASP A 85 -3.39 9.85 27.69
C ASP A 85 -4.38 9.35 28.76
N GLY A 86 -5.45 8.66 28.36
CA GLY A 86 -6.48 8.13 29.26
C GLY A 86 -7.38 9.23 29.84
N ASP A 87 -7.69 9.12 31.14
CA ASP A 87 -8.53 10.05 31.89
C ASP A 87 -8.22 9.98 33.41
N ASP A 88 -8.11 11.15 34.05
CA ASP A 88 -7.81 11.34 35.48
C ASP A 88 -8.16 12.78 35.89
N VAL A 89 -8.40 12.97 37.19
CA VAL A 89 -8.79 14.23 37.84
C VAL A 89 -8.62 14.12 39.35
N ASP A 90 -8.06 15.16 39.97
CA ASP A 90 -7.77 15.27 41.40
C ASP A 90 -7.44 16.74 41.75
N ILE A 91 -8.29 17.36 42.56
CA ILE A 91 -8.16 18.79 42.94
C ILE A 91 -6.93 19.03 43.86
N PRO A 92 -6.05 20.01 43.56
CA PRO A 92 -4.87 20.32 44.38
C PRO A 92 -5.26 21.06 45.66
N MET A 93 -4.39 20.99 46.67
CA MET A 93 -4.58 21.57 48.01
C MET A 93 -3.23 21.75 48.73
N ASP A 94 -3.13 22.79 49.58
CA ASP A 94 -1.95 23.12 50.39
C ASP A 94 -2.27 23.07 51.90
N ASP A 95 -1.30 22.67 52.71
CA ASP A 95 -1.38 22.66 54.17
C ASP A 95 -1.11 24.07 54.76
N SER A 96 -2.13 24.63 55.40
CA SER A 96 -2.06 25.94 56.10
C SER A 96 -1.46 25.84 57.51
N PRO A 97 -0.84 26.92 58.03
CA PRO A 97 -0.28 26.97 59.39
C PRO A 97 -1.39 27.03 60.44
N VAL A 98 -1.10 26.51 61.65
CA VAL A 98 -2.06 26.42 62.78
C VAL A 98 -1.32 26.17 64.10
N ASN A 99 -1.78 26.82 65.18
CA ASN A 99 -1.23 26.74 66.54
C ASN A 99 -2.30 27.13 67.58
N GLY A 1 6.43 8.89 9.23
CA GLY A 1 6.73 8.21 7.94
C GLY A 1 5.54 8.18 7.00
N SER A 2 5.78 7.94 5.71
CA SER A 2 4.76 7.93 4.65
C SER A 2 5.27 7.15 3.42
N GLU A 3 4.94 5.85 3.33
CA GLU A 3 5.59 4.90 2.41
C GLU A 3 4.79 3.60 2.29
N VAL A 4 4.74 3.01 1.09
CA VAL A 4 4.26 1.64 0.84
C VAL A 4 5.25 0.89 -0.08
N ILE A 5 5.22 -0.44 0.01
CA ILE A 5 6.07 -1.40 -0.73
C ILE A 5 5.17 -2.06 -1.79
N VAL A 6 5.70 -2.27 -3.01
CA VAL A 6 4.96 -2.83 -4.15
C VAL A 6 5.73 -4.04 -4.68
N LYS A 7 5.11 -5.23 -4.64
CA LYS A 7 5.83 -6.51 -4.53
C LYS A 7 5.16 -7.64 -5.35
N ASN A 8 5.09 -7.45 -6.67
CA ASN A 8 4.48 -8.41 -7.63
C ASN A 8 4.81 -8.09 -9.11
N LEU A 9 5.09 -6.81 -9.42
CA LEU A 9 5.51 -6.34 -10.75
C LEU A 9 6.84 -6.99 -11.20
N PRO A 10 6.96 -7.41 -12.48
CA PRO A 10 8.21 -7.92 -13.06
C PRO A 10 9.04 -6.78 -13.67
N ALA A 11 10.28 -7.06 -14.07
CA ALA A 11 11.22 -6.08 -14.65
C ALA A 11 10.74 -5.39 -15.95
N SER A 12 9.59 -5.82 -16.50
CA SER A 12 8.88 -5.14 -17.59
C SER A 12 8.47 -3.69 -17.24
N VAL A 13 8.19 -3.40 -15.95
CA VAL A 13 7.99 -2.01 -15.46
C VAL A 13 9.35 -1.44 -15.03
N ASN A 14 9.73 -0.29 -15.60
CA ASN A 14 10.93 0.48 -15.19
C ASN A 14 10.65 1.27 -13.90
N TRP A 15 11.67 1.64 -13.11
CA TRP A 15 11.51 2.47 -11.91
C TRP A 15 10.70 3.76 -12.16
N GLN A 16 10.88 4.42 -13.32
CA GLN A 16 10.14 5.66 -13.64
C GLN A 16 8.66 5.38 -13.99
N ALA A 17 8.36 4.21 -14.57
CA ALA A 17 6.99 3.72 -14.71
C ALA A 17 6.38 3.30 -13.35
N LEU A 18 7.18 2.78 -12.41
CA LEU A 18 6.76 2.56 -11.01
C LEU A 18 6.35 3.88 -10.33
N LYS A 19 7.11 4.96 -10.53
CA LYS A 19 6.70 6.30 -10.08
C LYS A 19 5.33 6.67 -10.68
N ASP A 20 5.15 6.47 -11.99
CA ASP A 20 3.92 6.80 -12.72
C ASP A 20 2.65 6.06 -12.23
N ILE A 21 2.80 4.89 -11.57
CA ILE A 21 1.69 4.15 -10.91
C ILE A 21 0.89 5.05 -9.94
N PHE A 22 1.55 6.07 -9.34
CA PHE A 22 0.95 7.04 -8.42
C PHE A 22 1.01 8.45 -8.99
N LYS A 23 2.12 8.81 -9.68
CA LYS A 23 2.30 10.11 -10.36
C LYS A 23 1.32 10.37 -11.52
N GLU A 24 0.48 9.39 -11.91
CA GLU A 24 -0.74 9.65 -12.69
C GLU A 24 -1.69 10.70 -12.06
N CYS A 25 -1.54 10.98 -10.75
CA CYS A 25 -2.21 12.10 -10.06
C CYS A 25 -1.67 13.50 -10.44
N GLY A 26 -0.66 13.58 -11.33
CA GLY A 26 0.02 14.81 -11.77
C GLY A 26 1.21 15.15 -10.87
N ASN A 27 0.92 15.34 -9.57
CA ASN A 27 1.93 15.58 -8.53
C ASN A 27 2.77 14.31 -8.24
N VAL A 28 3.90 14.44 -7.54
CA VAL A 28 4.79 13.31 -7.16
C VAL A 28 5.38 13.49 -5.76
N ALA A 29 5.49 12.37 -5.03
CA ALA A 29 6.25 12.25 -3.78
C ALA A 29 7.72 11.85 -4.09
N HIS A 30 8.03 10.56 -4.02
CA HIS A 30 9.34 9.94 -4.30
C HIS A 30 9.20 8.40 -4.45
N ALA A 31 10.14 7.73 -5.13
CA ALA A 31 10.05 6.31 -5.47
C ALA A 31 11.42 5.65 -5.77
N ASP A 32 11.50 4.32 -5.67
CA ASP A 32 12.73 3.52 -5.85
C ASP A 32 12.44 2.02 -6.13
N VAL A 33 13.50 1.27 -6.47
CA VAL A 33 13.52 -0.17 -6.80
C VAL A 33 14.81 -0.82 -6.27
N GLU A 34 14.82 -2.14 -6.12
CA GLU A 34 15.99 -2.89 -5.63
C GLU A 34 16.28 -4.12 -6.52
N LEU A 35 17.27 -3.97 -7.42
CA LEU A 35 17.68 -4.98 -8.40
C LEU A 35 18.98 -5.69 -8.01
N ASP A 36 19.33 -6.76 -8.75
CA ASP A 36 20.56 -7.52 -8.52
C ASP A 36 21.79 -6.75 -9.03
N GLY A 37 22.97 -7.01 -8.45
CA GLY A 37 24.24 -6.36 -8.81
C GLY A 37 24.74 -6.66 -10.24
N ASP A 38 24.14 -7.61 -10.94
CA ASP A 38 24.34 -7.86 -12.38
C ASP A 38 23.65 -6.83 -13.30
N GLY A 39 22.77 -5.99 -12.75
CA GLY A 39 22.05 -4.93 -13.46
C GLY A 39 20.73 -5.33 -14.15
N VAL A 40 20.13 -6.50 -13.88
CA VAL A 40 18.94 -6.96 -14.66
C VAL A 40 17.65 -6.14 -14.47
N SER A 41 17.55 -5.34 -13.41
CA SER A 41 16.36 -4.55 -13.02
C SER A 41 15.21 -5.39 -12.44
N THR A 42 14.26 -4.72 -11.76
CA THR A 42 13.17 -5.32 -10.97
C THR A 42 11.96 -4.39 -10.95
N GLY A 43 10.76 -4.94 -11.12
CA GLY A 43 9.50 -4.18 -10.98
C GLY A 43 9.08 -3.98 -9.53
N SER A 44 9.32 -4.98 -8.67
CA SER A 44 9.24 -4.88 -7.22
C SER A 44 10.14 -3.77 -6.66
N GLY A 45 9.53 -2.84 -5.92
CA GLY A 45 10.19 -1.67 -5.32
C GLY A 45 9.39 -1.05 -4.18
N THR A 46 9.79 0.17 -3.81
CA THR A 46 9.24 0.93 -2.66
C THR A 46 8.89 2.34 -3.14
N VAL A 47 7.75 2.83 -2.68
CA VAL A 47 7.18 4.12 -3.08
C VAL A 47 6.86 4.94 -1.85
N SER A 48 7.36 6.16 -1.84
CA SER A 48 7.03 7.16 -0.80
C SER A 48 5.68 7.79 -1.11
N PHE A 49 4.92 8.16 -0.07
CA PHE A 49 3.55 8.66 -0.22
C PHE A 49 3.40 10.14 0.10
N TYR A 50 2.47 10.76 -0.62
CA TYR A 50 2.13 12.19 -0.55
C TYR A 50 1.88 12.66 0.90
N ASP A 51 1.05 11.91 1.64
CA ASP A 51 0.94 11.85 3.10
C ASP A 51 -0.02 10.69 3.47
N ILE A 52 -0.15 10.38 4.76
CA ILE A 52 -0.99 9.26 5.26
C ILE A 52 -2.49 9.45 4.92
N LYS A 53 -2.93 10.69 4.73
CA LYS A 53 -4.26 11.04 4.18
C LYS A 53 -4.61 10.36 2.86
N ASP A 54 -3.64 10.28 1.93
CA ASP A 54 -3.89 9.73 0.59
C ASP A 54 -3.44 8.27 0.49
N LEU A 55 -2.56 7.82 1.38
CA LEU A 55 -2.01 6.46 1.40
C LEU A 55 -3.13 5.43 1.60
N HIS A 56 -3.97 5.58 2.62
CA HIS A 56 -5.06 4.63 2.89
C HIS A 56 -6.22 4.74 1.88
N ARG A 57 -6.36 5.88 1.19
CA ARG A 57 -7.21 6.04 0.01
C ARG A 57 -6.65 5.28 -1.21
N ALA A 58 -5.35 5.40 -1.47
CA ALA A 58 -4.64 4.81 -2.62
C ALA A 58 -4.46 3.29 -2.51
N ILE A 59 -4.18 2.75 -1.31
CA ILE A 59 -4.07 1.29 -1.10
C ILE A 59 -5.38 0.53 -1.35
N GLU A 60 -6.55 1.20 -1.27
CA GLU A 60 -7.84 0.64 -1.69
C GLU A 60 -8.08 0.76 -3.21
N LYS A 61 -7.40 1.71 -3.88
CA LYS A 61 -7.58 2.02 -5.31
C LYS A 61 -6.67 1.19 -6.23
N TYR A 62 -5.38 1.09 -5.91
CA TYR A 62 -4.38 0.45 -6.78
C TYR A 62 -4.19 -1.05 -6.52
N ASN A 63 -4.39 -1.53 -5.29
CA ASN A 63 -4.25 -2.95 -4.97
C ASN A 63 -5.33 -3.78 -5.70
N GLY A 64 -4.90 -4.70 -6.58
CA GLY A 64 -5.80 -5.48 -7.46
C GLY A 64 -5.96 -4.92 -8.89
N TYR A 65 -5.32 -3.78 -9.21
CA TYR A 65 -5.21 -3.25 -10.59
C TYR A 65 -3.91 -3.74 -11.27
N SER A 66 -3.68 -3.47 -12.55
CA SER A 66 -2.45 -3.90 -13.28
C SER A 66 -1.90 -2.80 -14.20
N ILE A 67 -0.59 -2.50 -14.12
CA ILE A 67 0.07 -1.42 -14.90
C ILE A 67 1.49 -1.87 -15.30
N GLU A 68 1.77 -2.02 -16.60
CA GLU A 68 3.08 -2.36 -17.17
C GLU A 68 3.67 -3.71 -16.69
N GLY A 69 2.82 -4.60 -16.15
CA GLY A 69 3.27 -5.84 -15.51
C GLY A 69 2.12 -6.74 -15.02
N ASN A 70 2.24 -7.20 -13.77
CA ASN A 70 1.30 -8.13 -13.14
C ASN A 70 0.23 -7.37 -12.32
N VAL A 71 -0.68 -8.09 -11.67
CA VAL A 71 -1.60 -7.50 -10.66
C VAL A 71 -0.80 -6.92 -9.48
N LEU A 72 -1.05 -5.63 -9.18
CA LEU A 72 -0.48 -4.89 -8.07
C LEU A 72 -0.90 -5.48 -6.72
N ASP A 73 0.09 -5.64 -5.83
CA ASP A 73 -0.06 -6.07 -4.45
C ASP A 73 0.77 -5.14 -3.57
N VAL A 74 0.11 -4.47 -2.63
CA VAL A 74 0.59 -3.24 -1.97
C VAL A 74 0.49 -3.40 -0.44
N LYS A 75 1.61 -3.19 0.26
CA LYS A 75 1.79 -3.44 1.69
C LYS A 75 2.68 -2.38 2.35
N SER A 76 2.79 -2.36 3.68
CA SER A 76 3.62 -1.36 4.40
C SER A 76 4.28 -1.94 5.66
N LYS A 77 5.43 -1.36 6.06
CA LYS A 77 6.22 -1.82 7.22
C LYS A 77 5.62 -1.35 8.57
N GLU A 78 4.78 -0.32 8.53
CA GLU A 78 4.01 0.24 9.65
C GLU A 78 2.61 0.66 9.17
N SER A 79 1.70 0.97 10.09
CA SER A 79 0.30 1.35 9.82
C SER A 79 -0.32 2.11 11.02
N VAL A 80 -1.64 2.34 10.98
CA VAL A 80 -2.43 3.09 11.99
C VAL A 80 -3.82 2.48 12.13
N HIS A 81 -4.39 2.53 13.35
CA HIS A 81 -5.71 2.01 13.70
C HIS A 81 -6.23 2.58 15.04
N ASN A 82 -7.55 2.73 15.15
CA ASN A 82 -8.27 3.17 16.36
C ASN A 82 -9.75 2.73 16.33
N HIS A 83 -10.34 2.54 17.53
CA HIS A 83 -11.73 2.10 17.73
C HIS A 83 -12.26 2.47 19.13
N SER A 84 -13.54 2.83 19.22
CA SER A 84 -14.22 3.27 20.46
C SER A 84 -15.74 3.03 20.36
N ASP A 85 -16.40 2.78 21.49
CA ASP A 85 -17.86 2.50 21.55
C ASP A 85 -18.73 3.77 21.37
N GLY A 86 -18.15 4.97 21.58
CA GLY A 86 -18.79 6.27 21.37
C GLY A 86 -19.56 6.80 22.58
N ASP A 87 -19.99 8.06 22.48
CA ASP A 87 -20.73 8.81 23.51
C ASP A 87 -21.38 10.07 22.90
N ASP A 88 -22.65 10.31 23.22
CA ASP A 88 -23.48 11.41 22.73
C ASP A 88 -24.75 11.56 23.61
N VAL A 89 -25.41 12.72 23.50
CA VAL A 89 -26.59 13.13 24.26
C VAL A 89 -27.24 14.35 23.59
N ASP A 90 -28.58 14.38 23.55
CA ASP A 90 -29.42 15.41 22.94
C ASP A 90 -30.88 15.25 23.41
N ILE A 91 -31.41 16.29 24.05
CA ILE A 91 -32.78 16.36 24.59
C ILE A 91 -33.46 17.71 24.21
N PRO A 92 -34.72 17.72 23.71
CA PRO A 92 -35.44 18.94 23.35
C PRO A 92 -36.06 19.63 24.58
N MET A 93 -36.63 20.82 24.36
CA MET A 93 -37.34 21.60 25.39
C MET A 93 -38.39 22.52 24.76
N ASP A 94 -39.61 22.44 25.30
CA ASP A 94 -40.79 23.26 24.95
C ASP A 94 -41.85 23.26 26.08
N ASP A 95 -41.49 22.71 27.24
CA ASP A 95 -42.36 22.18 28.29
C ASP A 95 -42.84 23.26 29.29
N SER A 96 -43.00 24.51 28.83
CA SER A 96 -43.45 25.65 29.63
C SER A 96 -44.89 25.46 30.18
N PRO A 97 -45.13 25.68 31.50
CA PRO A 97 -46.44 25.46 32.12
C PRO A 97 -47.45 26.55 31.73
N VAL A 98 -48.74 26.21 31.82
CA VAL A 98 -49.93 27.04 31.51
C VAL A 98 -50.11 27.21 29.99
N ASN A 99 -51.22 26.66 29.47
CA ASN A 99 -51.60 26.65 28.05
C ASN A 99 -53.11 26.45 27.85
N GLY A 1 4.70 6.69 9.79
CA GLY A 1 4.40 5.91 8.57
C GLY A 1 4.39 6.77 7.32
N SER A 2 5.38 6.57 6.43
CA SER A 2 5.58 7.39 5.21
C SER A 2 6.06 6.57 4.00
N GLU A 3 5.88 5.24 4.03
CA GLU A 3 6.47 4.31 3.05
C GLU A 3 5.57 3.10 2.81
N VAL A 4 5.50 2.65 1.55
CA VAL A 4 4.87 1.41 1.09
C VAL A 4 5.81 0.65 0.16
N ILE A 5 5.57 -0.64 0.00
CA ILE A 5 6.30 -1.57 -0.88
C ILE A 5 5.27 -2.20 -1.80
N VAL A 6 5.52 -2.21 -3.12
CA VAL A 6 4.73 -2.97 -4.10
C VAL A 6 5.47 -4.27 -4.41
N LYS A 7 4.74 -5.39 -4.51
CA LYS A 7 5.34 -6.73 -4.52
C LYS A 7 4.50 -7.74 -5.33
N ASN A 8 4.64 -7.68 -6.67
CA ASN A 8 3.95 -8.56 -7.64
C ASN A 8 4.37 -8.31 -9.11
N LEU A 9 4.65 -7.05 -9.47
CA LEU A 9 5.11 -6.62 -10.80
C LEU A 9 6.49 -7.24 -11.16
N PRO A 10 6.72 -7.68 -12.42
CA PRO A 10 7.99 -8.22 -12.90
C PRO A 10 8.98 -7.10 -13.29
N ALA A 11 10.19 -7.50 -13.70
CA ALA A 11 11.32 -6.62 -14.06
C ALA A 11 11.05 -5.62 -15.21
N SER A 12 9.90 -5.71 -15.88
CA SER A 12 9.44 -4.70 -16.85
C SER A 12 9.20 -3.33 -16.18
N VAL A 13 8.78 -3.30 -14.90
CA VAL A 13 8.59 -2.05 -14.16
C VAL A 13 9.93 -1.58 -13.57
N ASN A 14 10.20 -0.29 -13.76
CA ASN A 14 11.43 0.41 -13.38
C ASN A 14 11.07 1.78 -12.77
N TRP A 15 12.01 2.47 -12.12
CA TRP A 15 11.75 3.66 -11.28
C TRP A 15 10.77 4.69 -11.90
N GLN A 16 10.98 5.10 -13.16
CA GLN A 16 10.17 6.13 -13.79
C GLN A 16 8.72 5.66 -14.06
N ALA A 17 8.52 4.38 -14.41
CA ALA A 17 7.19 3.76 -14.48
C ALA A 17 6.57 3.54 -13.09
N LEU A 18 7.36 3.17 -12.09
CA LEU A 18 6.91 2.97 -10.71
C LEU A 18 6.37 4.27 -10.09
N LYS A 19 6.99 5.41 -10.41
CA LYS A 19 6.45 6.74 -10.10
C LYS A 19 5.02 6.88 -10.64
N ASP A 20 4.83 6.61 -11.93
CA ASP A 20 3.57 6.82 -12.66
C ASP A 20 2.38 5.99 -12.10
N ILE A 21 2.65 4.85 -11.43
CA ILE A 21 1.65 4.06 -10.68
C ILE A 21 0.81 4.95 -9.73
N PHE A 22 1.46 5.91 -9.06
CA PHE A 22 0.85 6.78 -8.04
C PHE A 22 0.75 8.24 -8.50
N LYS A 23 1.70 8.71 -9.35
CA LYS A 23 1.66 10.00 -10.05
C LYS A 23 0.48 10.12 -11.05
N GLU A 24 -0.32 9.08 -11.23
CA GLU A 24 -1.68 9.14 -11.81
C GLU A 24 -2.57 10.20 -11.10
N CYS A 25 -2.31 10.50 -9.81
CA CYS A 25 -2.91 11.62 -9.06
C CYS A 25 -2.50 13.04 -9.53
N GLY A 26 -1.62 13.17 -10.54
CA GLY A 26 -1.14 14.43 -11.12
C GLY A 26 0.08 15.00 -10.39
N ASN A 27 -0.02 15.12 -9.06
CA ASN A 27 1.10 15.47 -8.17
C ASN A 27 2.11 14.30 -8.05
N VAL A 28 3.28 14.52 -7.44
CA VAL A 28 4.27 13.45 -7.16
C VAL A 28 4.95 13.60 -5.78
N ALA A 29 5.22 12.45 -5.13
CA ALA A 29 5.99 12.34 -3.90
C ALA A 29 7.44 11.89 -4.20
N HIS A 30 7.79 10.63 -3.86
CA HIS A 30 9.14 10.06 -4.00
C HIS A 30 9.10 8.51 -4.02
N ALA A 31 10.04 7.87 -4.73
CA ALA A 31 10.15 6.40 -4.78
C ALA A 31 11.56 5.92 -5.19
N ASP A 32 11.78 4.59 -5.19
CA ASP A 32 13.11 4.01 -5.45
C ASP A 32 13.07 2.56 -5.99
N VAL A 33 14.12 2.20 -6.73
CA VAL A 33 14.40 0.93 -7.41
C VAL A 33 15.92 0.85 -7.62
N GLU A 34 16.53 -0.30 -7.34
CA GLU A 34 17.94 -0.58 -7.65
C GLU A 34 18.09 -1.94 -8.34
N LEU A 35 19.04 -2.07 -9.26
CA LEU A 35 19.16 -3.25 -10.13
C LEU A 35 20.11 -4.29 -9.52
N ASP A 36 19.78 -5.57 -9.70
CA ASP A 36 20.63 -6.72 -9.36
C ASP A 36 21.80 -6.85 -10.35
N GLY A 37 22.98 -7.27 -9.85
CA GLY A 37 24.25 -7.29 -10.58
C GLY A 37 24.34 -8.29 -11.75
N ASP A 38 23.37 -9.19 -11.92
CA ASP A 38 23.19 -9.98 -13.15
C ASP A 38 22.57 -9.15 -14.31
N GLY A 39 22.24 -7.88 -14.06
CA GLY A 39 21.64 -6.95 -15.03
C GLY A 39 20.11 -7.05 -15.08
N VAL A 40 19.46 -7.12 -13.91
CA VAL A 40 18.03 -7.44 -13.77
C VAL A 40 17.36 -6.50 -12.76
N SER A 41 16.24 -5.88 -13.14
CA SER A 41 15.52 -4.92 -12.31
C SER A 41 14.60 -5.59 -11.26
N THR A 42 14.54 -5.02 -10.05
CA THR A 42 13.59 -5.43 -9.01
C THR A 42 12.22 -4.80 -9.31
N GLY A 43 11.28 -5.61 -9.81
CA GLY A 43 9.92 -5.15 -10.12
C GLY A 43 9.12 -4.84 -8.85
N SER A 44 9.33 -5.64 -7.80
CA SER A 44 8.96 -5.30 -6.43
C SER A 44 9.82 -4.12 -5.92
N GLY A 45 9.21 -2.94 -5.71
CA GLY A 45 9.89 -1.68 -5.35
C GLY A 45 9.28 -0.93 -4.17
N THR A 46 10.04 0.04 -3.63
CA THR A 46 9.68 0.93 -2.52
C THR A 46 9.11 2.26 -3.06
N VAL A 47 8.16 2.81 -2.31
CA VAL A 47 7.45 4.07 -2.62
C VAL A 47 7.25 4.85 -1.32
N SER A 48 7.44 6.16 -1.33
CA SER A 48 7.22 7.04 -0.17
C SER A 48 6.09 8.04 -0.45
N PHE A 49 5.15 8.17 0.50
CA PHE A 49 3.83 8.70 0.20
C PHE A 49 3.67 10.21 0.39
N TYR A 50 2.67 10.75 -0.31
CA TYR A 50 2.19 12.12 -0.18
C TYR A 50 1.77 12.42 1.28
N ASP A 51 0.91 11.56 1.84
CA ASP A 51 0.48 11.46 3.24
C ASP A 51 -0.39 10.20 3.41
N ILE A 52 -0.71 9.83 4.65
CA ILE A 52 -1.61 8.70 4.96
C ILE A 52 -3.02 8.84 4.34
N LYS A 53 -3.50 10.07 4.16
CA LYS A 53 -4.75 10.36 3.42
C LYS A 53 -4.74 9.82 1.99
N ASP A 54 -3.64 10.04 1.25
CA ASP A 54 -3.57 9.64 -0.16
C ASP A 54 -3.15 8.18 -0.29
N LEU A 55 -2.44 7.66 0.71
CA LEU A 55 -2.12 6.24 0.84
C LEU A 55 -3.40 5.41 0.93
N HIS A 56 -4.38 5.83 1.73
CA HIS A 56 -5.73 5.22 1.74
C HIS A 56 -6.53 5.45 0.44
N ARG A 57 -6.28 6.51 -0.33
CA ARG A 57 -6.80 6.61 -1.71
C ARG A 57 -6.11 5.62 -2.66
N ALA A 58 -4.79 5.48 -2.58
CA ALA A 58 -3.96 4.65 -3.45
C ALA A 58 -4.21 3.14 -3.26
N ILE A 59 -4.41 2.69 -2.02
CA ILE A 59 -4.82 1.30 -1.69
C ILE A 59 -6.27 0.98 -2.11
N GLU A 60 -7.11 1.99 -2.31
CA GLU A 60 -8.44 1.85 -2.90
C GLU A 60 -8.40 1.81 -4.44
N LYS A 61 -7.58 2.65 -5.08
CA LYS A 61 -7.46 2.74 -6.54
C LYS A 61 -6.62 1.61 -7.17
N TYR A 62 -5.40 1.38 -6.69
CA TYR A 62 -4.36 0.67 -7.44
C TYR A 62 -4.09 -0.76 -6.96
N ASN A 63 -4.46 -1.11 -5.73
CA ASN A 63 -4.38 -2.49 -5.25
C ASN A 63 -5.41 -3.37 -6.03
N GLY A 64 -4.92 -4.31 -6.85
CA GLY A 64 -5.69 -5.10 -7.80
C GLY A 64 -5.67 -4.59 -9.25
N TYR A 65 -4.97 -3.48 -9.54
CA TYR A 65 -4.79 -2.92 -10.88
C TYR A 65 -3.41 -3.30 -11.47
N SER A 66 -3.30 -3.42 -12.80
CA SER A 66 -2.10 -3.91 -13.49
C SER A 66 -1.42 -2.83 -14.35
N ILE A 67 -0.10 -2.65 -14.14
CA ILE A 67 0.76 -1.68 -14.86
C ILE A 67 2.16 -2.28 -14.96
N GLU A 68 2.71 -2.43 -16.18
CA GLU A 68 4.03 -3.05 -16.43
C GLU A 68 4.12 -4.51 -15.93
N GLY A 69 3.02 -5.27 -16.07
CA GLY A 69 2.99 -6.73 -15.82
C GLY A 69 1.71 -7.20 -15.12
N ASN A 70 1.84 -7.64 -13.87
CA ASN A 70 0.76 -8.31 -13.13
C ASN A 70 -0.18 -7.27 -12.47
N VAL A 71 -1.25 -7.73 -11.82
CA VAL A 71 -1.94 -6.89 -10.81
C VAL A 71 -0.97 -6.63 -9.65
N LEU A 72 -0.99 -5.43 -9.07
CA LEU A 72 -0.16 -5.10 -7.91
C LEU A 72 -0.96 -5.17 -6.61
N ASP A 73 -0.26 -5.61 -5.55
CA ASP A 73 -0.64 -5.45 -4.15
C ASP A 73 0.26 -4.36 -3.50
N VAL A 74 -0.13 -3.88 -2.32
CA VAL A 74 0.51 -2.77 -1.60
C VAL A 74 0.64 -3.13 -0.12
N LYS A 75 1.88 -3.15 0.37
CA LYS A 75 2.26 -3.48 1.77
C LYS A 75 3.04 -2.31 2.41
N SER A 76 3.30 -2.34 3.72
CA SER A 76 4.09 -1.31 4.42
C SER A 76 4.93 -1.91 5.56
N LYS A 77 6.02 -1.21 5.92
CA LYS A 77 6.95 -1.60 7.00
C LYS A 77 6.48 -1.14 8.40
N GLU A 78 5.31 -0.53 8.50
CA GLU A 78 4.69 0.03 9.71
C GLU A 78 3.15 -0.03 9.59
N SER A 79 2.41 0.38 10.62
CA SER A 79 0.94 0.39 10.61
C SER A 79 0.36 1.43 9.61
N VAL A 80 -0.85 1.15 9.11
CA VAL A 80 -1.57 1.91 8.07
C VAL A 80 -3.07 1.92 8.44
N HIS A 81 -3.62 3.11 8.66
CA HIS A 81 -4.97 3.32 9.23
C HIS A 81 -5.51 4.74 8.99
N ASN A 82 -6.83 4.87 8.93
CA ASN A 82 -7.57 6.12 8.66
C ASN A 82 -9.02 5.99 9.15
N HIS A 83 -9.48 6.94 9.98
CA HIS A 83 -10.72 6.87 10.77
C HIS A 83 -11.11 8.23 11.41
N SER A 84 -12.29 8.31 12.01
CA SER A 84 -12.80 9.50 12.73
C SER A 84 -13.92 9.11 13.72
N ASP A 85 -14.25 10.02 14.66
CA ASP A 85 -15.25 9.77 15.72
C ASP A 85 -16.72 9.92 15.25
N GLY A 86 -16.95 10.49 14.07
CA GLY A 86 -18.30 10.76 13.53
C GLY A 86 -18.92 12.02 14.14
N ASP A 87 -20.17 11.92 14.58
CA ASP A 87 -20.96 13.00 15.20
C ASP A 87 -22.13 12.46 16.05
N ASP A 88 -22.81 13.38 16.75
CA ASP A 88 -23.89 13.11 17.72
C ASP A 88 -25.20 13.88 17.42
N VAL A 89 -25.47 14.26 16.16
CA VAL A 89 -26.59 15.14 15.77
C VAL A 89 -27.38 14.67 14.54
N ASP A 90 -28.64 15.10 14.45
CA ASP A 90 -29.64 14.71 13.44
C ASP A 90 -30.39 15.91 12.80
N ILE A 91 -29.84 17.13 12.94
CA ILE A 91 -30.43 18.37 12.40
C ILE A 91 -30.55 18.33 10.85
N PRO A 92 -31.72 18.67 10.26
CA PRO A 92 -31.91 18.74 8.82
C PRO A 92 -31.20 19.99 8.27
N MET A 93 -30.37 19.80 7.24
CA MET A 93 -29.49 20.84 6.66
C MET A 93 -28.97 20.38 5.29
N ASP A 94 -28.92 21.30 4.32
CA ASP A 94 -28.50 21.04 2.93
C ASP A 94 -28.07 22.33 2.20
N ASP A 95 -27.03 22.24 1.37
CA ASP A 95 -26.49 23.34 0.55
C ASP A 95 -27.33 23.56 -0.73
N SER A 96 -28.63 23.75 -0.56
CA SER A 96 -29.61 23.90 -1.65
C SER A 96 -29.46 25.22 -2.45
N PRO A 97 -29.79 25.23 -3.75
CA PRO A 97 -29.68 26.41 -4.62
C PRO A 97 -30.78 27.44 -4.30
N VAL A 98 -30.47 28.73 -4.53
CA VAL A 98 -31.35 29.87 -4.19
C VAL A 98 -31.17 31.07 -5.16
N ASN A 99 -30.66 30.81 -6.37
CA ASN A 99 -30.37 31.79 -7.44
C ASN A 99 -30.53 31.18 -8.84
N GLY A 1 4.50 6.62 10.31
CA GLY A 1 5.00 6.13 8.99
C GLY A 1 4.27 6.78 7.83
N SER A 2 4.88 6.79 6.63
CA SER A 2 4.35 7.48 5.43
C SER A 2 4.84 6.83 4.12
N GLU A 3 5.03 5.50 4.11
CA GLU A 3 5.64 4.77 2.99
C GLU A 3 4.93 3.43 2.72
N VAL A 4 5.07 2.92 1.50
CA VAL A 4 4.48 1.64 1.01
C VAL A 4 5.45 0.93 0.06
N ILE A 5 5.20 -0.35 -0.21
CA ILE A 5 5.89 -1.22 -1.17
C ILE A 5 4.87 -1.63 -2.24
N VAL A 6 5.29 -1.79 -3.49
CA VAL A 6 4.48 -2.36 -4.59
C VAL A 6 5.14 -3.63 -5.13
N LYS A 7 4.32 -4.60 -5.56
CA LYS A 7 4.73 -6.00 -5.78
C LYS A 7 3.93 -6.71 -6.88
N ASN A 8 4.52 -7.72 -7.53
CA ASN A 8 3.98 -8.62 -8.57
C ASN A 8 4.04 -8.05 -10.01
N LEU A 9 4.11 -6.72 -10.13
CA LEU A 9 4.87 -5.98 -11.17
C LEU A 9 6.12 -6.79 -11.64
N PRO A 10 6.21 -7.20 -12.93
CA PRO A 10 7.25 -8.08 -13.47
C PRO A 10 8.55 -7.33 -13.81
N ALA A 11 9.53 -8.03 -14.39
CA ALA A 11 10.86 -7.48 -14.71
C ALA A 11 10.86 -6.31 -15.73
N SER A 12 9.73 -6.07 -16.42
CA SER A 12 9.59 -4.99 -17.41
C SER A 12 9.20 -3.62 -16.82
N VAL A 13 8.85 -3.57 -15.52
CA VAL A 13 8.51 -2.37 -14.75
C VAL A 13 9.63 -2.06 -13.75
N ASN A 14 10.12 -0.81 -13.79
CA ASN A 14 11.27 -0.27 -13.05
C ASN A 14 10.95 1.12 -12.48
N TRP A 15 11.91 1.79 -11.82
CA TRP A 15 11.73 3.09 -11.14
C TRP A 15 10.93 4.13 -11.94
N GLN A 16 11.28 4.40 -13.22
CA GLN A 16 10.59 5.42 -14.02
C GLN A 16 9.10 5.09 -14.25
N ALA A 17 8.77 3.81 -14.46
CA ALA A 17 7.37 3.34 -14.51
C ALA A 17 6.69 3.36 -13.13
N LEU A 18 7.38 2.95 -12.06
CA LEU A 18 6.88 2.94 -10.67
C LEU A 18 6.41 4.34 -10.26
N LYS A 19 7.17 5.37 -10.60
CA LYS A 19 6.78 6.78 -10.44
C LYS A 19 5.34 7.02 -10.97
N ASP A 20 5.10 6.74 -12.25
CA ASP A 20 3.84 6.98 -12.95
C ASP A 20 2.64 6.23 -12.34
N ILE A 21 2.84 5.11 -11.63
CA ILE A 21 1.77 4.42 -10.86
C ILE A 21 1.04 5.40 -9.92
N PHE A 22 1.78 6.31 -9.27
CA PHE A 22 1.26 7.31 -8.34
C PHE A 22 1.18 8.71 -9.00
N LYS A 23 2.05 9.01 -9.98
CA LYS A 23 2.03 10.25 -10.76
C LYS A 23 0.85 10.34 -11.76
N GLU A 24 0.18 9.23 -12.09
CA GLU A 24 -1.11 9.24 -12.82
C GLU A 24 -2.24 9.97 -12.06
N CYS A 25 -2.11 10.18 -10.73
CA CYS A 25 -3.01 11.00 -9.92
C CYS A 25 -2.97 12.52 -10.27
N GLY A 26 -2.00 12.96 -11.08
CA GLY A 26 -1.78 14.35 -11.51
C GLY A 26 -0.66 15.07 -10.74
N ASN A 27 -0.15 14.46 -9.67
CA ASN A 27 1.01 14.92 -8.90
C ASN A 27 1.91 13.71 -8.54
N VAL A 28 3.24 13.88 -8.54
CA VAL A 28 4.21 12.80 -8.26
C VAL A 28 4.53 12.71 -6.76
N ALA A 29 4.68 11.48 -6.27
CA ALA A 29 5.17 11.15 -4.93
C ALA A 29 6.73 11.15 -4.91
N HIS A 30 7.32 10.07 -4.40
CA HIS A 30 8.75 9.73 -4.45
C HIS A 30 8.94 8.20 -4.25
N ALA A 31 10.11 7.65 -4.61
CA ALA A 31 10.33 6.19 -4.65
C ALA A 31 11.80 5.79 -4.51
N ASP A 32 12.02 4.50 -4.26
CA ASP A 32 13.34 3.88 -4.05
C ASP A 32 13.36 2.42 -4.56
N VAL A 33 14.45 2.07 -5.25
CA VAL A 33 14.68 0.78 -5.93
C VAL A 33 16.19 0.55 -6.03
N GLU A 34 16.65 -0.69 -5.78
CA GLU A 34 18.03 -1.12 -6.03
C GLU A 34 18.03 -2.46 -6.77
N LEU A 35 18.69 -2.51 -7.94
CA LEU A 35 18.69 -3.69 -8.82
C LEU A 35 19.84 -4.66 -8.51
N ASP A 36 19.71 -5.90 -8.99
CA ASP A 36 20.71 -6.95 -8.86
C ASP A 36 21.90 -6.69 -9.82
N GLY A 37 23.12 -6.93 -9.34
CA GLY A 37 24.37 -6.44 -9.94
C GLY A 37 24.77 -7.05 -11.28
N ASP A 38 24.09 -8.08 -11.75
CA ASP A 38 24.18 -8.57 -13.14
C ASP A 38 23.35 -7.71 -14.13
N GLY A 39 22.64 -6.68 -13.64
CA GLY A 39 21.82 -5.76 -14.43
C GLY A 39 20.39 -6.26 -14.61
N VAL A 40 19.77 -6.72 -13.53
CA VAL A 40 18.49 -7.47 -13.55
C VAL A 40 17.45 -6.80 -12.63
N SER A 41 16.26 -6.55 -13.19
CA SER A 41 15.11 -5.90 -12.53
C SER A 41 14.57 -6.65 -11.30
N THR A 42 14.08 -5.90 -10.30
CA THR A 42 13.37 -6.41 -9.11
C THR A 42 11.88 -6.63 -9.36
N GLY A 43 11.27 -5.80 -10.22
CA GLY A 43 9.82 -5.75 -10.46
C GLY A 43 9.10 -5.00 -9.33
N SER A 44 9.21 -5.50 -8.11
CA SER A 44 8.85 -4.82 -6.86
C SER A 44 9.75 -3.62 -6.54
N GLY A 45 9.20 -2.68 -5.75
CA GLY A 45 9.88 -1.46 -5.29
C GLY A 45 9.16 -0.71 -4.16
N THR A 46 9.83 0.29 -3.59
CA THR A 46 9.37 1.08 -2.42
C THR A 46 8.95 2.48 -2.86
N VAL A 47 7.94 3.04 -2.19
CA VAL A 47 7.30 4.32 -2.51
C VAL A 47 7.12 5.12 -1.21
N SER A 48 7.45 6.41 -1.24
CA SER A 48 7.31 7.37 -0.15
C SER A 48 6.18 8.35 -0.51
N PHE A 49 5.13 8.41 0.32
CA PHE A 49 3.82 8.91 -0.13
C PHE A 49 3.69 10.44 -0.25
N TYR A 50 2.65 10.89 -0.96
CA TYR A 50 2.30 12.32 -1.04
C TYR A 50 2.10 12.93 0.37
N ASP A 51 1.33 12.21 1.21
CA ASP A 51 1.04 12.43 2.63
C ASP A 51 0.26 11.22 3.19
N ILE A 52 0.21 11.07 4.51
CA ILE A 52 -0.48 9.94 5.18
C ILE A 52 -2.00 9.95 4.89
N LYS A 53 -2.58 11.14 4.70
CA LYS A 53 -4.01 11.33 4.36
C LYS A 53 -4.51 10.51 3.17
N ASP A 54 -3.74 10.44 2.08
CA ASP A 54 -4.17 9.73 0.87
C ASP A 54 -3.60 8.31 0.78
N LEU A 55 -2.59 7.99 1.60
CA LEU A 55 -1.96 6.67 1.67
C LEU A 55 -3.00 5.58 1.96
N HIS A 56 -3.83 5.74 2.99
CA HIS A 56 -4.84 4.73 3.36
C HIS A 56 -5.96 4.56 2.31
N ARG A 57 -6.27 5.62 1.56
CA ARG A 57 -7.17 5.57 0.39
C ARG A 57 -6.51 4.84 -0.78
N ALA A 58 -5.28 5.22 -1.13
CA ALA A 58 -4.47 4.66 -2.22
C ALA A 58 -4.11 3.18 -2.00
N ILE A 59 -3.93 2.76 -0.75
CA ILE A 59 -3.63 1.36 -0.34
C ILE A 59 -4.69 0.38 -0.87
N GLU A 60 -5.97 0.77 -0.87
CA GLU A 60 -7.06 -0.01 -1.44
C GLU A 60 -7.17 0.20 -2.97
N LYS A 61 -6.99 1.45 -3.44
CA LYS A 61 -7.25 1.84 -4.83
C LYS A 61 -6.32 1.16 -5.86
N TYR A 62 -5.00 1.18 -5.63
CA TYR A 62 -4.03 0.62 -6.58
C TYR A 62 -3.79 -0.89 -6.41
N ASN A 63 -4.11 -1.45 -5.24
CA ASN A 63 -4.06 -2.90 -5.01
C ASN A 63 -5.13 -3.61 -5.85
N GLY A 64 -4.72 -4.42 -6.83
CA GLY A 64 -5.60 -5.07 -7.81
C GLY A 64 -5.65 -4.40 -9.18
N TYR A 65 -4.90 -3.30 -9.40
CA TYR A 65 -4.73 -2.66 -10.71
C TYR A 65 -3.46 -3.16 -11.44
N SER A 66 -3.27 -2.85 -12.72
CA SER A 66 -2.14 -3.37 -13.53
C SER A 66 -1.52 -2.29 -14.44
N ILE A 67 -0.19 -2.08 -14.37
CA ILE A 67 0.55 -1.06 -15.14
C ILE A 67 1.92 -1.62 -15.55
N GLU A 68 2.25 -1.60 -16.84
CA GLU A 68 3.52 -2.09 -17.43
C GLU A 68 3.81 -3.58 -17.16
N GLY A 69 2.78 -4.39 -16.84
CA GLY A 69 2.93 -5.81 -16.54
C GLY A 69 1.69 -6.49 -15.99
N ASN A 70 1.76 -7.01 -14.76
CA ASN A 70 0.71 -7.85 -14.16
C ASN A 70 -0.21 -7.01 -13.27
N VAL A 71 -1.24 -7.65 -12.68
CA VAL A 71 -1.90 -7.15 -11.46
C VAL A 71 -0.84 -6.90 -10.36
N LEU A 72 -0.96 -5.78 -9.64
CA LEU A 72 -0.05 -5.40 -8.56
C LEU A 72 -0.71 -5.43 -7.19
N ASP A 73 0.07 -5.76 -6.18
CA ASP A 73 -0.28 -5.67 -4.76
C ASP A 73 0.40 -4.46 -4.11
N VAL A 74 -0.15 -3.98 -2.99
CA VAL A 74 0.36 -2.82 -2.22
C VAL A 74 0.36 -3.17 -0.73
N LYS A 75 1.44 -2.82 -0.04
CA LYS A 75 1.73 -3.23 1.35
C LYS A 75 2.55 -2.17 2.09
N SER A 76 2.54 -2.17 3.43
CA SER A 76 3.40 -1.30 4.26
C SER A 76 3.84 -2.03 5.54
N LYS A 77 5.02 -1.67 6.08
CA LYS A 77 5.62 -2.37 7.24
C LYS A 77 4.90 -2.10 8.57
N GLU A 78 4.28 -0.91 8.69
CA GLU A 78 3.48 -0.45 9.84
C GLU A 78 4.27 -0.43 11.18
N SER A 79 3.58 -0.28 12.31
CA SER A 79 4.14 -0.34 13.68
C SER A 79 3.00 -0.51 14.70
N VAL A 80 3.09 -1.53 15.57
CA VAL A 80 2.03 -1.91 16.56
C VAL A 80 2.56 -2.95 17.56
N HIS A 81 2.16 -2.81 18.82
CA HIS A 81 2.40 -3.78 19.90
C HIS A 81 1.39 -3.63 21.06
N ASN A 82 0.75 -4.74 21.46
CA ASN A 82 -0.30 -4.81 22.48
C ASN A 82 -0.56 -6.26 22.95
N HIS A 83 -0.98 -6.42 24.20
CA HIS A 83 -1.44 -7.71 24.78
C HIS A 83 -2.44 -7.51 25.93
N SER A 84 -3.31 -8.51 26.13
CA SER A 84 -4.32 -8.59 27.20
C SER A 84 -4.82 -10.04 27.34
N ASP A 85 -4.80 -10.60 28.56
CA ASP A 85 -5.10 -12.02 28.78
C ASP A 85 -6.61 -12.34 28.76
N GLY A 86 -7.47 -11.32 28.88
CA GLY A 86 -8.93 -11.40 28.71
C GLY A 86 -9.69 -11.97 29.92
N ASP A 87 -11.02 -12.07 29.75
CA ASP A 87 -11.98 -12.59 30.74
C ASP A 87 -13.32 -12.91 30.02
N ASP A 88 -13.88 -14.09 30.29
CA ASP A 88 -15.05 -14.67 29.62
C ASP A 88 -15.69 -15.74 30.51
N VAL A 89 -17.01 -15.89 30.38
CA VAL A 89 -17.85 -16.90 31.06
C VAL A 89 -19.17 -17.11 30.29
N ASP A 90 -19.61 -18.37 30.21
CA ASP A 90 -20.78 -18.85 29.46
C ASP A 90 -21.03 -20.33 29.85
N ILE A 91 -22.28 -20.62 30.22
CA ILE A 91 -22.75 -21.93 30.70
C ILE A 91 -24.07 -22.35 30.01
N PRO A 92 -24.35 -23.66 29.85
CA PRO A 92 -25.59 -24.16 29.26
C PRO A 92 -26.77 -24.03 30.23
N MET A 93 -27.98 -24.03 29.67
CA MET A 93 -29.25 -23.87 30.41
C MET A 93 -30.43 -24.42 29.57
N ASP A 94 -31.31 -25.19 30.21
CA ASP A 94 -32.50 -25.78 29.61
C ASP A 94 -33.69 -24.79 29.49
N ASP A 95 -34.59 -25.07 28.54
CA ASP A 95 -35.84 -24.34 28.31
C ASP A 95 -36.85 -25.23 27.55
N SER A 96 -37.97 -25.55 28.19
CA SER A 96 -39.05 -26.38 27.63
C SER A 96 -40.37 -25.60 27.47
N PRO A 97 -41.20 -25.91 26.45
CA PRO A 97 -42.49 -25.25 26.21
C PRO A 97 -43.52 -25.67 27.28
N VAL A 98 -44.42 -24.73 27.62
CA VAL A 98 -45.45 -24.89 28.68
C VAL A 98 -46.54 -23.82 28.54
N ASN A 99 -47.80 -24.20 28.81
CA ASN A 99 -48.99 -23.34 28.75
C ASN A 99 -50.17 -23.90 29.58
N GLY A 1 7.96 6.69 9.63
CA GLY A 1 6.86 5.75 9.26
C GLY A 1 6.34 6.02 7.84
N SER A 2 5.07 5.68 7.59
CA SER A 2 4.36 5.93 6.31
C SER A 2 4.94 5.13 5.12
N GLU A 3 4.73 5.60 3.88
CA GLU A 3 5.25 5.05 2.60
C GLU A 3 4.58 3.72 2.17
N VAL A 4 4.80 3.31 0.91
CA VAL A 4 4.31 2.03 0.37
C VAL A 4 5.41 1.31 -0.42
N ILE A 5 5.25 -0.01 -0.55
CA ILE A 5 6.19 -0.92 -1.24
C ILE A 5 5.37 -1.80 -2.19
N VAL A 6 5.88 -2.09 -3.39
CA VAL A 6 5.16 -2.87 -4.43
C VAL A 6 6.01 -4.07 -4.85
N LYS A 7 5.42 -5.27 -4.76
CA LYS A 7 6.13 -6.56 -4.69
C LYS A 7 5.40 -7.66 -5.50
N ASN A 8 5.36 -7.48 -6.84
CA ASN A 8 4.73 -8.40 -7.81
C ASN A 8 5.07 -8.00 -9.27
N LEU A 9 4.99 -6.69 -9.56
CA LEU A 9 5.55 -6.02 -10.74
C LEU A 9 6.96 -6.56 -11.12
N PRO A 10 7.16 -7.12 -12.32
CA PRO A 10 8.43 -7.72 -12.74
C PRO A 10 9.29 -6.71 -13.53
N ALA A 11 10.42 -7.20 -14.07
CA ALA A 11 11.37 -6.45 -14.91
C ALA A 11 10.76 -5.70 -16.11
N SER A 12 9.54 -6.07 -16.51
CA SER A 12 8.76 -5.39 -17.56
C SER A 12 8.36 -3.93 -17.22
N VAL A 13 8.34 -3.56 -15.93
CA VAL A 13 8.19 -2.16 -15.46
C VAL A 13 9.55 -1.65 -14.95
N ASN A 14 9.80 -0.34 -15.09
CA ASN A 14 11.04 0.33 -14.67
C ASN A 14 10.75 1.55 -13.77
N TRP A 15 11.77 2.11 -13.12
CA TRP A 15 11.62 3.12 -12.05
C TRP A 15 10.76 4.35 -12.43
N GLN A 16 10.92 4.88 -13.65
CA GLN A 16 10.15 6.06 -14.10
C GLN A 16 8.67 5.74 -14.28
N ALA A 17 8.34 4.53 -14.79
CA ALA A 17 6.96 4.04 -14.85
C ALA A 17 6.39 3.70 -13.47
N LEU A 18 7.20 3.22 -12.52
CA LEU A 18 6.79 3.02 -11.13
C LEU A 18 6.34 4.35 -10.49
N LYS A 19 7.08 5.44 -10.72
CA LYS A 19 6.69 6.78 -10.27
C LYS A 19 5.34 7.23 -10.88
N ASP A 20 5.08 6.87 -12.15
CA ASP A 20 3.83 7.15 -12.85
C ASP A 20 2.59 6.36 -12.33
N ILE A 21 2.79 5.24 -11.60
CA ILE A 21 1.69 4.43 -11.01
C ILE A 21 0.75 5.27 -10.13
N PHE A 22 1.32 6.12 -9.25
CA PHE A 22 0.59 6.91 -8.25
C PHE A 22 0.43 8.38 -8.66
N LYS A 23 1.02 8.80 -9.78
CA LYS A 23 1.17 10.19 -10.25
C LYS A 23 -0.15 10.95 -10.50
N GLU A 24 -1.25 10.24 -10.78
CA GLU A 24 -2.57 10.86 -10.99
C GLU A 24 -3.27 11.32 -9.69
N CYS A 25 -2.75 10.94 -8.51
CA CYS A 25 -3.35 11.25 -7.20
C CYS A 25 -3.06 12.69 -6.72
N GLY A 26 -1.98 13.33 -7.18
CA GLY A 26 -1.60 14.70 -6.82
C GLY A 26 -0.25 15.16 -7.39
N ASN A 27 0.28 16.27 -6.86
CA ASN A 27 1.59 16.82 -7.22
C ASN A 27 2.71 15.83 -6.81
N VAL A 28 3.31 15.13 -7.79
CA VAL A 28 3.96 13.81 -7.56
C VAL A 28 4.99 13.79 -6.41
N ALA A 29 4.94 12.72 -5.61
CA ALA A 29 5.76 12.51 -4.42
C ALA A 29 7.23 12.16 -4.78
N HIS A 30 7.66 10.92 -4.51
CA HIS A 30 9.00 10.38 -4.77
C HIS A 30 8.99 8.83 -4.74
N ALA A 31 10.00 8.16 -5.31
CA ALA A 31 10.13 6.70 -5.29
C ALA A 31 11.58 6.24 -5.53
N ASP A 32 11.84 4.95 -5.30
CA ASP A 32 13.17 4.33 -5.43
C ASP A 32 13.08 2.81 -5.66
N VAL A 33 14.10 2.26 -6.32
CA VAL A 33 14.18 0.87 -6.79
C VAL A 33 15.66 0.46 -6.82
N GLU A 34 15.96 -0.79 -6.47
CA GLU A 34 17.29 -1.39 -6.60
C GLU A 34 17.21 -2.72 -7.36
N LEU A 35 18.31 -3.07 -8.04
CA LEU A 35 18.44 -4.29 -8.85
C LEU A 35 19.28 -5.35 -8.11
N ASP A 36 19.87 -6.29 -8.85
CA ASP A 36 20.74 -7.35 -8.30
C ASP A 36 21.82 -7.77 -9.32
N GLY A 37 22.98 -8.24 -8.83
CA GLY A 37 24.15 -8.57 -9.66
C GLY A 37 23.94 -9.71 -10.66
N ASP A 38 22.96 -10.59 -10.45
CA ASP A 38 22.45 -11.54 -11.47
C ASP A 38 20.98 -11.32 -11.85
N GLY A 39 20.25 -10.46 -11.11
CA GLY A 39 18.91 -9.98 -11.48
C GLY A 39 18.94 -9.04 -12.67
N VAL A 40 19.80 -8.02 -12.59
CA VAL A 40 19.98 -6.93 -13.57
C VAL A 40 18.68 -6.12 -13.81
N SER A 41 17.65 -6.36 -12.97
CA SER A 41 16.27 -5.93 -13.12
C SER A 41 15.42 -6.41 -11.91
N THR A 42 14.32 -5.70 -11.58
CA THR A 42 13.40 -6.00 -10.45
C THR A 42 11.98 -5.50 -10.69
N GLY A 43 11.81 -4.20 -10.99
CA GLY A 43 10.51 -3.54 -11.17
C GLY A 43 9.83 -3.22 -9.84
N SER A 44 9.51 -4.26 -9.07
CA SER A 44 9.13 -4.20 -7.66
C SER A 44 10.13 -3.36 -6.82
N GLY A 45 9.61 -2.31 -6.19
CA GLY A 45 10.38 -1.34 -5.38
C GLY A 45 9.56 -0.58 -4.34
N THR A 46 10.11 0.55 -3.88
CA THR A 46 9.59 1.41 -2.79
C THR A 46 9.05 2.72 -3.34
N VAL A 47 8.00 3.25 -2.72
CA VAL A 47 7.30 4.47 -3.14
C VAL A 47 7.02 5.34 -1.90
N SER A 48 7.45 6.59 -1.97
CA SER A 48 7.11 7.62 -0.97
C SER A 48 5.75 8.27 -1.30
N PHE A 49 5.03 8.75 -0.28
CA PHE A 49 3.63 9.17 -0.46
C PHE A 49 3.36 10.64 -0.15
N TYR A 50 2.26 11.13 -0.73
CA TYR A 50 1.75 12.49 -0.60
C TYR A 50 1.48 12.85 0.88
N ASP A 51 0.66 12.04 1.55
CA ASP A 51 0.50 11.90 3.00
C ASP A 51 -0.43 10.70 3.29
N ILE A 52 -0.61 10.35 4.57
CA ILE A 52 -1.41 9.19 5.03
C ILE A 52 -2.86 9.26 4.52
N LYS A 53 -3.42 10.47 4.43
CA LYS A 53 -4.73 10.77 3.83
C LYS A 53 -5.00 10.07 2.49
N ASP A 54 -4.06 10.17 1.54
CA ASP A 54 -4.22 9.61 0.19
C ASP A 54 -3.57 8.22 0.08
N LEU A 55 -2.61 7.89 0.95
CA LEU A 55 -2.05 6.55 1.09
C LEU A 55 -3.16 5.54 1.36
N HIS A 56 -4.05 5.81 2.32
CA HIS A 56 -5.16 4.91 2.66
C HIS A 56 -6.13 4.66 1.49
N ARG A 57 -6.34 5.65 0.60
CA ARG A 57 -7.07 5.47 -0.67
C ARG A 57 -6.24 4.64 -1.67
N ALA A 58 -5.00 5.04 -1.94
CA ALA A 58 -4.09 4.41 -2.91
C ALA A 58 -3.82 2.93 -2.61
N ILE A 59 -3.70 2.56 -1.32
CA ILE A 59 -3.45 1.18 -0.87
C ILE A 59 -4.54 0.21 -1.34
N GLU A 60 -5.81 0.64 -1.30
CA GLU A 60 -6.94 -0.15 -1.79
C GLU A 60 -7.11 -0.01 -3.31
N LYS A 61 -6.91 1.20 -3.87
CA LYS A 61 -7.16 1.52 -5.27
C LYS A 61 -6.25 0.74 -6.25
N TYR A 62 -4.95 0.70 -5.99
CA TYR A 62 -3.98 0.11 -6.94
C TYR A 62 -3.68 -1.37 -6.69
N ASN A 63 -3.97 -1.91 -5.51
CA ASN A 63 -3.82 -3.34 -5.23
C ASN A 63 -4.88 -4.17 -6.02
N GLY A 64 -4.42 -5.02 -6.94
CA GLY A 64 -5.25 -5.80 -7.87
C GLY A 64 -5.42 -5.19 -9.27
N TYR A 65 -4.90 -3.98 -9.52
CA TYR A 65 -4.80 -3.36 -10.85
C TYR A 65 -3.57 -3.91 -11.62
N SER A 66 -3.38 -3.59 -12.92
CA SER A 66 -2.21 -4.06 -13.71
C SER A 66 -1.58 -2.92 -14.53
N ILE A 67 -0.25 -2.76 -14.47
CA ILE A 67 0.50 -1.69 -15.17
C ILE A 67 1.87 -2.24 -15.59
N GLU A 68 2.13 -2.36 -16.91
CA GLU A 68 3.44 -2.71 -17.46
C GLU A 68 4.00 -4.07 -16.95
N GLY A 69 3.13 -5.02 -16.57
CA GLY A 69 3.56 -6.31 -16.02
C GLY A 69 2.43 -7.14 -15.42
N ASN A 70 2.60 -7.54 -14.15
CA ASN A 70 1.66 -8.42 -13.44
C ASN A 70 0.55 -7.59 -12.75
N VAL A 71 -0.36 -8.25 -12.04
CA VAL A 71 -1.21 -7.56 -11.05
C VAL A 71 -0.32 -6.92 -9.97
N LEU A 72 -0.65 -5.69 -9.58
CA LEU A 72 -0.02 -4.95 -8.50
C LEU A 72 -0.43 -5.58 -7.15
N ASP A 73 0.56 -5.89 -6.31
CA ASP A 73 0.37 -5.97 -4.86
C ASP A 73 1.04 -4.74 -4.23
N VAL A 74 0.45 -4.26 -3.13
CA VAL A 74 0.81 -3.02 -2.44
C VAL A 74 0.82 -3.27 -0.93
N LYS A 75 1.91 -2.88 -0.27
CA LYS A 75 2.16 -3.00 1.17
C LYS A 75 2.64 -1.66 1.75
N SER A 76 2.71 -1.50 3.07
CA SER A 76 3.17 -0.25 3.73
C SER A 76 4.09 -0.54 4.93
N LYS A 77 5.00 0.39 5.23
CA LYS A 77 6.12 0.19 6.17
C LYS A 77 5.73 0.31 7.67
N GLU A 78 4.45 0.54 7.99
CA GLU A 78 3.94 0.73 9.36
C GLU A 78 2.47 0.30 9.47
N SER A 79 2.18 -0.65 10.35
CA SER A 79 0.83 -1.12 10.74
C SER A 79 0.91 -2.12 11.93
N VAL A 80 -0.23 -2.41 12.58
CA VAL A 80 -0.33 -3.26 13.77
C VAL A 80 -1.77 -3.64 14.16
N HIS A 81 -2.74 -2.71 14.08
CA HIS A 81 -4.13 -2.91 14.52
C HIS A 81 -5.18 -2.25 13.59
N ASN A 82 -6.41 -2.75 13.63
CA ASN A 82 -7.55 -2.28 12.81
C ASN A 82 -8.75 -1.77 13.65
N HIS A 83 -8.64 -1.74 14.98
CA HIS A 83 -9.65 -1.23 15.93
C HIS A 83 -11.00 -1.99 15.85
N SER A 84 -10.95 -3.30 15.57
CA SER A 84 -12.12 -4.14 15.27
C SER A 84 -13.08 -4.37 16.46
N ASP A 85 -12.63 -4.08 17.70
CA ASP A 85 -13.45 -4.15 18.91
C ASP A 85 -14.28 -2.87 19.17
N GLY A 86 -14.03 -1.80 18.40
CA GLY A 86 -14.74 -0.52 18.48
C GLY A 86 -15.99 -0.48 17.59
N ASP A 87 -17.07 0.14 18.09
CA ASP A 87 -18.37 0.28 17.41
C ASP A 87 -19.23 1.38 18.08
N ASP A 88 -19.82 2.25 17.26
CA ASP A 88 -20.71 3.36 17.64
C ASP A 88 -21.45 3.88 16.39
N VAL A 89 -22.60 4.52 16.61
CA VAL A 89 -23.54 5.04 15.60
C VAL A 89 -24.30 6.25 16.14
N ASP A 90 -24.69 7.17 15.24
CA ASP A 90 -25.43 8.40 15.52
C ASP A 90 -25.96 9.01 14.21
N ILE A 91 -27.29 9.11 14.10
CA ILE A 91 -28.01 9.70 12.96
C ILE A 91 -29.04 10.72 13.48
N PRO A 92 -28.82 12.04 13.30
CA PRO A 92 -29.70 13.09 13.82
C PRO A 92 -30.90 13.35 12.90
N MET A 93 -32.01 13.83 13.50
CA MET A 93 -33.28 14.28 12.87
C MET A 93 -34.15 13.13 12.31
N ASP A 94 -35.48 13.32 12.39
CA ASP A 94 -36.49 12.33 11.95
C ASP A 94 -37.91 12.94 11.77
N ASP A 95 -38.35 13.81 12.68
CA ASP A 95 -39.78 14.14 12.86
C ASP A 95 -40.16 15.62 12.63
N SER A 96 -39.18 16.51 12.52
CA SER A 96 -39.37 17.97 12.56
C SER A 96 -39.02 18.67 11.23
N PRO A 97 -39.65 19.83 10.91
CA PRO A 97 -39.32 20.62 9.73
C PRO A 97 -37.96 21.32 9.90
N VAL A 98 -37.27 21.56 8.78
CA VAL A 98 -35.95 22.23 8.71
C VAL A 98 -35.90 23.12 7.47
N ASN A 99 -35.53 24.38 7.65
CA ASN A 99 -35.50 25.44 6.62
C ASN A 99 -34.33 26.41 6.83
N GLY A 1 4.76 6.85 9.89
CA GLY A 1 5.05 6.17 8.61
C GLY A 1 4.55 6.94 7.39
N SER A 2 5.21 6.78 6.24
CA SER A 2 4.95 7.60 5.03
C SER A 2 5.41 6.89 3.74
N GLU A 3 5.30 5.56 3.68
CA GLU A 3 5.86 4.73 2.61
C GLU A 3 5.17 3.35 2.55
N VAL A 4 5.01 2.79 1.34
CA VAL A 4 4.41 1.46 1.13
C VAL A 4 5.26 0.63 0.16
N ILE A 5 5.26 -0.69 0.38
CA ILE A 5 6.00 -1.71 -0.38
C ILE A 5 5.08 -2.23 -1.50
N VAL A 6 5.63 -2.48 -2.70
CA VAL A 6 4.89 -2.99 -3.87
C VAL A 6 5.67 -4.15 -4.49
N LYS A 7 5.02 -5.30 -4.72
CA LYS A 7 5.71 -6.61 -4.65
C LYS A 7 5.15 -7.72 -5.57
N ASN A 8 4.97 -7.41 -6.87
CA ASN A 8 4.62 -8.41 -7.91
C ASN A 8 4.91 -7.97 -9.36
N LEU A 9 5.08 -6.66 -9.59
CA LEU A 9 5.59 -6.07 -10.83
C LEU A 9 6.97 -6.67 -11.24
N PRO A 10 7.17 -7.08 -12.50
CA PRO A 10 8.46 -7.57 -13.01
C PRO A 10 9.34 -6.42 -13.51
N ALA A 11 10.61 -6.69 -13.80
CA ALA A 11 11.59 -5.73 -14.32
C ALA A 11 11.17 -5.01 -15.63
N SER A 12 10.09 -5.45 -16.28
CA SER A 12 9.46 -4.77 -17.41
C SER A 12 8.97 -3.35 -17.07
N VAL A 13 8.56 -3.09 -15.82
CA VAL A 13 8.30 -1.73 -15.33
C VAL A 13 9.62 -1.10 -14.86
N ASN A 14 10.06 -0.02 -15.54
CA ASN A 14 11.20 0.80 -15.12
C ASN A 14 10.84 1.58 -13.83
N TRP A 15 11.81 1.95 -12.98
CA TRP A 15 11.53 2.70 -11.75
C TRP A 15 10.76 4.02 -12.02
N GLN A 16 11.00 4.68 -13.16
CA GLN A 16 10.28 5.89 -13.58
C GLN A 16 8.82 5.57 -13.94
N ALA A 17 8.56 4.44 -14.59
CA ALA A 17 7.20 3.94 -14.81
C ALA A 17 6.52 3.45 -13.52
N LEU A 18 7.28 3.03 -12.50
CA LEU A 18 6.77 2.73 -11.16
C LEU A 18 6.27 3.99 -10.45
N LYS A 19 7.05 5.08 -10.41
CA LYS A 19 6.57 6.35 -9.85
C LYS A 19 5.39 6.93 -10.68
N ASP A 20 5.31 6.60 -11.97
CA ASP A 20 4.17 6.93 -12.84
C ASP A 20 2.87 6.16 -12.49
N ILE A 21 2.95 5.00 -11.80
CA ILE A 21 1.77 4.26 -11.29
C ILE A 21 0.91 5.15 -10.37
N PHE A 22 1.53 5.78 -9.37
CA PHE A 22 0.84 6.57 -8.35
C PHE A 22 0.61 8.01 -8.81
N LYS A 23 1.37 8.48 -9.81
CA LYS A 23 1.24 9.80 -10.45
C LYS A 23 -0.14 10.09 -11.07
N GLU A 24 -0.99 9.08 -11.23
CA GLU A 24 -2.42 9.25 -11.59
C GLU A 24 -3.21 10.08 -10.56
N CYS A 25 -2.67 10.31 -9.34
CA CYS A 25 -3.18 11.27 -8.36
C CYS A 25 -3.01 12.76 -8.75
N GLY A 26 -2.33 13.07 -9.87
CA GLY A 26 -2.21 14.41 -10.48
C GLY A 26 -0.91 15.17 -10.17
N ASN A 27 -0.09 14.65 -9.25
CA ASN A 27 1.27 15.10 -8.92
C ASN A 27 2.17 13.85 -8.72
N VAL A 28 3.43 13.97 -8.31
CA VAL A 28 4.27 12.80 -7.94
C VAL A 28 5.23 13.08 -6.78
N ALA A 29 5.43 12.06 -5.94
CA ALA A 29 6.34 12.04 -4.80
C ALA A 29 7.72 11.44 -5.17
N HIS A 30 8.14 10.35 -4.50
CA HIS A 30 9.43 9.67 -4.67
C HIS A 30 9.30 8.14 -4.52
N ALA A 31 10.25 7.36 -5.05
CA ALA A 31 10.19 5.89 -4.99
C ALA A 31 11.57 5.21 -5.18
N ASP A 32 11.60 3.87 -5.16
CA ASP A 32 12.78 3.03 -5.42
C ASP A 32 12.43 1.60 -5.91
N VAL A 33 13.47 0.85 -6.29
CA VAL A 33 13.45 -0.54 -6.77
C VAL A 33 14.76 -1.25 -6.38
N GLU A 34 14.85 -2.57 -6.64
CA GLU A 34 16.03 -3.38 -6.39
C GLU A 34 16.72 -3.77 -7.70
N LEU A 35 18.01 -4.16 -7.63
CA LEU A 35 18.78 -4.69 -8.76
C LEU A 35 19.56 -5.95 -8.35
N ASP A 36 19.48 -6.98 -9.20
CA ASP A 36 20.37 -8.15 -9.17
C ASP A 36 21.83 -7.75 -9.53
N GLY A 37 22.79 -8.63 -9.23
CA GLY A 37 24.22 -8.44 -9.57
C GLY A 37 24.51 -8.33 -11.08
N ASP A 38 23.61 -8.82 -11.94
CA ASP A 38 23.65 -8.63 -13.40
C ASP A 38 23.15 -7.23 -13.86
N GLY A 39 22.62 -6.42 -12.94
CA GLY A 39 22.19 -5.03 -13.20
C GLY A 39 20.81 -4.87 -13.84
N VAL A 40 20.02 -5.94 -13.86
CA VAL A 40 18.80 -6.07 -14.71
C VAL A 40 17.48 -5.59 -14.05
N SER A 41 17.56 -5.01 -12.84
CA SER A 41 16.45 -4.39 -12.08
C SER A 41 15.32 -5.36 -11.61
N THR A 42 14.32 -4.78 -10.93
CA THR A 42 13.05 -5.37 -10.50
C THR A 42 11.95 -4.33 -10.66
N GLY A 43 10.71 -4.79 -10.78
CA GLY A 43 9.52 -3.93 -10.72
C GLY A 43 9.01 -3.76 -9.29
N SER A 44 9.13 -4.81 -8.47
CA SER A 44 9.03 -4.77 -7.02
C SER A 44 10.03 -3.77 -6.40
N GLY A 45 9.58 -3.10 -5.34
CA GLY A 45 10.29 -2.03 -4.62
C GLY A 45 9.39 -1.30 -3.63
N THR A 46 9.68 -0.04 -3.32
CA THR A 46 8.82 0.82 -2.47
C THR A 46 8.46 2.11 -3.18
N VAL A 47 7.33 2.69 -2.78
CA VAL A 47 6.85 4.01 -3.20
C VAL A 47 6.63 4.85 -1.94
N SER A 48 7.32 5.98 -1.88
CA SER A 48 7.36 6.92 -0.75
C SER A 48 6.27 7.97 -0.93
N PHE A 49 5.35 8.08 0.03
CA PHE A 49 4.05 8.69 -0.23
C PHE A 49 4.02 10.22 -0.12
N TYR A 50 3.02 10.77 -0.80
CA TYR A 50 2.65 12.19 -0.76
C TYR A 50 2.40 12.68 0.68
N ASP A 51 1.51 11.99 1.41
CA ASP A 51 1.20 12.08 2.84
C ASP A 51 0.24 10.93 3.22
N ILE A 52 -0.01 10.73 4.52
CA ILE A 52 -0.90 9.67 5.06
C ILE A 52 -2.33 9.76 4.49
N LYS A 53 -2.80 10.99 4.24
CA LYS A 53 -4.07 11.29 3.55
C LYS A 53 -4.23 10.59 2.19
N ASP A 54 -3.15 10.54 1.40
CA ASP A 54 -3.19 9.90 0.08
C ASP A 54 -2.85 8.41 0.21
N LEU A 55 -1.96 8.05 1.14
CA LEU A 55 -1.51 6.67 1.37
C LEU A 55 -2.69 5.73 1.64
N HIS A 56 -3.56 6.07 2.59
CA HIS A 56 -4.68 5.21 2.98
C HIS A 56 -5.67 4.98 1.81
N ARG A 57 -6.08 6.06 1.11
CA ARG A 57 -6.98 5.94 -0.05
C ARG A 57 -6.33 5.29 -1.29
N ALA A 58 -5.00 5.44 -1.46
CA ALA A 58 -4.23 4.77 -2.51
C ALA A 58 -4.02 3.27 -2.25
N ILE A 59 -3.89 2.87 -0.98
CA ILE A 59 -3.67 1.46 -0.55
C ILE A 59 -4.74 0.51 -1.11
N GLU A 60 -6.01 0.92 -1.07
CA GLU A 60 -7.14 0.15 -1.60
C GLU A 60 -7.36 0.32 -3.12
N LYS A 61 -6.78 1.36 -3.73
CA LYS A 61 -7.06 1.74 -5.13
C LYS A 61 -6.13 1.04 -6.13
N TYR A 62 -4.80 1.05 -5.88
CA TYR A 62 -3.82 0.43 -6.78
C TYR A 62 -3.64 -1.08 -6.53
N ASN A 63 -3.98 -1.58 -5.32
CA ASN A 63 -4.25 -2.99 -5.08
C ASN A 63 -5.26 -3.54 -6.11
N GLY A 64 -4.89 -4.63 -6.81
CA GLY A 64 -5.76 -5.30 -7.79
C GLY A 64 -5.68 -4.73 -9.22
N TYR A 65 -4.85 -3.70 -9.45
CA TYR A 65 -4.65 -3.06 -10.75
C TYR A 65 -3.31 -3.48 -11.40
N SER A 66 -3.13 -3.26 -12.71
CA SER A 66 -1.95 -3.71 -13.47
C SER A 66 -1.45 -2.62 -14.44
N ILE A 67 -0.16 -2.31 -14.41
CA ILE A 67 0.47 -1.26 -15.24
C ILE A 67 1.91 -1.68 -15.59
N GLU A 68 2.21 -1.88 -16.88
CA GLU A 68 3.56 -2.23 -17.39
C GLU A 68 4.10 -3.55 -16.81
N GLY A 69 3.21 -4.47 -16.41
CA GLY A 69 3.57 -5.68 -15.67
C GLY A 69 2.39 -6.56 -15.28
N ASN A 70 2.44 -7.11 -14.07
CA ASN A 70 1.42 -8.02 -13.52
C ASN A 70 0.35 -7.22 -12.75
N VAL A 71 -0.67 -7.91 -12.22
CA VAL A 71 -1.50 -7.36 -11.12
C VAL A 71 -0.61 -7.06 -9.91
N LEU A 72 -0.70 -5.86 -9.36
CA LEU A 72 0.10 -5.41 -8.22
C LEU A 72 -0.72 -5.39 -6.92
N ASP A 73 -0.02 -5.65 -5.83
CA ASP A 73 -0.49 -5.40 -4.47
C ASP A 73 0.35 -4.28 -3.81
N VAL A 74 -0.17 -3.74 -2.71
CA VAL A 74 0.37 -2.60 -1.97
C VAL A 74 0.28 -2.95 -0.47
N LYS A 75 1.38 -2.78 0.27
CA LYS A 75 1.50 -3.19 1.67
C LYS A 75 2.17 -2.10 2.52
N SER A 76 1.60 -1.80 3.69
CA SER A 76 1.99 -0.68 4.56
C SER A 76 2.51 -1.13 5.94
N LYS A 77 3.11 -0.20 6.69
CA LYS A 77 3.60 -0.40 8.06
C LYS A 77 2.94 0.62 9.02
N GLU A 78 2.27 0.13 10.08
CA GLU A 78 1.57 0.95 11.08
C GLU A 78 1.34 0.16 12.38
N SER A 79 0.61 -0.96 12.32
CA SER A 79 0.26 -1.82 13.47
C SER A 79 -0.23 -3.22 13.03
N VAL A 80 -0.77 -4.00 13.96
CA VAL A 80 -1.28 -5.39 13.78
C VAL A 80 -2.51 -5.62 14.65
N HIS A 81 -3.42 -6.50 14.19
CA HIS A 81 -4.75 -6.72 14.76
C HIS A 81 -5.23 -8.19 14.63
N ASN A 82 -6.16 -8.60 15.50
CA ASN A 82 -6.74 -9.95 15.56
C ASN A 82 -8.10 -9.94 16.31
N HIS A 83 -8.76 -11.11 16.37
CA HIS A 83 -10.05 -11.33 17.04
C HIS A 83 -9.96 -12.32 18.24
N SER A 84 -8.75 -12.50 18.79
CA SER A 84 -8.46 -13.44 19.88
C SER A 84 -8.87 -12.87 21.26
N ASP A 85 -10.18 -12.80 21.51
CA ASP A 85 -10.78 -12.21 22.71
C ASP A 85 -10.66 -13.08 23.99
N GLY A 86 -10.24 -14.34 23.84
CA GLY A 86 -9.97 -15.28 24.94
C GLY A 86 -11.14 -16.16 25.37
N ASP A 87 -12.32 -15.98 24.76
CA ASP A 87 -13.57 -16.71 25.04
C ASP A 87 -14.46 -16.77 23.79
N ASP A 88 -15.08 -17.93 23.55
CA ASP A 88 -15.95 -18.23 22.40
C ASP A 88 -16.78 -19.51 22.65
N VAL A 89 -18.08 -19.45 22.36
CA VAL A 89 -19.07 -20.53 22.58
C VAL A 89 -20.25 -20.43 21.59
N ASP A 90 -20.90 -21.56 21.32
CA ASP A 90 -22.12 -21.68 20.50
C ASP A 90 -22.98 -22.84 21.03
N ILE A 91 -24.09 -22.52 21.70
CA ILE A 91 -25.04 -23.48 22.30
C ILE A 91 -26.50 -23.08 21.96
N PRO A 92 -27.11 -23.67 20.90
CA PRO A 92 -28.46 -23.32 20.45
C PRO A 92 -29.54 -24.03 21.27
N MET A 93 -30.68 -23.36 21.44
CA MET A 93 -31.89 -23.92 22.06
C MET A 93 -32.60 -24.91 21.12
N ASP A 94 -33.26 -25.93 21.69
CA ASP A 94 -34.09 -26.87 20.93
C ASP A 94 -35.39 -26.21 20.41
N ASP A 95 -35.70 -26.46 19.13
CA ASP A 95 -36.89 -25.97 18.42
C ASP A 95 -37.31 -26.92 17.28
N SER A 96 -36.97 -28.21 17.41
CA SER A 96 -37.22 -29.23 16.37
C SER A 96 -38.74 -29.44 16.11
N PRO A 97 -39.19 -29.40 14.84
CA PRO A 97 -40.61 -29.54 14.49
C PRO A 97 -41.08 -31.00 14.56
N VAL A 98 -42.37 -31.19 14.86
CA VAL A 98 -43.02 -32.52 15.02
C VAL A 98 -44.49 -32.46 14.57
N ASN A 99 -44.98 -33.56 13.98
CA ASN A 99 -46.35 -33.73 13.46
C ASN A 99 -46.80 -35.20 13.55
N GLY A 1 4.02 11.46 7.71
CA GLY A 1 4.88 10.80 6.71
C GLY A 1 4.76 9.28 6.81
N SER A 2 4.38 8.60 5.72
CA SER A 2 4.21 7.14 5.64
C SER A 2 4.56 6.61 4.22
N GLU A 3 4.76 5.31 4.06
CA GLU A 3 5.30 4.69 2.84
C GLU A 3 4.64 3.34 2.53
N VAL A 4 4.74 2.91 1.25
CA VAL A 4 4.27 1.59 0.78
C VAL A 4 5.32 0.89 -0.07
N ILE A 5 5.22 -0.43 -0.17
CA ILE A 5 6.11 -1.33 -0.90
C ILE A 5 5.22 -2.14 -1.87
N VAL A 6 5.66 -2.33 -3.11
CA VAL A 6 4.91 -3.06 -4.15
C VAL A 6 5.69 -4.31 -4.55
N LYS A 7 5.02 -5.47 -4.55
CA LYS A 7 5.66 -6.80 -4.52
C LYS A 7 4.92 -7.77 -5.46
N ASN A 8 5.14 -7.56 -6.78
CA ASN A 8 4.46 -8.25 -7.90
C ASN A 8 4.98 -7.79 -9.28
N LEU A 9 5.39 -6.52 -9.44
CA LEU A 9 5.89 -5.98 -10.71
C LEU A 9 7.31 -6.53 -11.00
N PRO A 10 7.59 -7.04 -12.21
CA PRO A 10 8.89 -7.60 -12.59
C PRO A 10 9.75 -6.54 -13.31
N ALA A 11 10.87 -6.94 -13.91
CA ALA A 11 11.81 -6.07 -14.63
C ALA A 11 11.20 -5.22 -15.76
N SER A 12 9.97 -5.53 -16.18
CA SER A 12 9.15 -4.73 -17.09
C SER A 12 8.83 -3.31 -16.56
N VAL A 13 8.86 -3.10 -15.23
CA VAL A 13 8.78 -1.77 -14.60
C VAL A 13 10.18 -1.34 -14.12
N ASN A 14 10.46 -0.03 -14.22
CA ASN A 14 11.68 0.62 -13.76
C ASN A 14 11.32 1.92 -13.02
N TRP A 15 12.30 2.60 -12.41
CA TRP A 15 12.09 3.76 -11.50
C TRP A 15 11.07 4.78 -12.04
N GLN A 16 11.23 5.24 -13.29
CA GLN A 16 10.35 6.29 -13.84
C GLN A 16 8.92 5.77 -14.08
N ALA A 17 8.76 4.54 -14.59
CA ALA A 17 7.44 3.93 -14.79
C ALA A 17 6.74 3.59 -13.46
N LEU A 18 7.49 3.20 -12.42
CA LEU A 18 6.94 3.02 -11.07
C LEU A 18 6.41 4.34 -10.52
N LYS A 19 7.17 5.42 -10.68
CA LYS A 19 6.73 6.77 -10.30
C LYS A 19 5.48 7.19 -11.09
N ASP A 20 5.39 6.82 -12.37
CA ASP A 20 4.22 7.08 -13.21
C ASP A 20 2.93 6.37 -12.74
N ILE A 21 3.03 5.25 -12.01
CA ILE A 21 1.87 4.52 -11.44
C ILE A 21 1.02 5.45 -10.56
N PHE A 22 1.66 6.15 -9.61
CA PHE A 22 0.99 7.01 -8.63
C PHE A 22 0.80 8.45 -9.14
N LYS A 23 1.66 8.92 -10.05
CA LYS A 23 1.55 10.21 -10.75
C LYS A 23 0.18 10.45 -11.43
N GLU A 24 -0.59 9.41 -11.75
CA GLU A 24 -1.94 9.54 -12.32
C GLU A 24 -2.95 10.27 -11.39
N CYS A 25 -2.62 10.46 -10.10
CA CYS A 25 -3.33 11.35 -9.17
C CYS A 25 -3.12 12.86 -9.44
N GLY A 26 -2.32 13.22 -10.45
CA GLY A 26 -2.05 14.60 -10.89
C GLY A 26 -0.65 15.05 -10.47
N ASN A 27 -0.48 15.33 -9.17
CA ASN A 27 0.82 15.57 -8.53
C ASN A 27 1.63 14.26 -8.39
N VAL A 28 2.90 14.33 -7.97
CA VAL A 28 3.70 13.11 -7.66
C VAL A 28 4.68 13.32 -6.50
N ALA A 29 4.82 12.27 -5.67
CA ALA A 29 5.77 12.17 -4.57
C ALA A 29 7.16 11.67 -5.05
N HIS A 30 7.69 10.60 -4.46
CA HIS A 30 9.01 10.01 -4.78
C HIS A 30 9.08 8.50 -4.48
N ALA A 31 10.06 7.78 -5.06
CA ALA A 31 10.17 6.32 -4.97
C ALA A 31 11.59 5.79 -5.24
N ASP A 32 11.81 4.48 -5.06
CA ASP A 32 13.11 3.82 -5.21
C ASP A 32 12.99 2.31 -5.55
N VAL A 33 14.07 1.76 -6.13
CA VAL A 33 14.17 0.39 -6.70
C VAL A 33 15.62 -0.12 -6.61
N GLU A 34 15.80 -1.43 -6.77
CA GLU A 34 17.12 -2.11 -6.74
C GLU A 34 17.28 -3.07 -7.93
N LEU A 35 18.52 -3.54 -8.16
CA LEU A 35 18.89 -4.43 -9.26
C LEU A 35 19.67 -5.67 -8.78
N ASP A 36 19.57 -6.75 -9.55
CA ASP A 36 20.31 -8.01 -9.38
C ASP A 36 21.59 -8.01 -10.23
N GLY A 37 22.60 -8.78 -9.80
CA GLY A 37 23.91 -8.89 -10.44
C GLY A 37 23.91 -9.59 -11.79
N ASP A 38 22.78 -10.17 -12.20
CA ASP A 38 22.52 -10.67 -13.57
C ASP A 38 22.27 -9.52 -14.59
N GLY A 39 22.23 -8.26 -14.14
CA GLY A 39 22.10 -7.06 -14.97
C GLY A 39 20.65 -6.70 -15.28
N VAL A 40 19.74 -6.87 -14.31
CA VAL A 40 18.29 -6.68 -14.43
C VAL A 40 17.70 -6.05 -13.17
N SER A 41 16.64 -5.27 -13.33
CA SER A 41 15.94 -4.60 -12.22
C SER A 41 14.95 -5.53 -11.49
N THR A 42 14.72 -5.23 -10.20
CA THR A 42 13.73 -5.96 -9.36
C THR A 42 12.29 -5.58 -9.66
N GLY A 43 12.05 -4.34 -10.10
CA GLY A 43 10.73 -3.80 -10.45
C GLY A 43 9.88 -3.50 -9.22
N SER A 44 9.54 -4.54 -8.48
CA SER A 44 9.00 -4.51 -7.12
C SER A 44 9.92 -3.70 -6.17
N GLY A 45 9.44 -2.53 -5.72
CA GLY A 45 10.21 -1.56 -4.93
C GLY A 45 9.37 -0.78 -3.92
N THR A 46 9.91 0.36 -3.47
CA THR A 46 9.38 1.17 -2.37
C THR A 46 8.93 2.53 -2.91
N VAL A 47 7.76 2.97 -2.44
CA VAL A 47 7.12 4.23 -2.82
C VAL A 47 6.95 5.07 -1.55
N SER A 48 7.55 6.26 -1.56
CA SER A 48 7.49 7.23 -0.46
C SER A 48 6.26 8.12 -0.67
N PHE A 49 5.21 7.95 0.14
CA PHE A 49 3.87 8.42 -0.22
C PHE A 49 3.66 9.93 0.01
N TYR A 50 2.61 10.46 -0.63
CA TYR A 50 2.18 11.85 -0.50
C TYR A 50 1.99 12.25 0.98
N ASP A 51 1.14 11.49 1.69
CA ASP A 51 1.12 11.26 3.15
C ASP A 51 0.10 10.18 3.49
N ILE A 52 -0.05 9.81 4.76
CA ILE A 52 -1.01 8.80 5.26
C ILE A 52 -2.46 9.07 4.82
N LYS A 53 -2.84 10.35 4.70
CA LYS A 53 -4.13 10.81 4.17
C LYS A 53 -4.46 10.25 2.78
N ASP A 54 -3.47 10.22 1.88
CA ASP A 54 -3.69 9.76 0.51
C ASP A 54 -3.34 8.27 0.36
N LEU A 55 -2.44 7.75 1.22
CA LEU A 55 -2.06 6.35 1.30
C LEU A 55 -3.27 5.47 1.54
N HIS A 56 -4.09 5.78 2.56
CA HIS A 56 -5.30 5.00 2.87
C HIS A 56 -6.34 5.03 1.74
N ARG A 57 -6.42 6.16 1.01
CA ARG A 57 -7.27 6.32 -0.20
C ARG A 57 -6.74 5.51 -1.39
N ALA A 58 -5.42 5.52 -1.61
CA ALA A 58 -4.74 4.80 -2.69
C ALA A 58 -4.69 3.28 -2.46
N ILE A 59 -4.58 2.81 -1.21
CA ILE A 59 -4.44 1.39 -0.87
C ILE A 59 -5.64 0.55 -1.35
N GLU A 60 -6.86 1.11 -1.28
CA GLU A 60 -8.09 0.48 -1.79
C GLU A 60 -8.29 0.66 -3.31
N LYS A 61 -7.62 1.66 -3.92
CA LYS A 61 -7.77 2.02 -5.33
C LYS A 61 -6.81 1.24 -6.25
N TYR A 62 -5.53 1.15 -5.86
CA TYR A 62 -4.46 0.60 -6.70
C TYR A 62 -4.27 -0.91 -6.58
N ASN A 63 -4.57 -1.51 -5.41
CA ASN A 63 -4.40 -2.95 -5.20
C ASN A 63 -5.36 -3.75 -6.11
N GLY A 64 -4.80 -4.58 -7.00
CA GLY A 64 -5.52 -5.31 -8.06
C GLY A 64 -5.38 -4.74 -9.48
N TYR A 65 -4.76 -3.57 -9.66
CA TYR A 65 -4.50 -2.95 -10.98
C TYR A 65 -3.10 -3.32 -11.52
N SER A 66 -2.95 -3.52 -12.83
CA SER A 66 -1.70 -4.00 -13.46
C SER A 66 -1.05 -2.91 -14.35
N ILE A 67 0.24 -2.62 -14.12
CA ILE A 67 0.93 -1.42 -14.67
C ILE A 67 2.41 -1.75 -14.92
N GLU A 68 2.81 -1.98 -16.17
CA GLU A 68 4.15 -2.46 -16.54
C GLU A 68 4.50 -3.79 -15.82
N GLY A 69 3.49 -4.66 -15.64
CA GLY A 69 3.64 -5.95 -14.94
C GLY A 69 2.32 -6.60 -14.51
N ASN A 70 2.39 -7.32 -13.40
CA ASN A 70 1.30 -8.10 -12.82
C ASN A 70 0.33 -7.21 -12.01
N VAL A 71 -0.78 -7.75 -11.51
CA VAL A 71 -1.71 -7.01 -10.63
C VAL A 71 -1.04 -6.61 -9.31
N LEU A 72 -1.26 -5.36 -8.87
CA LEU A 72 -0.65 -4.81 -7.67
C LEU A 72 -1.08 -5.54 -6.39
N ASP A 73 -0.08 -6.06 -5.68
CA ASP A 73 -0.13 -6.45 -4.28
C ASP A 73 0.65 -5.38 -3.47
N VAL A 74 -0.10 -4.50 -2.81
CA VAL A 74 0.42 -3.30 -2.12
C VAL A 74 0.47 -3.56 -0.61
N LYS A 75 1.61 -3.23 0.01
CA LYS A 75 1.87 -3.44 1.46
C LYS A 75 2.42 -2.15 2.10
N SER A 76 1.92 -1.75 3.26
CA SER A 76 2.42 -0.60 4.02
C SER A 76 3.42 -1.02 5.12
N LYS A 77 4.25 -0.08 5.59
CA LYS A 77 5.24 -0.33 6.65
C LYS A 77 4.59 -0.23 8.05
N GLU A 78 4.22 -1.38 8.63
CA GLU A 78 3.50 -1.50 9.92
C GLU A 78 3.60 -2.93 10.50
N SER A 79 3.09 -3.13 11.71
CA SER A 79 2.98 -4.43 12.39
C SER A 79 1.94 -4.38 13.54
N VAL A 80 1.49 -5.55 14.02
CA VAL A 80 0.43 -5.68 15.04
C VAL A 80 0.95 -5.74 16.49
N HIS A 81 2.21 -6.15 16.70
CA HIS A 81 2.91 -6.16 18.01
C HIS A 81 2.18 -6.98 19.11
N ASN A 82 1.40 -7.99 18.72
CA ASN A 82 0.46 -8.70 19.61
C ASN A 82 1.11 -9.60 20.68
N HIS A 83 2.36 -10.05 20.47
CA HIS A 83 3.17 -10.86 21.39
C HIS A 83 2.59 -12.29 21.67
N SER A 84 3.31 -13.12 22.42
CA SER A 84 2.89 -14.47 22.83
C SER A 84 3.75 -14.98 24.02
N ASP A 85 3.13 -15.66 24.98
CA ASP A 85 3.80 -16.32 26.11
C ASP A 85 4.34 -17.73 25.78
N GLY A 86 4.00 -18.26 24.59
CA GLY A 86 4.40 -19.60 24.12
C GLY A 86 3.49 -20.73 24.62
N ASP A 87 3.93 -21.97 24.37
CA ASP A 87 3.23 -23.22 24.68
C ASP A 87 4.22 -24.37 24.95
N ASP A 88 3.85 -25.28 25.85
CA ASP A 88 4.62 -26.46 26.28
C ASP A 88 3.68 -27.43 27.03
N VAL A 89 4.09 -28.70 27.10
CA VAL A 89 3.35 -29.84 27.68
C VAL A 89 4.29 -31.04 27.87
N ASP A 90 4.08 -31.78 28.96
CA ASP A 90 4.82 -32.99 29.35
C ASP A 90 3.99 -33.77 30.39
N ILE A 91 3.55 -34.97 30.01
CA ILE A 91 2.66 -35.83 30.82
C ILE A 91 3.49 -36.91 31.56
N PRO A 92 3.48 -36.96 32.90
CA PRO A 92 4.25 -37.93 33.68
C PRO A 92 3.57 -39.31 33.73
N MET A 93 4.35 -40.33 34.11
CA MET A 93 3.92 -41.72 34.26
C MET A 93 4.85 -42.49 35.21
N ASP A 94 4.28 -43.24 36.15
CA ASP A 94 5.00 -44.02 37.17
C ASP A 94 4.11 -45.12 37.80
N ASP A 95 4.78 -46.12 38.37
CA ASP A 95 4.24 -47.27 39.09
C ASP A 95 5.19 -47.77 40.19
N SER A 96 6.26 -47.03 40.51
CA SER A 96 7.21 -47.40 41.56
C SER A 96 6.56 -47.43 42.97
N PRO A 97 7.01 -48.32 43.88
CA PRO A 97 6.71 -48.21 45.31
C PRO A 97 7.38 -46.99 45.98
N VAL A 98 8.36 -46.33 45.34
CA VAL A 98 9.04 -45.10 45.80
C VAL A 98 10.00 -45.41 46.96
N ASN A 99 11.29 -45.61 46.61
CA ASN A 99 12.40 -45.91 47.52
C ASN A 99 13.73 -45.37 46.95
N GLY A 1 6.37 8.65 9.11
CA GLY A 1 6.55 8.09 7.75
C GLY A 1 5.30 8.19 6.90
N SER A 2 5.38 7.71 5.66
CA SER A 2 4.31 7.58 4.65
C SER A 2 4.87 6.88 3.39
N GLU A 3 4.66 5.58 3.24
CA GLU A 3 5.26 4.77 2.18
C GLU A 3 4.63 3.37 2.04
N VAL A 4 4.69 2.80 0.83
CA VAL A 4 4.19 1.45 0.50
C VAL A 4 5.17 0.70 -0.42
N ILE A 5 5.23 -0.61 -0.25
CA ILE A 5 6.03 -1.54 -1.04
C ILE A 5 5.16 -2.05 -2.21
N VAL A 6 5.72 -2.15 -3.43
CA VAL A 6 5.04 -2.68 -4.62
C VAL A 6 5.82 -3.92 -5.07
N LYS A 7 5.17 -5.10 -5.06
CA LYS A 7 5.85 -6.39 -4.80
C LYS A 7 5.38 -7.55 -5.70
N ASN A 8 5.24 -7.30 -7.02
CA ASN A 8 4.86 -8.34 -8.02
C ASN A 8 5.01 -7.96 -9.51
N LEU A 9 5.34 -6.71 -9.85
CA LEU A 9 5.62 -6.30 -11.24
C LEU A 9 6.96 -6.92 -11.72
N PRO A 10 7.10 -7.32 -13.00
CA PRO A 10 8.31 -7.91 -13.56
C PRO A 10 9.23 -6.82 -14.14
N ALA A 11 10.34 -7.23 -14.77
CA ALA A 11 11.35 -6.36 -15.39
C ALA A 11 10.80 -5.38 -16.45
N SER A 12 9.56 -5.55 -16.91
CA SER A 12 8.84 -4.61 -17.78
C SER A 12 8.64 -3.22 -17.14
N VAL A 13 8.52 -3.15 -15.80
CA VAL A 13 8.48 -1.88 -15.06
C VAL A 13 9.91 -1.52 -14.57
N ASN A 14 10.22 -0.23 -14.61
CA ASN A 14 11.47 0.38 -14.15
C ASN A 14 11.16 1.67 -13.38
N TRP A 15 12.11 2.25 -12.65
CA TRP A 15 11.86 3.34 -11.68
C TRP A 15 11.01 4.51 -12.23
N GLN A 16 11.25 4.93 -13.48
CA GLN A 16 10.52 6.05 -14.10
C GLN A 16 9.05 5.68 -14.37
N ALA A 17 8.76 4.45 -14.81
CA ALA A 17 7.38 3.95 -14.91
C ALA A 17 6.73 3.71 -13.54
N LEU A 18 7.50 3.25 -12.55
CA LEU A 18 7.03 3.05 -11.17
C LEU A 18 6.55 4.35 -10.52
N LYS A 19 7.22 5.48 -10.77
CA LYS A 19 6.72 6.81 -10.39
C LYS A 19 5.34 7.08 -11.02
N ASP A 20 5.17 6.80 -12.32
CA ASP A 20 3.93 7.05 -13.06
C ASP A 20 2.72 6.22 -12.61
N ILE A 21 2.95 5.12 -11.87
CA ILE A 21 1.88 4.35 -11.18
C ILE A 21 1.04 5.24 -10.25
N PHE A 22 1.64 6.28 -9.64
CA PHE A 22 0.99 7.20 -8.66
C PHE A 22 0.97 8.65 -9.16
N LYS A 23 1.94 9.06 -10.01
CA LYS A 23 2.03 10.42 -10.57
C LYS A 23 0.86 10.82 -11.51
N GLU A 24 -0.05 9.88 -11.83
CA GLU A 24 -1.34 10.15 -12.48
C GLU A 24 -2.18 11.22 -11.75
N CYS A 25 -1.98 11.42 -10.42
CA CYS A 25 -2.58 12.49 -9.64
C CYS A 25 -2.08 13.93 -9.99
N GLY A 26 -1.09 14.07 -10.88
CA GLY A 26 -0.56 15.34 -11.40
C GLY A 26 0.71 15.84 -10.71
N ASN A 27 1.08 15.24 -9.57
CA ASN A 27 2.31 15.49 -8.81
C ASN A 27 2.88 14.15 -8.30
N VAL A 28 4.09 14.11 -7.71
CA VAL A 28 4.65 12.90 -7.08
C VAL A 28 5.50 13.24 -5.84
N ALA A 29 5.44 12.35 -4.83
CA ALA A 29 6.18 12.49 -3.59
C ALA A 29 7.69 12.18 -3.78
N HIS A 30 8.03 10.88 -3.84
CA HIS A 30 9.37 10.30 -3.77
C HIS A 30 9.28 8.75 -3.92
N ALA A 31 10.27 8.10 -4.53
CA ALA A 31 10.31 6.64 -4.70
C ALA A 31 11.74 6.10 -4.93
N ASP A 32 11.92 4.78 -4.83
CA ASP A 32 13.20 4.09 -5.01
C ASP A 32 13.03 2.60 -5.38
N VAL A 33 14.11 1.97 -5.84
CA VAL A 33 14.19 0.60 -6.37
C VAL A 33 15.54 -0.04 -6.02
N GLU A 34 15.57 -1.38 -5.97
CA GLU A 34 16.79 -2.18 -5.77
C GLU A 34 16.82 -3.31 -6.81
N LEU A 35 17.81 -3.27 -7.71
CA LEU A 35 17.93 -4.18 -8.86
C LEU A 35 18.86 -5.37 -8.53
N ASP A 36 18.87 -6.38 -9.41
CA ASP A 36 19.70 -7.59 -9.26
C ASP A 36 21.17 -7.33 -9.65
N GLY A 37 22.10 -7.99 -8.94
CA GLY A 37 23.55 -7.78 -9.08
C GLY A 37 24.17 -8.27 -10.40
N ASP A 38 23.45 -9.04 -11.21
CA ASP A 38 23.84 -9.35 -12.61
C ASP A 38 23.49 -8.23 -13.61
N GLY A 39 22.89 -7.12 -13.14
CA GLY A 39 22.58 -5.93 -13.94
C GLY A 39 21.24 -6.03 -14.67
N VAL A 40 20.20 -6.53 -13.98
CA VAL A 40 18.84 -6.74 -14.53
C VAL A 40 17.75 -6.33 -13.54
N SER A 41 16.61 -5.87 -14.06
CA SER A 41 15.55 -5.24 -13.26
C SER A 41 14.69 -6.23 -12.47
N THR A 42 14.36 -5.87 -11.23
CA THR A 42 13.53 -6.64 -10.27
C THR A 42 12.04 -6.34 -10.38
N GLY A 43 11.67 -5.14 -10.84
CA GLY A 43 10.30 -4.67 -11.05
C GLY A 43 9.61 -4.21 -9.76
N SER A 44 9.58 -5.05 -8.73
CA SER A 44 9.31 -4.69 -7.35
C SER A 44 10.20 -3.53 -6.84
N GLY A 45 9.57 -2.64 -6.08
CA GLY A 45 10.19 -1.44 -5.50
C GLY A 45 9.43 -0.83 -4.33
N THR A 46 9.88 0.36 -3.89
CA THR A 46 9.33 1.10 -2.74
C THR A 46 8.91 2.49 -3.20
N VAL A 47 7.63 2.84 -2.99
CA VAL A 47 7.12 4.18 -3.28
C VAL A 47 6.77 4.89 -1.97
N SER A 48 7.26 6.09 -1.82
CA SER A 48 6.90 6.99 -0.72
C SER A 48 5.66 7.80 -1.10
N PHE A 49 4.84 8.18 -0.10
CA PHE A 49 3.48 8.67 -0.32
C PHE A 49 3.31 10.15 0.01
N TYR A 50 2.27 10.73 -0.61
CA TYR A 50 1.85 12.12 -0.49
C TYR A 50 1.66 12.53 0.98
N ASP A 51 0.84 11.74 1.72
CA ASP A 51 0.74 11.66 3.18
C ASP A 51 -0.20 10.49 3.53
N ILE A 52 -0.28 10.10 4.82
CA ILE A 52 -1.20 9.06 5.33
C ILE A 52 -2.64 9.24 4.82
N LYS A 53 -3.09 10.51 4.71
CA LYS A 53 -4.37 10.91 4.12
C LYS A 53 -4.70 10.26 2.76
N ASP A 54 -3.75 10.28 1.82
CA ASP A 54 -3.97 9.71 0.48
C ASP A 54 -3.43 8.28 0.37
N LEU A 55 -2.50 7.88 1.25
CA LEU A 55 -2.00 6.51 1.33
C LEU A 55 -3.16 5.54 1.62
N HIS A 56 -3.97 5.79 2.64
CA HIS A 56 -5.10 4.91 3.00
C HIS A 56 -6.25 4.92 1.96
N ARG A 57 -6.42 6.01 1.21
CA ARG A 57 -7.31 6.08 0.04
C ARG A 57 -6.77 5.25 -1.14
N ALA A 58 -5.46 5.34 -1.41
CA ALA A 58 -4.76 4.67 -2.51
C ALA A 58 -4.54 3.16 -2.27
N ILE A 59 -4.39 2.73 -1.01
CA ILE A 59 -4.02 1.34 -0.65
C ILE A 59 -5.01 0.29 -1.18
N GLU A 60 -6.32 0.57 -1.10
CA GLU A 60 -7.36 -0.30 -1.64
C GLU A 60 -7.60 -0.07 -3.14
N LYS A 61 -7.53 1.19 -3.61
CA LYS A 61 -7.68 1.55 -5.03
C LYS A 61 -6.66 0.82 -5.93
N TYR A 62 -5.43 0.67 -5.42
CA TYR A 62 -4.32 -0.03 -6.05
C TYR A 62 -4.01 -1.39 -5.38
N ASN A 63 -5.01 -2.05 -4.79
CA ASN A 63 -4.98 -3.48 -4.48
C ASN A 63 -5.54 -4.32 -5.66
N GLY A 64 -4.73 -5.20 -6.25
CA GLY A 64 -5.14 -6.18 -7.27
C GLY A 64 -5.18 -5.66 -8.71
N TYR A 65 -5.01 -4.35 -8.91
CA TYR A 65 -4.76 -3.67 -10.19
C TYR A 65 -3.48 -4.14 -10.91
N SER A 66 -3.26 -3.72 -12.16
CA SER A 66 -2.04 -4.01 -12.93
C SER A 66 -1.54 -2.79 -13.72
N ILE A 67 -0.30 -2.33 -13.50
CA ILE A 67 0.33 -1.20 -14.21
C ILE A 67 1.76 -1.59 -14.60
N GLU A 68 2.03 -1.77 -15.90
CA GLU A 68 3.33 -2.14 -16.46
C GLU A 68 3.81 -3.54 -16.03
N GLY A 69 2.86 -4.44 -15.71
CA GLY A 69 3.18 -5.78 -15.20
C GLY A 69 1.98 -6.69 -14.91
N ASN A 70 1.99 -7.31 -13.72
CA ASN A 70 1.04 -8.33 -13.29
C ASN A 70 -0.06 -7.72 -12.40
N VAL A 71 -1.02 -8.54 -11.93
CA VAL A 71 -1.87 -8.15 -10.78
C VAL A 71 -0.98 -7.92 -9.55
N LEU A 72 -1.17 -6.81 -8.85
CA LEU A 72 -0.23 -6.29 -7.88
C LEU A 72 -0.91 -6.06 -6.51
N ASP A 73 -0.44 -6.80 -5.51
CA ASP A 73 -0.65 -6.46 -4.09
C ASP A 73 0.27 -5.30 -3.66
N VAL A 74 -0.21 -4.48 -2.72
CA VAL A 74 0.45 -3.28 -2.18
C VAL A 74 0.30 -3.27 -0.66
N LYS A 75 1.38 -2.91 0.06
CA LYS A 75 1.46 -3.02 1.53
C LYS A 75 2.26 -1.87 2.14
N SER A 76 1.78 -1.28 3.24
CA SER A 76 2.45 -0.17 3.94
C SER A 76 3.45 -0.64 5.02
N LYS A 77 4.35 0.26 5.42
CA LYS A 77 5.39 0.00 6.44
C LYS A 77 4.90 0.27 7.89
N GLU A 78 3.58 0.36 8.10
CA GLU A 78 2.95 0.85 9.34
C GLU A 78 2.85 -0.20 10.46
N SER A 79 2.80 -1.49 10.11
CA SER A 79 2.63 -2.66 11.03
C SER A 79 1.21 -2.76 11.66
N VAL A 80 0.88 -3.93 12.23
CA VAL A 80 -0.43 -4.24 12.86
C VAL A 80 -0.27 -5.23 14.04
N HIS A 81 -1.17 -5.13 15.02
CA HIS A 81 -1.13 -5.97 16.24
C HIS A 81 -2.53 -6.32 16.84
N ASN A 82 -3.60 -5.66 16.41
CA ASN A 82 -4.97 -5.92 16.89
C ASN A 82 -5.51 -7.25 16.31
N HIS A 83 -6.01 -8.14 17.19
CA HIS A 83 -6.37 -9.52 16.85
C HIS A 83 -7.90 -9.81 16.85
N SER A 84 -8.71 -8.96 17.46
CA SER A 84 -10.16 -9.14 17.67
C SER A 84 -10.83 -7.84 18.18
N ASP A 85 -12.13 -7.69 17.95
CA ASP A 85 -12.96 -6.59 18.47
C ASP A 85 -13.57 -6.90 19.85
N GLY A 86 -13.52 -8.17 20.29
CA GLY A 86 -14.03 -8.66 21.59
C GLY A 86 -14.57 -10.09 21.55
N ASP A 87 -14.92 -10.62 22.73
CA ASP A 87 -15.45 -11.99 22.92
C ASP A 87 -16.98 -12.09 22.72
N ASP A 88 -17.68 -10.97 22.58
CA ASP A 88 -19.11 -10.81 22.37
C ASP A 88 -19.40 -9.39 21.85
N VAL A 89 -20.54 -9.23 21.18
CA VAL A 89 -20.97 -8.04 20.42
C VAL A 89 -22.50 -7.95 20.36
N ASP A 90 -23.02 -6.72 20.41
CA ASP A 90 -24.48 -6.44 20.34
C ASP A 90 -25.04 -6.46 18.90
N ILE A 91 -24.16 -6.40 17.89
CA ILE A 91 -24.46 -6.55 16.45
C ILE A 91 -23.42 -7.53 15.85
N PRO A 92 -23.84 -8.63 15.18
CA PRO A 92 -22.92 -9.66 14.69
C PRO A 92 -22.04 -9.12 13.56
N MET A 93 -20.73 -9.41 13.65
CA MET A 93 -19.68 -8.95 12.73
C MET A 93 -18.39 -9.77 12.95
N ASP A 94 -17.69 -10.11 11.86
CA ASP A 94 -16.47 -10.92 11.86
C ASP A 94 -15.65 -10.73 10.57
N ASP A 95 -14.33 -10.94 10.66
CA ASP A 95 -13.36 -10.73 9.58
C ASP A 95 -12.13 -11.67 9.68
N SER A 96 -12.26 -12.78 10.43
CA SER A 96 -11.22 -13.78 10.66
C SER A 96 -11.21 -14.89 9.57
N PRO A 97 -10.05 -15.53 9.31
CA PRO A 97 -9.93 -16.63 8.35
C PRO A 97 -10.58 -17.91 8.88
N VAL A 98 -11.11 -18.73 7.97
CA VAL A 98 -11.83 -19.99 8.27
C VAL A 98 -11.94 -20.88 7.02
N ASN A 99 -11.82 -22.20 7.20
CA ASN A 99 -11.88 -23.20 6.12
C ASN A 99 -13.30 -23.41 5.54
N GLY A 1 6.25 7.39 9.72
CA GLY A 1 6.73 7.29 8.32
C GLY A 1 5.60 7.31 7.31
N SER A 2 5.91 7.60 6.03
CA SER A 2 4.92 7.76 4.94
C SER A 2 5.43 7.08 3.66
N GLU A 3 5.34 5.74 3.60
CA GLU A 3 5.90 4.92 2.51
C GLU A 3 5.05 3.65 2.24
N VAL A 4 5.11 3.12 1.01
CA VAL A 4 4.55 1.81 0.61
C VAL A 4 5.55 1.00 -0.21
N ILE A 5 5.34 -0.31 -0.30
CA ILE A 5 6.13 -1.29 -1.07
C ILE A 5 5.20 -1.94 -2.11
N VAL A 6 5.70 -2.17 -3.34
CA VAL A 6 4.98 -2.87 -4.42
C VAL A 6 5.75 -4.13 -4.82
N LYS A 7 5.10 -5.29 -4.81
CA LYS A 7 5.77 -6.59 -4.59
C LYS A 7 5.24 -7.73 -5.50
N ASN A 8 5.00 -7.42 -6.77
CA ASN A 8 4.68 -8.41 -7.83
C ASN A 8 4.95 -7.94 -9.27
N LEU A 9 5.15 -6.63 -9.51
CA LEU A 9 5.56 -6.04 -10.79
C LEU A 9 6.84 -6.71 -11.39
N PRO A 10 6.85 -7.04 -12.70
CA PRO A 10 8.03 -7.52 -13.42
C PRO A 10 8.82 -6.35 -14.01
N ALA A 11 10.05 -6.63 -14.46
CA ALA A 11 11.01 -5.62 -14.94
C ALA A 11 10.55 -4.79 -16.15
N SER A 12 9.47 -5.19 -16.84
CA SER A 12 8.81 -4.40 -17.89
C SER A 12 8.26 -3.05 -17.38
N VAL A 13 8.00 -2.95 -16.07
CA VAL A 13 7.72 -1.72 -15.32
C VAL A 13 8.83 -1.51 -14.29
N ASN A 14 9.38 -0.30 -14.24
CA ASN A 14 10.57 0.09 -13.46
C ASN A 14 10.44 1.56 -13.02
N TRP A 15 11.40 2.13 -12.27
CA TRP A 15 11.27 3.37 -11.48
C TRP A 15 10.45 4.50 -12.13
N GLN A 16 10.73 4.89 -13.38
CA GLN A 16 10.04 6.00 -14.04
C GLN A 16 8.56 5.69 -14.29
N ALA A 17 8.24 4.48 -14.80
CA ALA A 17 6.86 4.02 -14.92
C ALA A 17 6.18 3.71 -13.57
N LEU A 18 6.93 3.26 -12.56
CA LEU A 18 6.45 3.05 -11.19
C LEU A 18 5.90 4.36 -10.63
N LYS A 19 6.62 5.47 -10.80
CA LYS A 19 6.13 6.80 -10.42
C LYS A 19 4.78 7.15 -11.07
N ASP A 20 4.56 6.77 -12.34
CA ASP A 20 3.29 7.01 -13.04
C ASP A 20 2.11 6.18 -12.49
N ILE A 21 2.37 5.08 -11.77
CA ILE A 21 1.33 4.31 -11.03
C ILE A 21 0.61 5.19 -9.99
N PHE A 22 1.29 6.20 -9.42
CA PHE A 22 0.79 7.06 -8.35
C PHE A 22 0.60 8.53 -8.79
N LYS A 23 1.35 9.02 -9.78
CA LYS A 23 1.33 10.42 -10.24
C LYS A 23 -0.03 10.86 -10.82
N GLU A 24 -0.87 9.91 -11.26
CA GLU A 24 -2.27 10.19 -11.68
C GLU A 24 -3.21 10.44 -10.47
N CYS A 25 -2.80 10.12 -9.24
CA CYS A 25 -3.57 10.31 -8.01
C CYS A 25 -3.04 11.47 -7.13
N GLY A 26 -1.72 11.71 -7.11
CA GLY A 26 -1.06 12.76 -6.33
C GLY A 26 0.05 13.52 -7.07
N ASN A 27 0.28 14.78 -6.66
CA ASN A 27 1.34 15.65 -7.20
C ASN A 27 2.74 15.13 -6.79
N VAL A 28 3.56 14.71 -7.76
CA VAL A 28 4.66 13.73 -7.61
C VAL A 28 5.52 13.85 -6.32
N ALA A 29 5.74 12.70 -5.67
CA ALA A 29 6.61 12.53 -4.50
C ALA A 29 7.98 11.96 -4.92
N HIS A 30 8.30 10.72 -4.55
CA HIS A 30 9.55 10.02 -4.86
C HIS A 30 9.42 8.48 -4.74
N ALA A 31 10.26 7.70 -5.43
CA ALA A 31 10.23 6.25 -5.42
C ALA A 31 11.57 5.62 -5.85
N ASP A 32 11.69 4.29 -5.70
CA ASP A 32 12.93 3.54 -5.92
C ASP A 32 12.68 2.05 -6.21
N VAL A 33 13.70 1.35 -6.70
CA VAL A 33 13.73 -0.06 -7.12
C VAL A 33 15.15 -0.57 -6.92
N GLU A 34 15.29 -1.83 -6.48
CA GLU A 34 16.59 -2.47 -6.32
C GLU A 34 16.71 -3.71 -7.21
N LEU A 35 17.84 -3.85 -7.92
CA LEU A 35 18.11 -4.99 -8.82
C LEU A 35 18.73 -6.17 -8.05
N ASP A 36 18.73 -7.35 -8.67
CA ASP A 36 19.72 -8.40 -8.34
C ASP A 36 21.13 -7.89 -8.70
N GLY A 37 22.09 -8.07 -7.78
CA GLY A 37 23.28 -7.21 -7.65
C GLY A 37 24.32 -7.28 -8.78
N ASP A 38 24.22 -8.25 -9.69
CA ASP A 38 24.97 -8.29 -10.96
C ASP A 38 24.35 -7.38 -12.05
N GLY A 39 23.25 -6.68 -11.73
CA GLY A 39 22.53 -5.74 -12.61
C GLY A 39 21.37 -6.37 -13.37
N VAL A 40 20.67 -7.36 -12.77
CA VAL A 40 19.88 -8.36 -13.52
C VAL A 40 18.37 -8.07 -13.61
N SER A 41 17.96 -6.83 -13.31
CA SER A 41 16.60 -6.26 -13.50
C SER A 41 15.52 -6.76 -12.50
N THR A 42 14.56 -5.88 -12.17
CA THR A 42 13.44 -6.07 -11.21
C THR A 42 12.35 -5.04 -11.53
N GLY A 43 11.11 -5.34 -11.09
CA GLY A 43 9.99 -4.39 -11.09
C GLY A 43 9.53 -4.00 -9.68
N SER A 44 9.31 -4.98 -8.82
CA SER A 44 9.06 -4.82 -7.38
C SER A 44 10.01 -3.82 -6.70
N GLY A 45 9.44 -2.76 -6.11
CA GLY A 45 10.16 -1.62 -5.53
C GLY A 45 9.42 -0.94 -4.38
N THR A 46 9.93 0.24 -4.00
CA THR A 46 9.49 1.04 -2.84
C THR A 46 9.06 2.43 -3.29
N VAL A 47 8.15 3.04 -2.53
CA VAL A 47 7.48 4.30 -2.90
C VAL A 47 7.37 5.17 -1.66
N SER A 48 7.84 6.40 -1.76
CA SER A 48 7.70 7.43 -0.72
C SER A 48 6.43 8.24 -1.01
N PHE A 49 5.49 8.25 -0.06
CA PHE A 49 4.13 8.71 -0.32
C PHE A 49 3.93 10.21 -0.05
N TYR A 50 2.92 10.76 -0.72
CA TYR A 50 2.52 12.16 -0.61
C TYR A 50 2.24 12.55 0.86
N ASP A 51 1.36 11.79 1.51
CA ASP A 51 1.36 11.42 2.95
C ASP A 51 0.23 10.39 3.19
N ILE A 52 -0.07 10.05 4.45
CA ILE A 52 -1.10 9.06 4.84
C ILE A 52 -2.50 9.38 4.27
N LYS A 53 -2.87 10.66 4.14
CA LYS A 53 -4.13 11.07 3.49
C LYS A 53 -4.34 10.49 2.10
N ASP A 54 -3.25 10.34 1.34
CA ASP A 54 -3.32 9.94 -0.05
C ASP A 54 -3.03 8.44 -0.19
N LEU A 55 -2.12 7.95 0.67
CA LEU A 55 -1.73 6.55 0.83
C LEU A 55 -2.96 5.67 1.03
N HIS A 56 -3.84 5.99 1.97
CA HIS A 56 -5.01 5.15 2.26
C HIS A 56 -6.03 5.07 1.09
N ARG A 57 -6.04 6.09 0.22
CA ARG A 57 -6.76 6.09 -1.07
C ARG A 57 -6.08 5.14 -2.06
N ALA A 58 -4.78 5.35 -2.31
CA ALA A 58 -3.98 4.62 -3.29
C ALA A 58 -3.82 3.12 -2.96
N ILE A 59 -3.70 2.78 -1.66
CA ILE A 59 -3.55 1.40 -1.18
C ILE A 59 -4.78 0.53 -1.49
N GLU A 60 -5.98 1.14 -1.48
CA GLU A 60 -7.23 0.49 -1.87
C GLU A 60 -7.42 0.52 -3.41
N LYS A 61 -7.09 1.65 -4.05
CA LYS A 61 -7.31 1.88 -5.48
C LYS A 61 -6.45 0.98 -6.38
N TYR A 62 -5.16 0.79 -6.04
CA TYR A 62 -4.19 0.14 -6.94
C TYR A 62 -3.80 -1.29 -6.55
N ASN A 63 -4.06 -1.74 -5.31
CA ASN A 63 -3.95 -3.16 -4.97
C ASN A 63 -5.03 -3.96 -5.71
N GLY A 64 -4.61 -4.94 -6.53
CA GLY A 64 -5.50 -5.69 -7.44
C GLY A 64 -5.62 -5.09 -8.86
N TYR A 65 -4.95 -3.96 -9.13
CA TYR A 65 -4.89 -3.32 -10.46
C TYR A 65 -3.59 -3.70 -11.21
N SER A 66 -3.48 -3.44 -12.51
CA SER A 66 -2.30 -3.82 -13.32
C SER A 66 -1.87 -2.72 -14.30
N ILE A 67 -0.60 -2.29 -14.28
CA ILE A 67 -0.06 -1.22 -15.15
C ILE A 67 1.32 -1.64 -15.70
N GLU A 68 1.38 -1.98 -16.99
CA GLU A 68 2.62 -2.33 -17.72
C GLU A 68 3.37 -3.53 -17.11
N GLY A 69 2.64 -4.41 -16.41
CA GLY A 69 3.19 -5.49 -15.57
C GLY A 69 2.16 -6.51 -15.13
N ASN A 70 2.27 -6.97 -13.87
CA ASN A 70 1.37 -7.98 -13.28
C ASN A 70 0.24 -7.31 -12.47
N VAL A 71 -0.65 -8.10 -11.87
CA VAL A 71 -1.57 -7.61 -10.81
C VAL A 71 -0.74 -7.16 -9.60
N LEU A 72 -1.00 -5.94 -9.13
CA LEU A 72 -0.32 -5.31 -8.00
C LEU A 72 -0.73 -5.94 -6.67
N ASP A 73 0.29 -6.29 -5.89
CA ASP A 73 0.23 -6.59 -4.47
C ASP A 73 1.01 -5.49 -3.74
N VAL A 74 0.32 -4.75 -2.87
CA VAL A 74 0.79 -3.47 -2.28
C VAL A 74 0.68 -3.55 -0.76
N LYS A 75 1.68 -3.05 -0.05
CA LYS A 75 1.78 -3.08 1.42
C LYS A 75 2.35 -1.76 1.98
N SER A 76 1.81 -1.27 3.09
CA SER A 76 2.25 -0.01 3.72
C SER A 76 3.36 -0.23 4.77
N LYS A 77 4.27 0.74 4.90
CA LYS A 77 5.28 0.79 5.97
C LYS A 77 4.71 1.36 7.30
N GLU A 78 3.46 1.86 7.29
CA GLU A 78 2.80 2.52 8.42
C GLU A 78 1.29 2.20 8.44
N SER A 79 0.76 1.82 9.61
CA SER A 79 -0.65 1.47 9.78
C SER A 79 -1.04 1.34 11.28
N VAL A 80 -2.34 1.39 11.56
CA VAL A 80 -2.96 1.46 12.90
C VAL A 80 -4.48 1.27 12.79
N HIS A 81 -5.11 0.66 13.80
CA HIS A 81 -6.56 0.47 13.87
C HIS A 81 -7.10 0.39 15.31
N ASN A 82 -8.24 1.06 15.56
CA ASN A 82 -9.03 1.08 16.78
C ASN A 82 -10.44 1.63 16.49
N HIS A 83 -11.47 1.10 17.16
CA HIS A 83 -12.88 1.46 16.92
C HIS A 83 -13.78 1.22 18.15
N SER A 84 -14.75 2.12 18.35
CA SER A 84 -15.81 2.07 19.37
C SER A 84 -16.94 3.05 19.01
N ASP A 85 -18.12 2.93 19.61
CA ASP A 85 -19.30 3.77 19.35
C ASP A 85 -19.69 4.63 20.56
N GLY A 86 -20.04 4.00 21.70
CA GLY A 86 -20.26 4.65 23.00
C GLY A 86 -21.53 5.48 23.15
N ASP A 87 -22.41 5.54 22.15
CA ASP A 87 -23.60 6.41 22.14
C ASP A 87 -24.83 5.73 22.77
N ASP A 88 -25.34 6.33 23.84
CA ASP A 88 -26.51 5.89 24.62
C ASP A 88 -26.99 7.02 25.57
N VAL A 89 -28.32 7.21 25.64
CA VAL A 89 -28.97 8.30 26.40
C VAL A 89 -30.49 8.06 26.52
N ASP A 90 -31.06 8.39 27.69
CA ASP A 90 -32.49 8.40 27.99
C ASP A 90 -32.78 9.48 29.05
N ILE A 91 -33.39 10.59 28.62
CA ILE A 91 -33.69 11.79 29.43
C ILE A 91 -35.14 12.29 29.23
N PRO A 92 -35.75 12.97 30.22
CA PRO A 92 -37.05 13.61 30.08
C PRO A 92 -36.95 14.88 29.21
N MET A 93 -38.08 15.29 28.62
CA MET A 93 -38.17 16.47 27.74
C MET A 93 -38.23 17.79 28.53
N ASP A 94 -37.58 18.82 27.99
CA ASP A 94 -37.45 20.18 28.54
C ASP A 94 -38.45 21.18 27.91
N ASP A 95 -39.53 20.69 27.31
CA ASP A 95 -40.48 21.43 26.47
C ASP A 95 -41.51 22.30 27.23
N SER A 96 -41.48 22.30 28.57
CA SER A 96 -42.43 23.05 29.40
C SER A 96 -42.29 24.58 29.19
N PRO A 97 -43.39 25.31 28.85
CA PRO A 97 -43.34 26.73 28.50
C PRO A 97 -43.21 27.62 29.74
N VAL A 98 -42.71 28.86 29.53
CA VAL A 98 -42.51 29.90 30.56
C VAL A 98 -42.34 31.27 29.90
N ASN A 99 -42.94 32.30 30.52
CA ASN A 99 -42.95 33.71 30.04
C ASN A 99 -42.90 34.70 31.22
N GLY A 1 6.01 4.42 9.21
CA GLY A 1 4.90 4.63 8.25
C GLY A 1 5.38 5.28 6.95
N SER A 2 4.56 6.19 6.39
CA SER A 2 4.91 7.19 5.35
C SER A 2 5.36 6.67 3.97
N GLU A 3 5.34 5.35 3.71
CA GLU A 3 5.76 4.77 2.44
C GLU A 3 5.16 3.40 2.17
N VAL A 4 5.15 3.02 0.88
CA VAL A 4 4.63 1.75 0.35
C VAL A 4 5.64 1.11 -0.62
N ILE A 5 5.62 -0.21 -0.65
CA ILE A 5 6.34 -1.07 -1.59
C ILE A 5 5.29 -1.62 -2.56
N VAL A 6 5.51 -1.47 -3.87
CA VAL A 6 4.73 -2.18 -4.91
C VAL A 6 5.47 -3.48 -5.26
N LYS A 7 4.75 -4.56 -5.56
CA LYS A 7 5.31 -5.91 -5.64
C LYS A 7 4.65 -6.77 -6.75
N ASN A 8 5.47 -7.53 -7.48
CA ASN A 8 5.13 -8.53 -8.54
C ASN A 8 5.21 -7.97 -9.98
N LEU A 9 5.52 -6.67 -10.14
CA LEU A 9 5.93 -6.08 -11.42
C LEU A 9 7.36 -6.57 -11.78
N PRO A 10 7.62 -7.01 -13.04
CA PRO A 10 8.90 -7.60 -13.45
C PRO A 10 9.88 -6.53 -13.95
N ALA A 11 10.99 -6.95 -14.57
CA ALA A 11 12.07 -6.10 -15.09
C ALA A 11 11.62 -4.96 -16.02
N SER A 12 10.40 -5.03 -16.56
CA SER A 12 9.78 -3.99 -17.38
C SER A 12 9.56 -2.66 -16.62
N VAL A 13 9.31 -2.71 -15.31
CA VAL A 13 9.14 -1.50 -14.48
C VAL A 13 10.49 -1.06 -13.87
N ASN A 14 10.73 0.26 -13.91
CA ASN A 14 11.90 0.96 -13.38
C ASN A 14 11.45 2.32 -12.82
N TRP A 15 12.32 3.10 -12.17
CA TRP A 15 11.93 4.29 -11.37
C TRP A 15 10.96 5.25 -12.10
N GLN A 16 11.23 5.56 -13.37
CA GLN A 16 10.42 6.50 -14.14
C GLN A 16 9.06 5.94 -14.60
N ALA A 17 8.90 4.61 -14.71
CA ALA A 17 7.58 3.99 -14.81
C ALA A 17 6.88 3.84 -13.44
N LEU A 18 7.62 3.55 -12.37
CA LEU A 18 7.10 3.44 -11.00
C LEU A 18 6.39 4.73 -10.59
N LYS A 19 7.03 5.88 -10.79
CA LYS A 19 6.43 7.16 -10.38
C LYS A 19 5.12 7.42 -11.15
N ASP A 20 5.02 6.93 -12.39
CA ASP A 20 3.81 6.92 -13.21
C ASP A 20 2.68 5.98 -12.73
N ILE A 21 2.98 4.98 -11.88
CA ILE A 21 1.94 4.19 -11.17
C ILE A 21 1.03 5.12 -10.35
N PHE A 22 1.60 6.12 -9.65
CA PHE A 22 0.88 7.01 -8.72
C PHE A 22 0.63 8.43 -9.27
N LYS A 23 1.23 8.81 -10.41
CA LYS A 23 1.14 10.17 -11.00
C LYS A 23 -0.29 10.62 -11.40
N GLU A 24 -1.30 9.73 -11.36
CA GLU A 24 -2.73 10.08 -11.47
C GLU A 24 -3.19 11.08 -10.38
N CYS A 25 -2.46 11.18 -9.26
CA CYS A 25 -2.58 12.24 -8.26
C CYS A 25 -2.40 13.68 -8.82
N GLY A 26 -1.73 13.82 -9.97
CA GLY A 26 -1.39 15.08 -10.65
C GLY A 26 0.06 15.53 -10.40
N ASN A 27 0.70 14.99 -9.36
CA ASN A 27 2.13 15.16 -9.03
C ASN A 27 2.74 13.81 -8.57
N VAL A 28 3.98 13.78 -8.07
CA VAL A 28 4.56 12.63 -7.37
C VAL A 28 5.48 13.08 -6.23
N ALA A 29 5.33 12.45 -5.06
CA ALA A 29 5.98 12.84 -3.81
C ALA A 29 7.49 12.48 -3.78
N HIS A 30 7.80 11.19 -3.66
CA HIS A 30 9.16 10.63 -3.60
C HIS A 30 9.16 9.13 -3.97
N ALA A 31 10.12 8.69 -4.78
CA ALA A 31 9.96 7.50 -5.62
C ALA A 31 11.32 6.89 -6.04
N ASP A 32 11.43 5.56 -6.01
CA ASP A 32 12.68 4.80 -6.27
C ASP A 32 12.40 3.31 -6.58
N VAL A 33 13.44 2.55 -6.92
CA VAL A 33 13.42 1.10 -7.19
C VAL A 33 14.73 0.43 -6.73
N GLU A 34 14.75 -0.90 -6.68
CA GLU A 34 15.90 -1.73 -6.34
C GLU A 34 16.03 -2.88 -7.37
N LEU A 35 17.27 -3.30 -7.64
CA LEU A 35 17.60 -4.34 -8.63
C LEU A 35 18.61 -5.35 -8.08
N ASP A 36 18.42 -6.63 -8.44
CA ASP A 36 19.38 -7.71 -8.21
C ASP A 36 20.52 -7.69 -9.27
N GLY A 37 21.48 -8.61 -9.18
CA GLY A 37 22.65 -8.68 -10.07
C GLY A 37 22.33 -9.04 -11.52
N ASP A 38 21.14 -9.60 -11.78
CA ASP A 38 20.63 -9.92 -13.12
C ASP A 38 19.84 -8.76 -13.77
N GLY A 39 19.70 -7.62 -13.08
CA GLY A 39 19.00 -6.43 -13.60
C GLY A 39 17.47 -6.57 -13.67
N VAL A 40 16.89 -7.45 -12.84
CA VAL A 40 15.52 -7.98 -12.99
C VAL A 40 14.44 -7.23 -12.16
N SER A 41 14.79 -6.06 -11.59
CA SER A 41 13.94 -5.21 -10.70
C SER A 41 13.48 -5.89 -9.38
N THR A 42 14.04 -7.07 -9.08
CA THR A 42 13.87 -7.93 -7.88
C THR A 42 12.40 -8.25 -7.51
N GLY A 43 11.43 -7.91 -8.38
CA GLY A 43 10.00 -8.13 -8.19
C GLY A 43 9.28 -7.01 -7.44
N SER A 44 9.83 -5.80 -7.35
CA SER A 44 9.30 -4.70 -6.52
C SER A 44 9.84 -3.28 -6.84
N GLY A 45 9.18 -2.26 -6.26
CA GLY A 45 9.56 -0.84 -6.30
C GLY A 45 9.03 -0.07 -5.09
N THR A 46 9.57 1.13 -4.80
CA THR A 46 9.39 1.85 -3.53
C THR A 46 8.85 3.25 -3.76
N VAL A 47 7.80 3.64 -3.04
CA VAL A 47 7.17 4.97 -3.14
C VAL A 47 6.90 5.51 -1.74
N SER A 48 7.43 6.69 -1.46
CA SER A 48 7.25 7.43 -0.20
C SER A 48 6.26 8.58 -0.40
N PHE A 49 5.24 8.65 0.46
CA PHE A 49 3.90 9.04 0.00
C PHE A 49 3.55 10.53 0.14
N TYR A 50 2.50 10.93 -0.59
CA TYR A 50 1.92 12.27 -0.56
C TYR A 50 1.55 12.71 0.87
N ASP A 51 0.81 11.85 1.58
CA ASP A 51 0.56 11.83 3.03
C ASP A 51 -0.21 10.55 3.37
N ILE A 52 -0.31 10.20 4.66
CA ILE A 52 -1.04 9.01 5.14
C ILE A 52 -2.52 9.03 4.70
N LYS A 53 -3.10 10.23 4.57
CA LYS A 53 -4.44 10.46 4.00
C LYS A 53 -4.68 9.76 2.65
N ASP A 54 -3.70 9.82 1.74
CA ASP A 54 -3.87 9.26 0.39
C ASP A 54 -3.29 7.84 0.30
N LEU A 55 -2.29 7.52 1.14
CA LEU A 55 -1.74 6.17 1.32
C LEU A 55 -2.85 5.17 1.62
N HIS A 56 -3.75 5.49 2.56
CA HIS A 56 -4.89 4.63 2.91
C HIS A 56 -5.83 4.32 1.72
N ARG A 57 -6.05 5.29 0.82
CA ARG A 57 -6.77 5.08 -0.45
C ARG A 57 -5.93 4.25 -1.44
N ALA A 58 -4.68 4.67 -1.69
CA ALA A 58 -3.77 4.06 -2.67
C ALA A 58 -3.46 2.58 -2.37
N ILE A 59 -3.39 2.20 -1.09
CA ILE A 59 -3.16 0.82 -0.64
C ILE A 59 -4.25 -0.14 -1.14
N GLU A 60 -5.51 0.31 -1.22
CA GLU A 60 -6.61 -0.45 -1.80
C GLU A 60 -6.68 -0.28 -3.33
N LYS A 61 -6.51 0.95 -3.83
CA LYS A 61 -6.70 1.33 -5.25
C LYS A 61 -5.83 0.54 -6.24
N TYR A 62 -4.53 0.43 -5.97
CA TYR A 62 -3.56 -0.20 -6.90
C TYR A 62 -3.33 -1.70 -6.63
N ASN A 63 -3.68 -2.19 -5.44
CA ASN A 63 -3.54 -3.60 -5.09
C ASN A 63 -4.63 -4.44 -5.79
N GLY A 64 -4.21 -5.29 -6.74
CA GLY A 64 -5.11 -6.02 -7.66
C GLY A 64 -5.20 -5.42 -9.07
N TYR A 65 -4.49 -4.31 -9.33
CA TYR A 65 -4.38 -3.66 -10.66
C TYR A 65 -3.02 -3.96 -11.32
N SER A 66 -2.81 -3.55 -12.57
CA SER A 66 -1.59 -3.87 -13.35
C SER A 66 -1.08 -2.65 -14.15
N ILE A 67 0.18 -2.25 -13.92
CA ILE A 67 0.83 -1.09 -14.59
C ILE A 67 2.31 -1.42 -14.80
N GLU A 68 2.75 -1.54 -16.06
CA GLU A 68 4.14 -1.87 -16.43
C GLU A 68 4.54 -3.29 -15.97
N GLY A 69 3.59 -4.23 -15.99
CA GLY A 69 3.83 -5.62 -15.59
C GLY A 69 2.58 -6.47 -15.40
N ASN A 70 2.54 -7.17 -14.26
CA ASN A 70 1.51 -8.15 -13.90
C ASN A 70 0.45 -7.51 -12.99
N VAL A 71 -0.51 -8.28 -12.47
CA VAL A 71 -1.28 -7.86 -11.27
C VAL A 71 -0.29 -7.64 -10.13
N LEU A 72 -0.34 -6.44 -9.52
CA LEU A 72 0.55 -6.02 -8.45
C LEU A 72 -0.13 -6.07 -7.08
N ASP A 73 0.66 -6.43 -6.09
CA ASP A 73 0.40 -6.29 -4.65
C ASP A 73 1.02 -4.97 -4.14
N VAL A 74 0.52 -4.48 -3.02
CA VAL A 74 0.98 -3.27 -2.33
C VAL A 74 1.07 -3.54 -0.84
N LYS A 75 2.20 -3.17 -0.23
CA LYS A 75 2.49 -3.34 1.20
C LYS A 75 3.03 -2.03 1.80
N SER A 76 2.54 -1.59 2.95
CA SER A 76 3.00 -0.36 3.63
C SER A 76 4.08 -0.67 4.69
N LYS A 77 4.94 0.33 4.98
CA LYS A 77 6.00 0.20 6.00
C LYS A 77 5.43 0.42 7.41
N GLU A 78 4.65 -0.56 7.89
CA GLU A 78 3.86 -0.50 9.12
C GLU A 78 3.88 -1.86 9.85
N SER A 79 3.83 -1.83 11.19
CA SER A 79 3.75 -3.01 12.06
C SER A 79 3.22 -2.61 13.46
N VAL A 80 1.91 -2.76 13.69
CA VAL A 80 1.21 -2.28 14.92
C VAL A 80 0.10 -3.25 15.41
N HIS A 81 0.08 -4.49 14.92
CA HIS A 81 -0.98 -5.46 15.21
C HIS A 81 -0.99 -5.98 16.68
N ASN A 82 -2.19 -6.31 17.18
CA ASN A 82 -2.44 -6.94 18.47
C ASN A 82 -3.73 -7.77 18.43
N HIS A 83 -3.67 -9.03 18.88
CA HIS A 83 -4.81 -9.95 18.90
C HIS A 83 -5.78 -9.65 20.06
N SER A 84 -7.05 -9.37 19.75
CA SER A 84 -8.14 -9.09 20.70
C SER A 84 -9.51 -9.17 20.02
N ASP A 85 -10.52 -9.73 20.71
CA ASP A 85 -11.90 -9.84 20.23
C ASP A 85 -12.77 -8.60 20.58
N GLY A 86 -12.30 -7.76 21.51
CA GLY A 86 -13.02 -6.58 22.02
C GLY A 86 -14.17 -6.90 22.97
N ASP A 87 -14.94 -5.88 23.33
CA ASP A 87 -16.12 -5.96 24.21
C ASP A 87 -17.02 -4.71 24.06
N ASP A 88 -18.29 -4.92 23.69
CA ASP A 88 -19.33 -3.91 23.50
C ASP A 88 -20.71 -4.60 23.34
N VAL A 89 -21.77 -3.85 23.59
CA VAL A 89 -23.18 -4.27 23.55
C VAL A 89 -24.08 -3.09 23.17
N ASP A 90 -25.07 -3.34 22.29
CA ASP A 90 -26.04 -2.39 21.76
C ASP A 90 -27.13 -3.12 20.98
N ILE A 91 -28.39 -3.01 21.44
CA ILE A 91 -29.58 -3.59 20.80
C ILE A 91 -30.74 -2.56 20.72
N PRO A 92 -31.41 -2.39 19.55
CA PRO A 92 -32.56 -1.50 19.43
C PRO A 92 -33.83 -2.10 20.05
N MET A 93 -34.76 -1.24 20.45
CA MET A 93 -36.01 -1.60 21.14
C MET A 93 -37.04 -0.44 21.11
N ASP A 94 -38.32 -0.78 21.18
CA ASP A 94 -39.46 0.15 21.11
C ASP A 94 -40.76 -0.49 21.65
N ASP A 95 -41.64 0.34 22.22
CA ASP A 95 -42.95 -0.05 22.77
C ASP A 95 -43.93 1.15 22.73
N SER A 96 -44.29 1.57 21.52
CA SER A 96 -45.07 2.79 21.26
C SER A 96 -46.47 2.50 20.66
N PRO A 97 -47.55 3.19 21.11
CA PRO A 97 -48.92 2.97 20.65
C PRO A 97 -49.19 3.65 19.30
N VAL A 98 -50.39 3.41 18.74
CA VAL A 98 -50.86 3.93 17.44
C VAL A 98 -52.34 4.32 17.49
N ASN A 99 -52.75 5.26 16.61
CA ASN A 99 -54.11 5.81 16.49
C ASN A 99 -54.36 6.41 15.09
N GLY A 1 4.33 8.38 9.03
CA GLY A 1 3.88 7.40 8.01
C GLY A 1 3.87 8.01 6.61
N SER A 2 4.87 7.72 5.78
CA SER A 2 5.12 8.40 4.50
C SER A 2 5.78 7.48 3.44
N GLU A 3 5.58 6.16 3.54
CA GLU A 3 6.22 5.14 2.69
C GLU A 3 5.38 3.85 2.65
N VAL A 4 5.31 3.19 1.49
CA VAL A 4 4.63 1.89 1.28
C VAL A 4 5.48 0.94 0.46
N ILE A 5 5.30 -0.35 0.71
CA ILE A 5 5.83 -1.48 -0.07
C ILE A 5 4.91 -1.68 -1.29
N VAL A 6 5.48 -2.06 -2.44
CA VAL A 6 4.77 -2.26 -3.72
C VAL A 6 5.29 -3.51 -4.41
N LYS A 7 4.39 -4.42 -4.83
CA LYS A 7 4.73 -5.83 -5.10
C LYS A 7 4.01 -6.43 -6.33
N ASN A 8 4.61 -7.50 -6.88
CA ASN A 8 4.14 -8.41 -7.95
C ASN A 8 4.38 -7.87 -9.37
N LEU A 9 4.47 -6.54 -9.52
CA LEU A 9 5.32 -5.82 -10.48
C LEU A 9 6.63 -6.62 -10.79
N PRO A 10 6.80 -7.21 -12.00
CA PRO A 10 8.02 -7.92 -12.39
C PRO A 10 9.07 -6.98 -13.00
N ALA A 11 10.19 -7.54 -13.48
CA ALA A 11 11.28 -6.78 -14.09
C ALA A 11 10.85 -5.91 -15.29
N SER A 12 9.76 -6.26 -15.98
CA SER A 12 9.23 -5.51 -17.13
C SER A 12 8.68 -4.11 -16.78
N VAL A 13 8.40 -3.85 -15.50
CA VAL A 13 7.94 -2.56 -14.94
C VAL A 13 9.07 -1.91 -14.12
N ASN A 14 9.94 -1.18 -14.83
CA ASN A 14 11.18 -0.55 -14.34
C ASN A 14 10.91 0.62 -13.36
N TRP A 15 11.96 1.20 -12.76
CA TRP A 15 11.85 2.29 -11.77
C TRP A 15 11.04 3.51 -12.28
N GLN A 16 11.26 3.94 -13.53
CA GLN A 16 10.50 5.04 -14.15
C GLN A 16 8.99 4.72 -14.20
N ALA A 17 8.64 3.50 -14.61
CA ALA A 17 7.25 3.03 -14.65
C ALA A 17 6.66 2.82 -13.25
N LEU A 18 7.45 2.42 -12.25
CA LEU A 18 7.05 2.38 -10.83
C LEU A 18 6.70 3.78 -10.31
N LYS A 19 7.48 4.80 -10.66
CA LYS A 19 7.18 6.20 -10.34
C LYS A 19 5.89 6.65 -11.06
N ASP A 20 5.69 6.22 -12.31
CA ASP A 20 4.48 6.53 -13.09
C ASP A 20 3.18 5.97 -12.48
N ILE A 21 3.25 4.90 -11.67
CA ILE A 21 2.09 4.31 -10.95
C ILE A 21 1.32 5.38 -10.16
N PHE A 22 2.03 6.17 -9.36
CA PHE A 22 1.43 7.19 -8.47
C PHE A 22 1.41 8.58 -9.16
N LYS A 23 2.37 8.87 -10.06
CA LYS A 23 2.49 10.17 -10.74
C LYS A 23 1.27 10.59 -11.58
N GLU A 24 0.38 9.66 -11.97
CA GLU A 24 -0.90 9.97 -12.62
C GLU A 24 -1.87 10.82 -11.76
N CYS A 25 -1.59 10.99 -10.46
CA CYS A 25 -2.28 11.96 -9.59
C CYS A 25 -2.02 13.45 -9.98
N GLY A 26 -1.00 13.71 -10.83
CA GLY A 26 -0.58 15.05 -11.27
C GLY A 26 0.66 15.58 -10.54
N ASN A 27 1.05 14.89 -9.46
CA ASN A 27 2.26 15.09 -8.65
C ASN A 27 2.87 13.73 -8.28
N VAL A 28 4.11 13.68 -7.79
CA VAL A 28 4.71 12.47 -7.18
C VAL A 28 5.65 12.81 -6.02
N ALA A 29 5.60 12.01 -4.95
CA ALA A 29 6.37 12.20 -3.73
C ALA A 29 7.88 11.94 -3.96
N HIS A 30 8.26 10.66 -3.98
CA HIS A 30 9.61 10.14 -4.24
C HIS A 30 9.56 8.61 -4.45
N ALA A 31 10.46 8.06 -5.27
CA ALA A 31 10.39 6.68 -5.77
C ALA A 31 11.77 6.17 -6.22
N ASP A 32 11.98 4.85 -6.08
CA ASP A 32 13.24 4.13 -6.38
C ASP A 32 13.02 2.60 -6.35
N VAL A 33 14.07 1.82 -6.61
CA VAL A 33 14.16 0.36 -6.42
C VAL A 33 15.63 -0.08 -6.49
N GLU A 34 16.02 -1.01 -5.60
CA GLU A 34 17.26 -1.78 -5.74
C GLU A 34 17.04 -2.88 -6.78
N LEU A 35 17.97 -3.01 -7.75
CA LEU A 35 17.79 -3.84 -8.95
C LEU A 35 18.55 -5.18 -8.87
N ASP A 36 18.27 -6.05 -9.84
CA ASP A 36 19.04 -7.25 -10.18
C ASP A 36 20.55 -6.96 -10.37
N GLY A 37 21.40 -7.98 -10.15
CA GLY A 37 22.87 -7.86 -10.16
C GLY A 37 23.51 -7.48 -11.50
N ASP A 38 22.78 -7.61 -12.62
CA ASP A 38 23.20 -7.09 -13.94
C ASP A 38 22.75 -5.62 -14.19
N GLY A 39 22.06 -5.01 -13.21
CA GLY A 39 21.66 -3.59 -13.22
C GLY A 39 20.39 -3.28 -14.02
N VAL A 40 19.55 -4.29 -14.27
CA VAL A 40 18.44 -4.22 -15.24
C VAL A 40 17.16 -3.64 -14.62
N SER A 41 16.58 -4.31 -13.61
CA SER A 41 15.26 -3.99 -13.03
C SER A 41 14.96 -4.88 -11.79
N THR A 42 13.73 -4.78 -11.24
CA THR A 42 13.18 -5.62 -10.14
C THR A 42 11.65 -5.53 -10.07
N GLY A 43 11.10 -4.30 -10.04
CA GLY A 43 9.66 -4.04 -9.94
C GLY A 43 9.17 -3.99 -8.48
N SER A 44 9.18 -5.13 -7.79
CA SER A 44 8.89 -5.22 -6.35
C SER A 44 9.91 -4.43 -5.49
N GLY A 45 9.41 -3.49 -4.69
CA GLY A 45 10.19 -2.62 -3.80
C GLY A 45 9.33 -1.67 -2.95
N THR A 46 9.79 -0.43 -2.77
CA THR A 46 9.17 0.61 -1.92
C THR A 46 9.03 1.94 -2.67
N VAL A 47 7.99 2.69 -2.33
CA VAL A 47 7.79 4.10 -2.76
C VAL A 47 7.46 4.98 -1.56
N SER A 48 7.90 6.22 -1.64
CA SER A 48 7.48 7.27 -0.68
C SER A 48 6.09 7.81 -1.06
N PHE A 49 5.37 8.37 -0.09
CA PHE A 49 3.98 8.79 -0.24
C PHE A 49 3.73 10.27 0.07
N TYR A 50 2.61 10.75 -0.47
CA TYR A 50 2.16 12.15 -0.40
C TYR A 50 1.99 12.63 1.05
N ASP A 51 1.23 11.87 1.86
CA ASP A 51 1.23 11.84 3.33
C ASP A 51 0.34 10.67 3.82
N ILE A 52 0.19 10.51 5.13
CA ILE A 52 -0.54 9.39 5.77
C ILE A 52 -2.00 9.24 5.30
N LYS A 53 -2.69 10.34 4.98
CA LYS A 53 -4.05 10.31 4.41
C LYS A 53 -4.16 9.54 3.10
N ASP A 54 -3.13 9.58 2.25
CA ASP A 54 -3.28 9.24 0.84
C ASP A 54 -3.11 7.75 0.60
N LEU A 55 -2.42 7.05 1.52
CA LEU A 55 -2.43 5.59 1.64
C LEU A 55 -3.87 5.09 1.66
N HIS A 56 -4.71 5.67 2.51
CA HIS A 56 -6.07 5.17 2.73
C HIS A 56 -6.94 5.24 1.45
N ARG A 57 -6.74 6.29 0.64
CA ARG A 57 -7.31 6.43 -0.70
C ARG A 57 -6.67 5.45 -1.71
N ALA A 58 -5.35 5.43 -1.79
CA ALA A 58 -4.56 4.68 -2.78
C ALA A 58 -4.66 3.16 -2.63
N ILE A 59 -4.81 2.64 -1.40
CA ILE A 59 -4.90 1.19 -1.14
C ILE A 59 -6.13 0.53 -1.81
N GLU A 60 -7.23 1.28 -1.96
CA GLU A 60 -8.44 0.84 -2.68
C GLU A 60 -8.33 1.03 -4.22
N LYS A 61 -7.38 1.83 -4.69
CA LYS A 61 -7.16 2.13 -6.11
C LYS A 61 -6.22 1.13 -6.79
N TYR A 62 -5.13 0.76 -6.11
CA TYR A 62 -4.00 0.04 -6.72
C TYR A 62 -3.95 -1.48 -6.45
N ASN A 63 -4.62 -1.96 -5.39
CA ASN A 63 -4.68 -3.40 -5.08
C ASN A 63 -5.49 -4.16 -6.16
N GLY A 64 -4.84 -5.06 -6.91
CA GLY A 64 -5.44 -5.87 -7.97
C GLY A 64 -5.36 -5.25 -9.37
N TYR A 65 -4.78 -4.06 -9.51
CA TYR A 65 -4.67 -3.32 -10.79
C TYR A 65 -3.36 -3.69 -11.52
N SER A 66 -3.41 -4.03 -12.82
CA SER A 66 -2.22 -4.49 -13.56
C SER A 66 -1.47 -3.34 -14.27
N ILE A 67 -0.14 -3.32 -14.16
CA ILE A 67 0.74 -2.28 -14.76
C ILE A 67 1.99 -2.95 -15.36
N GLU A 68 1.99 -3.11 -16.69
CA GLU A 68 3.14 -3.53 -17.50
C GLU A 68 3.78 -4.86 -17.00
N GLY A 69 2.93 -5.79 -16.57
CA GLY A 69 3.35 -7.00 -15.86
C GLY A 69 2.16 -7.75 -15.23
N ASN A 70 2.26 -8.07 -13.94
CA ASN A 70 1.20 -8.77 -13.20
C ASN A 70 0.22 -7.76 -12.55
N VAL A 71 -0.66 -8.20 -11.65
CA VAL A 71 -1.39 -7.26 -10.76
C VAL A 71 -0.41 -6.63 -9.77
N LEU A 72 -0.64 -5.37 -9.40
CA LEU A 72 0.03 -4.70 -8.30
C LEU A 72 -0.71 -5.03 -6.99
N ASP A 73 0.06 -5.20 -5.91
CA ASP A 73 -0.42 -5.08 -4.54
C ASP A 73 0.46 -4.08 -3.77
N VAL A 74 -0.10 -3.47 -2.72
CA VAL A 74 0.48 -2.34 -1.99
C VAL A 74 0.29 -2.57 -0.49
N LYS A 75 1.37 -2.47 0.28
CA LYS A 75 1.45 -2.92 1.68
C LYS A 75 2.16 -1.91 2.60
N SER A 76 1.82 -1.91 3.89
CA SER A 76 2.53 -1.12 4.91
C SER A 76 3.81 -1.81 5.41
N LYS A 77 4.58 -1.12 6.25
CA LYS A 77 5.54 -1.75 7.17
C LYS A 77 4.84 -2.72 8.15
N GLU A 78 5.62 -3.57 8.84
CA GLU A 78 5.12 -4.68 9.66
C GLU A 78 4.29 -4.22 10.88
N SER A 79 4.64 -3.08 11.49
CA SER A 79 3.92 -2.50 12.63
C SER A 79 4.29 -1.02 12.86
N VAL A 80 3.60 -0.35 13.79
CA VAL A 80 3.76 1.06 14.19
C VAL A 80 3.40 1.18 15.68
N HIS A 81 4.30 1.75 16.49
CA HIS A 81 4.09 1.93 17.93
C HIS A 81 2.96 2.95 18.26
N ASN A 82 2.05 2.56 19.15
CA ASN A 82 0.84 3.32 19.51
C ASN A 82 0.31 2.91 20.90
N HIS A 83 -0.24 3.87 21.65
CA HIS A 83 -0.70 3.69 23.04
C HIS A 83 -1.72 4.78 23.48
N SER A 84 -2.47 4.48 24.54
CA SER A 84 -3.53 5.33 25.12
C SER A 84 -3.92 4.76 26.51
N ASP A 85 -5.11 5.09 27.02
CA ASP A 85 -5.71 4.42 28.18
C ASP A 85 -6.06 2.94 27.94
N GLY A 86 -6.07 2.49 26.66
CA GLY A 86 -6.35 1.10 26.25
C GLY A 86 -7.82 0.83 25.91
N ASP A 87 -8.72 1.80 26.15
CA ASP A 87 -10.16 1.75 25.87
C ASP A 87 -10.79 3.16 25.91
N ASP A 88 -12.09 3.23 25.57
CA ASP A 88 -12.90 4.46 25.50
C ASP A 88 -14.26 4.34 26.23
N VAL A 89 -14.35 3.49 27.26
CA VAL A 89 -15.61 3.17 27.96
C VAL A 89 -16.27 4.41 28.59
N ASP A 90 -17.60 4.50 28.47
CA ASP A 90 -18.46 5.57 29.00
C ASP A 90 -19.92 5.10 29.00
N ILE A 91 -20.50 4.92 30.20
CA ILE A 91 -21.86 4.39 30.38
C ILE A 91 -22.93 5.45 30.02
N PRO A 92 -23.96 5.12 29.20
CA PRO A 92 -25.04 6.04 28.86
C PRO A 92 -26.06 6.17 30.01
N MET A 93 -26.87 7.23 29.97
CA MET A 93 -27.90 7.54 30.98
C MET A 93 -28.99 8.48 30.40
N ASP A 94 -30.22 8.29 30.86
CA ASP A 94 -31.43 9.00 30.44
C ASP A 94 -32.58 8.83 31.45
N ASP A 95 -33.52 9.79 31.44
CA ASP A 95 -34.72 9.79 32.28
C ASP A 95 -35.84 10.64 31.64
N SER A 96 -36.90 9.97 31.19
CA SER A 96 -38.12 10.60 30.65
C SER A 96 -39.36 10.33 31.54
N PRO A 97 -40.33 11.27 31.65
CA PRO A 97 -41.50 11.15 32.52
C PRO A 97 -42.56 10.20 31.91
N VAL A 98 -42.20 8.92 31.78
CA VAL A 98 -43.05 7.85 31.22
C VAL A 98 -44.22 7.49 32.15
N ASN A 99 -45.41 7.29 31.58
CA ASN A 99 -46.67 7.00 32.28
C ASN A 99 -47.71 6.33 31.34
N GLY A 1 5.44 12.47 6.05
CA GLY A 1 6.05 11.31 5.34
C GLY A 1 5.35 10.00 5.66
N SER A 2 5.48 8.99 4.79
CA SER A 2 4.92 7.62 4.92
C SER A 2 5.53 6.69 3.84
N GLU A 3 5.30 5.37 3.91
CA GLU A 3 5.92 4.42 2.97
C GLU A 3 5.05 3.17 2.75
N VAL A 4 4.97 2.74 1.48
CA VAL A 4 4.47 1.42 1.06
C VAL A 4 5.50 0.70 0.20
N ILE A 5 5.46 -0.62 0.17
CA ILE A 5 6.32 -1.51 -0.61
C ILE A 5 5.44 -2.23 -1.63
N VAL A 6 5.87 -2.29 -2.90
CA VAL A 6 5.15 -2.98 -4.00
C VAL A 6 5.85 -4.30 -4.34
N LYS A 7 5.07 -5.38 -4.39
CA LYS A 7 5.55 -6.78 -4.34
C LYS A 7 4.79 -7.68 -5.34
N ASN A 8 4.98 -7.36 -6.64
CA ASN A 8 4.35 -8.03 -7.80
C ASN A 8 4.96 -7.60 -9.15
N LEU A 9 5.26 -6.30 -9.31
CA LEU A 9 5.85 -5.66 -10.49
C LEU A 9 7.20 -6.33 -10.86
N PRO A 10 7.35 -6.98 -12.04
CA PRO A 10 8.57 -7.69 -12.47
C PRO A 10 9.52 -6.78 -13.26
N ALA A 11 10.56 -7.35 -13.87
CA ALA A 11 11.60 -6.64 -14.61
C ALA A 11 11.11 -5.74 -15.75
N SER A 12 9.94 -6.04 -16.34
CA SER A 12 9.38 -5.30 -17.49
C SER A 12 8.82 -3.90 -17.12
N VAL A 13 8.60 -3.65 -15.84
CA VAL A 13 8.12 -2.38 -15.25
C VAL A 13 9.29 -1.74 -14.49
N ASN A 14 9.88 -0.69 -15.08
CA ASN A 14 11.03 0.03 -14.55
C ASN A 14 10.63 1.01 -13.43
N TRP A 15 11.61 1.56 -12.69
CA TRP A 15 11.34 2.52 -11.60
C TRP A 15 10.59 3.78 -12.09
N GLN A 16 10.89 4.26 -13.31
CA GLN A 16 10.19 5.42 -13.87
C GLN A 16 8.72 5.11 -14.22
N ALA A 17 8.41 3.87 -14.63
CA ALA A 17 7.04 3.40 -14.79
C ALA A 17 6.31 3.24 -13.44
N LEU A 18 6.99 2.73 -12.40
CA LEU A 18 6.47 2.71 -11.02
C LEU A 18 6.09 4.14 -10.59
N LYS A 19 6.96 5.12 -10.81
CA LYS A 19 6.66 6.53 -10.54
C LYS A 19 5.37 7.01 -11.25
N ASP A 20 5.13 6.58 -12.50
CA ASP A 20 3.90 6.91 -13.24
C ASP A 20 2.63 6.22 -12.68
N ILE A 21 2.74 5.12 -11.91
CA ILE A 21 1.58 4.44 -11.25
C ILE A 21 0.83 5.38 -10.28
N PHE A 22 1.56 6.10 -9.41
CA PHE A 22 0.99 6.93 -8.34
C PHE A 22 0.89 8.43 -8.71
N LYS A 23 1.48 8.83 -9.83
CA LYS A 23 1.58 10.20 -10.38
C LYS A 23 0.27 10.78 -10.94
N GLU A 24 -0.84 10.02 -10.93
CA GLU A 24 -2.14 10.48 -11.45
C GLU A 24 -2.72 11.72 -10.72
N CYS A 25 -2.19 12.06 -9.53
CA CYS A 25 -2.49 13.29 -8.79
C CYS A 25 -1.96 14.58 -9.45
N GLY A 26 -1.24 14.49 -10.57
CA GLY A 26 -0.60 15.61 -11.29
C GLY A 26 0.79 15.90 -10.73
N ASN A 27 0.89 16.10 -9.42
CA ASN A 27 2.14 16.04 -8.66
C ASN A 27 2.64 14.57 -8.53
N VAL A 28 3.87 14.36 -8.04
CA VAL A 28 4.35 13.05 -7.55
C VAL A 28 5.31 13.21 -6.38
N ALA A 29 5.28 12.24 -5.44
CA ALA A 29 6.14 12.16 -4.27
C ALA A 29 7.56 11.65 -4.63
N HIS A 30 7.87 10.40 -4.24
CA HIS A 30 9.19 9.78 -4.32
C HIS A 30 9.08 8.23 -4.30
N ALA A 31 10.01 7.53 -4.95
CA ALA A 31 10.08 6.08 -4.98
C ALA A 31 11.49 5.58 -5.35
N ASP A 32 11.77 4.30 -5.12
CA ASP A 32 13.06 3.65 -5.34
C ASP A 32 12.93 2.12 -5.43
N VAL A 33 13.98 1.46 -5.90
CA VAL A 33 14.05 0.02 -6.23
C VAL A 33 15.42 -0.56 -5.91
N GLU A 34 15.47 -1.87 -5.64
CA GLU A 34 16.70 -2.65 -5.51
C GLU A 34 16.86 -3.53 -6.75
N LEU A 35 17.93 -3.32 -7.53
CA LEU A 35 18.15 -4.02 -8.80
C LEU A 35 18.93 -5.33 -8.61
N ASP A 36 18.83 -6.22 -9.60
CA ASP A 36 19.55 -7.48 -9.66
C ASP A 36 21.00 -7.27 -10.12
N GLY A 37 21.95 -7.95 -9.47
CA GLY A 37 23.39 -7.63 -9.49
C GLY A 37 24.14 -7.89 -10.79
N ASP A 38 23.50 -8.52 -11.79
CA ASP A 38 23.98 -8.58 -13.18
C ASP A 38 23.67 -7.28 -13.97
N GLY A 39 23.01 -6.30 -13.34
CA GLY A 39 22.64 -5.01 -13.92
C GLY A 39 21.27 -5.07 -14.60
N VAL A 40 20.27 -5.62 -13.91
CA VAL A 40 18.94 -5.96 -14.48
C VAL A 40 17.81 -5.44 -13.59
N SER A 41 16.75 -4.92 -14.20
CA SER A 41 15.57 -4.35 -13.54
C SER A 41 14.73 -5.38 -12.73
N THR A 42 13.95 -4.88 -11.77
CA THR A 42 13.26 -5.71 -10.74
C THR A 42 11.83 -5.30 -10.40
N GLY A 43 11.39 -4.09 -10.76
CA GLY A 43 10.03 -3.55 -10.55
C GLY A 43 9.68 -3.32 -9.08
N SER A 44 9.47 -4.41 -8.35
CA SER A 44 9.38 -4.51 -6.89
C SER A 44 10.35 -3.56 -6.14
N GLY A 45 9.78 -2.77 -5.22
CA GLY A 45 10.50 -1.72 -4.47
C GLY A 45 9.64 -0.89 -3.53
N THR A 46 10.20 0.23 -3.08
CA THR A 46 9.63 1.17 -2.09
C THR A 46 9.00 2.39 -2.76
N VAL A 47 7.84 2.79 -2.27
CA VAL A 47 7.13 4.00 -2.67
C VAL A 47 6.97 4.86 -1.41
N SER A 48 7.54 6.06 -1.44
CA SER A 48 7.52 7.03 -0.34
C SER A 48 6.33 7.97 -0.55
N PHE A 49 5.30 7.86 0.30
CA PHE A 49 3.97 8.37 -0.02
C PHE A 49 3.81 9.88 0.20
N TYR A 50 2.81 10.45 -0.48
CA TYR A 50 2.40 11.85 -0.35
C TYR A 50 2.15 12.22 1.13
N ASP A 51 1.28 11.45 1.80
CA ASP A 51 1.11 11.30 3.25
C ASP A 51 0.11 10.16 3.52
N ILE A 52 -0.01 9.73 4.78
CA ILE A 52 -0.97 8.69 5.23
C ILE A 52 -2.43 8.98 4.83
N LYS A 53 -2.79 10.28 4.73
CA LYS A 53 -4.08 10.77 4.22
C LYS A 53 -4.45 10.22 2.82
N ASP A 54 -3.47 10.08 1.92
CA ASP A 54 -3.73 9.63 0.55
C ASP A 54 -3.31 8.17 0.33
N LEU A 55 -2.42 7.64 1.18
CA LEU A 55 -1.94 6.25 1.15
C LEU A 55 -3.10 5.26 1.22
N HIS A 56 -4.01 5.40 2.18
CA HIS A 56 -5.17 4.51 2.33
C HIS A 56 -6.22 4.67 1.20
N ARG A 57 -6.26 5.83 0.52
CA ARG A 57 -7.03 6.05 -0.71
C ARG A 57 -6.39 5.30 -1.89
N ALA A 58 -5.06 5.36 -2.01
CA ALA A 58 -4.28 4.69 -3.05
C ALA A 58 -4.26 3.16 -2.91
N ILE A 59 -4.09 2.62 -1.69
CA ILE A 59 -4.12 1.15 -1.46
C ILE A 59 -5.51 0.53 -1.61
N GLU A 60 -6.58 1.34 -1.58
CA GLU A 60 -7.93 0.92 -1.95
C GLU A 60 -8.12 0.96 -3.48
N LYS A 61 -7.60 2.00 -4.15
CA LYS A 61 -7.71 2.19 -5.60
C LYS A 61 -6.89 1.18 -6.43
N TYR A 62 -5.58 1.07 -6.15
CA TYR A 62 -4.63 0.41 -7.07
C TYR A 62 -4.45 -1.09 -6.83
N ASN A 63 -4.72 -1.61 -5.63
CA ASN A 63 -4.71 -3.05 -5.38
C ASN A 63 -5.79 -3.76 -6.24
N GLY A 64 -5.38 -4.70 -7.10
CA GLY A 64 -6.27 -5.37 -8.06
C GLY A 64 -6.16 -4.87 -9.51
N TYR A 65 -5.29 -3.89 -9.79
CA TYR A 65 -5.04 -3.35 -11.14
C TYR A 65 -3.67 -3.78 -11.69
N SER A 66 -3.54 -4.00 -13.00
CA SER A 66 -2.31 -4.53 -13.64
C SER A 66 -1.65 -3.48 -14.55
N ILE A 67 -0.33 -3.25 -14.39
CA ILE A 67 0.44 -2.25 -15.17
C ILE A 67 1.80 -2.84 -15.57
N GLU A 68 1.96 -3.18 -16.85
CA GLU A 68 3.24 -3.59 -17.48
C GLU A 68 3.90 -4.79 -16.77
N GLY A 69 3.08 -5.70 -16.23
CA GLY A 69 3.53 -6.77 -15.32
C GLY A 69 2.38 -7.56 -14.71
N ASN A 70 2.47 -7.82 -13.39
CA ASN A 70 1.48 -8.60 -12.63
C ASN A 70 0.53 -7.66 -11.86
N VAL A 71 -0.60 -8.18 -11.37
CA VAL A 71 -1.60 -7.40 -10.60
C VAL A 71 -1.01 -6.80 -9.31
N LEU A 72 -1.24 -5.50 -9.11
CA LEU A 72 -0.76 -4.72 -7.96
C LEU A 72 -1.22 -5.27 -6.59
N ASP A 73 -0.22 -5.45 -5.74
CA ASP A 73 -0.28 -5.83 -4.33
C ASP A 73 0.66 -4.89 -3.56
N VAL A 74 0.12 -4.16 -2.58
CA VAL A 74 0.73 -2.97 -1.98
C VAL A 74 0.57 -3.04 -0.46
N LYS A 75 1.67 -2.89 0.28
CA LYS A 75 1.73 -3.11 1.73
C LYS A 75 2.50 -2.00 2.44
N SER A 76 1.99 -1.46 3.55
CA SER A 76 2.63 -0.38 4.29
C SER A 76 3.73 -0.86 5.26
N LYS A 77 4.70 0.03 5.58
CA LYS A 77 5.81 -0.24 6.51
C LYS A 77 5.34 -0.13 7.99
N GLU A 78 4.34 -0.93 8.36
CA GLU A 78 3.64 -0.87 9.66
C GLU A 78 3.34 -2.25 10.30
N SER A 79 2.91 -3.25 9.51
CA SER A 79 2.74 -4.66 9.96
C SER A 79 1.63 -4.87 11.02
N VAL A 80 0.67 -3.95 11.13
CA VAL A 80 -0.48 -4.02 12.06
C VAL A 80 -1.65 -4.76 11.39
N HIS A 81 -2.14 -5.80 12.07
CA HIS A 81 -3.20 -6.70 11.58
C HIS A 81 -4.08 -7.26 12.74
N ASN A 82 -5.39 -7.37 12.48
CA ASN A 82 -6.44 -7.86 13.39
C ASN A 82 -6.66 -6.93 14.60
N HIS A 83 -7.69 -6.08 14.52
CA HIS A 83 -7.97 -5.01 15.49
C HIS A 83 -9.46 -4.56 15.47
N SER A 84 -9.95 -4.04 16.61
CA SER A 84 -11.31 -3.53 16.82
C SER A 84 -11.38 -2.70 18.12
N ASP A 85 -12.33 -1.76 18.22
CA ASP A 85 -12.44 -0.82 19.36
C ASP A 85 -13.09 -1.47 20.61
N GLY A 86 -13.96 -2.47 20.42
CA GLY A 86 -14.60 -3.26 21.48
C GLY A 86 -15.75 -2.55 22.22
N ASP A 87 -16.37 -3.31 23.13
CA ASP A 87 -17.45 -2.91 24.06
C ASP A 87 -18.83 -2.64 23.38
N ASP A 88 -19.91 -2.97 24.11
CA ASP A 88 -21.31 -2.79 23.72
C ASP A 88 -22.23 -2.90 24.95
N VAL A 89 -23.29 -2.07 24.97
CA VAL A 89 -24.26 -1.95 26.07
C VAL A 89 -25.50 -1.15 25.61
N ASP A 90 -26.68 -1.56 26.06
CA ASP A 90 -28.01 -0.94 25.87
C ASP A 90 -28.60 -1.15 24.46
N ILE A 91 -29.80 -1.73 24.40
CA ILE A 91 -30.57 -1.99 23.16
C ILE A 91 -32.05 -1.54 23.31
N PRO A 92 -32.72 -1.10 22.22
CA PRO A 92 -34.12 -0.70 22.26
C PRO A 92 -35.05 -1.93 22.38
N MET A 93 -36.12 -1.77 23.16
CA MET A 93 -37.16 -2.78 23.45
C MET A 93 -38.39 -2.14 24.10
N ASP A 94 -39.50 -2.89 24.15
CA ASP A 94 -40.81 -2.46 24.68
C ASP A 94 -41.74 -3.66 24.98
N ASP A 95 -42.71 -3.43 25.87
CA ASP A 95 -43.76 -4.39 26.25
C ASP A 95 -44.97 -3.66 26.84
N SER A 96 -46.10 -3.66 26.11
CA SER A 96 -47.38 -3.08 26.54
C SER A 96 -48.49 -4.14 26.71
N PRO A 97 -49.42 -3.97 27.67
CA PRO A 97 -50.55 -4.89 27.88
C PRO A 97 -51.59 -4.76 26.76
N VAL A 98 -52.24 -5.88 26.41
CA VAL A 98 -53.23 -5.98 25.31
C VAL A 98 -54.05 -7.27 25.43
N ASN A 99 -55.34 -7.19 25.12
CA ASN A 99 -56.33 -8.29 25.19
C ASN A 99 -57.40 -8.18 24.08
N GLY A 1 5.37 5.90 10.21
CA GLY A 1 5.37 5.44 8.80
C GLY A 1 4.79 6.48 7.85
N SER A 2 5.19 6.42 6.58
CA SER A 2 4.80 7.38 5.51
C SER A 2 5.04 6.83 4.08
N GLU A 3 5.28 5.52 3.95
CA GLU A 3 5.70 4.82 2.73
C GLU A 3 4.97 3.47 2.59
N VAL A 4 5.05 2.85 1.39
CA VAL A 4 4.51 1.51 1.11
C VAL A 4 5.48 0.71 0.23
N ILE A 5 5.40 -0.61 0.34
CA ILE A 5 6.18 -1.57 -0.45
C ILE A 5 5.22 -2.16 -1.49
N VAL A 6 5.65 -2.26 -2.76
CA VAL A 6 4.89 -2.87 -3.87
C VAL A 6 5.54 -4.21 -4.21
N LYS A 7 4.77 -5.29 -4.35
CA LYS A 7 5.30 -6.65 -4.13
C LYS A 7 4.62 -7.76 -4.97
N ASN A 8 4.61 -7.58 -6.31
CA ASN A 8 4.15 -8.60 -7.30
C ASN A 8 4.52 -8.26 -8.76
N LEU A 9 4.71 -6.97 -9.07
CA LEU A 9 5.35 -6.45 -10.29
C LEU A 9 6.69 -7.19 -10.58
N PRO A 10 6.88 -7.73 -11.80
CA PRO A 10 8.15 -8.31 -12.23
C PRO A 10 9.08 -7.20 -12.73
N ALA A 11 10.33 -7.56 -13.04
CA ALA A 11 11.38 -6.64 -13.53
C ALA A 11 11.09 -5.96 -14.88
N SER A 12 9.94 -6.23 -15.51
CA SER A 12 9.46 -5.53 -16.71
C SER A 12 9.12 -4.05 -16.43
N VAL A 13 8.67 -3.70 -15.21
CA VAL A 13 8.44 -2.30 -14.80
C VAL A 13 9.75 -1.66 -14.35
N ASN A 14 10.06 -0.47 -14.89
CA ASN A 14 11.25 0.32 -14.53
C ASN A 14 10.92 1.36 -13.44
N TRP A 15 11.91 1.87 -12.71
CA TRP A 15 11.73 2.88 -11.65
C TRP A 15 10.84 4.08 -12.04
N GLN A 16 10.98 4.60 -13.28
CA GLN A 16 10.18 5.75 -13.77
C GLN A 16 8.70 5.36 -13.95
N ALA A 17 8.43 4.16 -14.47
CA ALA A 17 7.08 3.61 -14.54
C ALA A 17 6.49 3.27 -13.15
N LEU A 18 7.33 2.84 -12.19
CA LEU A 18 6.95 2.66 -10.79
C LEU A 18 6.51 3.97 -10.13
N LYS A 19 7.17 5.10 -10.43
CA LYS A 19 6.70 6.41 -10.00
C LYS A 19 5.29 6.69 -10.58
N ASP A 20 5.12 6.47 -11.88
CA ASP A 20 3.88 6.77 -12.63
C ASP A 20 2.64 6.03 -12.12
N ILE A 21 2.81 4.88 -11.45
CA ILE A 21 1.74 4.13 -10.73
C ILE A 21 0.93 5.05 -9.80
N PHE A 22 1.60 5.99 -9.12
CA PHE A 22 1.00 6.91 -8.14
C PHE A 22 0.99 8.36 -8.66
N LYS A 23 2.03 8.76 -9.42
CA LYS A 23 2.13 10.06 -10.10
C LYS A 23 1.02 10.31 -11.15
N GLU A 24 0.18 9.30 -11.44
CA GLU A 24 -1.15 9.46 -12.06
C GLU A 24 -1.98 10.61 -11.42
N CYS A 25 -1.79 10.88 -10.11
CA CYS A 25 -2.43 11.97 -9.38
C CYS A 25 -2.07 13.40 -9.85
N GLY A 26 -1.11 13.57 -10.77
CA GLY A 26 -0.69 14.86 -11.36
C GLY A 26 0.46 15.56 -10.63
N ASN A 27 0.91 15.00 -9.51
CA ASN A 27 2.05 15.45 -8.68
C ASN A 27 2.87 14.23 -8.23
N VAL A 28 3.97 14.41 -7.50
CA VAL A 28 4.80 13.29 -6.99
C VAL A 28 5.38 13.57 -5.59
N ALA A 29 5.42 12.51 -4.77
CA ALA A 29 6.16 12.45 -3.51
C ALA A 29 7.63 12.07 -3.78
N HIS A 30 8.04 10.82 -3.46
CA HIS A 30 9.39 10.27 -3.68
C HIS A 30 9.35 8.75 -3.95
N ALA A 31 10.26 8.24 -4.77
CA ALA A 31 10.33 6.84 -5.19
C ALA A 31 11.74 6.45 -5.67
N ASP A 32 12.12 5.18 -5.46
CA ASP A 32 13.43 4.61 -5.81
C ASP A 32 13.42 3.08 -5.70
N VAL A 33 14.36 2.41 -6.36
CA VAL A 33 14.59 0.95 -6.36
C VAL A 33 16.03 0.65 -6.74
N GLU A 34 16.67 -0.21 -5.95
CA GLU A 34 17.95 -0.84 -6.30
C GLU A 34 17.74 -1.94 -7.34
N LEU A 35 18.54 -1.90 -8.42
CA LEU A 35 18.44 -2.87 -9.52
C LEU A 35 19.28 -4.12 -9.26
N ASP A 36 18.88 -5.25 -9.85
CA ASP A 36 19.53 -6.55 -9.66
C ASP A 36 20.86 -6.67 -10.44
N GLY A 37 21.81 -7.46 -9.92
CA GLY A 37 23.16 -7.63 -10.49
C GLY A 37 23.22 -8.36 -11.84
N ASP A 38 22.15 -9.05 -12.25
CA ASP A 38 21.98 -9.57 -13.62
C ASP A 38 21.47 -8.52 -14.62
N GLY A 39 21.25 -7.28 -14.17
CA GLY A 39 20.94 -6.11 -15.02
C GLY A 39 19.45 -5.99 -15.35
N VAL A 40 18.58 -6.11 -14.34
CA VAL A 40 17.11 -6.10 -14.49
C VAL A 40 16.43 -5.26 -13.40
N SER A 41 15.27 -4.69 -13.74
CA SER A 41 14.78 -3.42 -13.16
C SER A 41 13.91 -3.52 -11.89
N THR A 42 13.85 -4.70 -11.25
CA THR A 42 13.30 -4.96 -9.89
C THR A 42 11.95 -4.29 -9.62
N GLY A 43 10.86 -4.90 -10.10
CA GLY A 43 9.50 -4.34 -10.01
C GLY A 43 8.95 -4.31 -8.59
N SER A 44 9.07 -5.41 -7.86
CA SER A 44 8.91 -5.48 -6.41
C SER A 44 9.94 -4.56 -5.69
N GLY A 45 9.45 -3.56 -4.96
CA GLY A 45 10.27 -2.51 -4.34
C GLY A 45 9.50 -1.46 -3.53
N THR A 46 10.14 -0.31 -3.30
CA THR A 46 9.69 0.75 -2.36
C THR A 46 9.11 1.97 -3.08
N VAL A 47 8.11 2.61 -2.46
CA VAL A 47 7.57 3.93 -2.86
C VAL A 47 7.15 4.72 -1.61
N SER A 48 7.47 6.00 -1.59
CA SER A 48 7.13 6.92 -0.49
C SER A 48 5.93 7.80 -0.85
N PHE A 49 5.07 8.12 0.13
CA PHE A 49 3.74 8.67 -0.13
C PHE A 49 3.60 10.17 0.13
N TYR A 50 2.58 10.74 -0.51
CA TYR A 50 2.17 12.14 -0.36
C TYR A 50 1.86 12.48 1.11
N ASP A 51 0.93 11.72 1.71
CA ASP A 51 0.68 11.53 3.14
C ASP A 51 -0.37 10.41 3.32
N ILE A 52 -0.73 10.08 4.55
CA ILE A 52 -1.75 9.06 4.90
C ILE A 52 -3.14 9.43 4.32
N LYS A 53 -3.40 10.71 4.10
CA LYS A 53 -4.57 11.21 3.34
C LYS A 53 -4.75 10.58 1.95
N ASP A 54 -3.64 10.25 1.27
CA ASP A 54 -3.67 9.76 -0.11
C ASP A 54 -3.28 8.28 -0.21
N LEU A 55 -2.49 7.79 0.76
CA LEU A 55 -2.02 6.41 0.85
C LEU A 55 -3.20 5.42 0.83
N HIS A 56 -4.22 5.65 1.65
CA HIS A 56 -5.43 4.80 1.70
C HIS A 56 -6.29 4.93 0.43
N ARG A 57 -6.30 6.10 -0.23
CA ARG A 57 -7.00 6.29 -1.52
C ARG A 57 -6.29 5.53 -2.65
N ALA A 58 -4.95 5.49 -2.62
CA ALA A 58 -4.11 4.72 -3.53
C ALA A 58 -4.22 3.21 -3.30
N ILE A 59 -4.11 2.73 -2.05
CA ILE A 59 -4.23 1.28 -1.75
C ILE A 59 -5.67 0.73 -1.96
N GLU A 60 -6.69 1.58 -1.93
CA GLU A 60 -8.06 1.21 -2.31
C GLU A 60 -8.22 1.08 -3.85
N LYS A 61 -7.48 1.87 -4.64
CA LYS A 61 -7.59 1.90 -6.11
C LYS A 61 -6.67 0.87 -6.80
N TYR A 62 -5.37 0.88 -6.48
CA TYR A 62 -4.34 0.20 -7.28
C TYR A 62 -4.06 -1.25 -6.87
N ASN A 63 -4.46 -1.68 -5.67
CA ASN A 63 -4.25 -3.05 -5.21
C ASN A 63 -5.17 -4.02 -5.99
N GLY A 64 -4.60 -4.85 -6.86
CA GLY A 64 -5.32 -5.70 -7.82
C GLY A 64 -5.38 -5.13 -9.25
N TYR A 65 -4.79 -3.95 -9.51
CA TYR A 65 -4.68 -3.32 -10.83
C TYR A 65 -3.30 -3.58 -11.47
N SER A 66 -3.23 -3.73 -12.79
CA SER A 66 -2.01 -4.11 -13.51
C SER A 66 -1.42 -2.97 -14.36
N ILE A 67 -0.12 -2.69 -14.18
CA ILE A 67 0.62 -1.63 -14.91
C ILE A 67 2.05 -2.11 -15.19
N GLU A 68 2.41 -2.28 -16.47
CA GLU A 68 3.78 -2.60 -16.93
C GLU A 68 4.30 -3.95 -16.39
N GLY A 69 3.39 -4.89 -16.07
CA GLY A 69 3.70 -6.15 -15.40
C GLY A 69 2.48 -6.98 -15.01
N ASN A 70 2.46 -7.49 -13.78
CA ASN A 70 1.34 -8.26 -13.22
C ASN A 70 0.29 -7.30 -12.61
N VAL A 71 -0.77 -7.81 -11.98
CA VAL A 71 -1.50 -7.03 -10.95
C VAL A 71 -0.51 -6.68 -9.83
N LEU A 72 -0.62 -5.48 -9.26
CA LEU A 72 0.20 -5.09 -8.11
C LEU A 72 -0.57 -5.27 -6.79
N ASP A 73 0.17 -5.70 -5.77
CA ASP A 73 -0.29 -5.82 -4.38
C ASP A 73 0.67 -5.03 -3.47
N VAL A 74 0.10 -4.29 -2.52
CA VAL A 74 0.77 -3.25 -1.74
C VAL A 74 0.77 -3.61 -0.25
N LYS A 75 1.90 -3.40 0.42
CA LYS A 75 2.19 -3.83 1.79
C LYS A 75 2.84 -2.70 2.63
N SER A 76 2.77 -2.81 3.96
CA SER A 76 3.31 -1.82 4.91
C SER A 76 4.45 -2.41 5.77
N LYS A 77 5.40 -1.55 6.14
CA LYS A 77 6.49 -1.86 7.08
C LYS A 77 6.09 -1.63 8.56
N GLU A 78 4.86 -1.17 8.82
CA GLU A 78 4.37 -0.71 10.13
C GLU A 78 2.86 -0.95 10.28
N SER A 79 2.43 -1.45 11.44
CA SER A 79 1.01 -1.60 11.82
C SER A 79 0.85 -1.97 13.32
N VAL A 80 -0.34 -1.74 13.90
CA VAL A 80 -0.65 -1.96 15.34
C VAL A 80 -2.10 -2.37 15.55
N HIS A 81 -2.37 -3.13 16.61
CA HIS A 81 -3.71 -3.59 17.03
C HIS A 81 -3.76 -3.97 18.54
N ASN A 82 -4.93 -3.74 19.18
CA ASN A 82 -5.23 -4.05 20.57
C ASN A 82 -6.76 -4.05 20.83
N HIS A 83 -7.23 -4.95 21.70
CA HIS A 83 -8.65 -5.09 22.06
C HIS A 83 -8.86 -5.77 23.44
N SER A 84 -9.92 -5.39 24.15
CA SER A 84 -10.42 -5.99 25.38
C SER A 84 -11.87 -5.54 25.69
N ASP A 85 -12.66 -6.38 26.37
CA ASP A 85 -14.10 -6.14 26.62
C ASP A 85 -14.46 -5.77 28.07
N GLY A 86 -13.61 -6.13 29.05
CA GLY A 86 -13.81 -5.82 30.48
C GLY A 86 -14.94 -6.62 31.16
N ASP A 87 -15.26 -6.23 32.40
CA ASP A 87 -16.30 -6.83 33.24
C ASP A 87 -16.65 -5.91 34.44
N ASP A 88 -17.90 -6.01 34.93
CA ASP A 88 -18.47 -5.26 36.05
C ASP A 88 -19.79 -5.92 36.51
N VAL A 89 -20.16 -5.66 37.76
CA VAL A 89 -21.37 -6.15 38.45
C VAL A 89 -21.85 -5.08 39.45
N ASP A 90 -23.14 -4.74 39.39
CA ASP A 90 -23.81 -3.71 40.20
C ASP A 90 -25.34 -3.85 40.06
N ILE A 91 -26.02 -4.16 41.17
CA ILE A 91 -27.47 -4.39 41.24
C ILE A 91 -28.07 -3.57 42.42
N PRO A 92 -29.06 -2.69 42.18
CA PRO A 92 -29.74 -1.94 43.23
C PRO A 92 -30.79 -2.82 43.94
N MET A 93 -30.95 -2.64 45.25
CA MET A 93 -31.83 -3.43 46.12
C MET A 93 -32.05 -2.78 47.50
N ASP A 94 -33.20 -3.06 48.12
CA ASP A 94 -33.63 -2.52 49.43
C ASP A 94 -34.82 -3.33 50.00
N ASP A 95 -34.98 -3.26 51.33
CA ASP A 95 -36.06 -3.88 52.11
C ASP A 95 -36.50 -2.99 53.30
N SER A 96 -36.05 -1.72 53.35
CA SER A 96 -36.32 -0.79 54.45
C SER A 96 -37.81 -0.35 54.50
N PRO A 97 -38.46 -0.34 55.70
CA PRO A 97 -39.88 0.01 55.84
C PRO A 97 -40.15 1.53 55.82
N VAL A 98 -39.17 2.37 56.19
CA VAL A 98 -39.23 3.86 56.26
C VAL A 98 -39.95 4.37 57.53
N ASN A 99 -39.55 5.55 58.01
CA ASN A 99 -40.02 6.20 59.23
C ASN A 99 -40.09 7.73 59.09
N GLY A 1 1.83 5.93 9.21
CA GLY A 1 1.84 5.25 7.89
C GLY A 1 1.97 6.22 6.74
N SER A 2 3.11 6.21 6.04
CA SER A 2 3.44 7.19 4.99
C SER A 2 4.41 6.63 3.91
N GLU A 3 4.48 5.30 3.76
CA GLU A 3 5.41 4.59 2.87
C GLU A 3 4.94 3.15 2.62
N VAL A 4 5.10 2.65 1.39
CA VAL A 4 4.71 1.28 0.97
C VAL A 4 5.81 0.62 0.13
N ILE A 5 5.79 -0.71 0.10
CA ILE A 5 6.63 -1.58 -0.73
C ILE A 5 5.69 -2.34 -1.68
N VAL A 6 6.09 -2.49 -2.95
CA VAL A 6 5.30 -3.20 -3.98
C VAL A 6 6.12 -4.36 -4.52
N LYS A 7 5.52 -5.56 -4.57
CA LYS A 7 6.25 -6.83 -4.59
C LYS A 7 5.53 -7.91 -5.43
N ASN A 8 5.32 -7.59 -6.71
CA ASN A 8 4.59 -8.44 -7.69
C ASN A 8 4.85 -7.99 -9.14
N LEU A 9 4.78 -6.67 -9.39
CA LEU A 9 5.39 -5.97 -10.55
C LEU A 9 6.80 -6.54 -10.87
N PRO A 10 7.04 -7.13 -12.06
CA PRO A 10 8.30 -7.76 -12.45
C PRO A 10 9.20 -6.79 -13.24
N ALA A 11 10.36 -7.27 -13.68
CA ALA A 11 11.35 -6.52 -14.46
C ALA A 11 10.82 -5.87 -15.76
N SER A 12 9.62 -6.26 -16.21
CA SER A 12 8.91 -5.63 -17.34
C SER A 12 8.46 -4.18 -17.07
N VAL A 13 8.34 -3.75 -15.79
CA VAL A 13 8.07 -2.35 -15.42
C VAL A 13 9.36 -1.64 -14.97
N ASN A 14 9.60 -0.43 -15.49
CA ASN A 14 10.75 0.42 -15.15
C ASN A 14 10.43 1.36 -13.98
N TRP A 15 11.43 1.87 -13.25
CA TRP A 15 11.22 2.79 -12.13
C TRP A 15 10.51 4.10 -12.55
N GLN A 16 10.72 4.57 -13.79
CA GLN A 16 10.04 5.77 -14.32
C GLN A 16 8.54 5.51 -14.53
N ALA A 17 8.17 4.28 -14.91
CA ALA A 17 6.78 3.81 -14.92
C ALA A 17 6.20 3.63 -13.51
N LEU A 18 6.96 3.11 -12.52
CA LEU A 18 6.55 3.05 -11.11
C LEU A 18 6.13 4.45 -10.63
N LYS A 19 6.97 5.45 -10.86
CA LYS A 19 6.67 6.86 -10.55
C LYS A 19 5.29 7.29 -11.09
N ASP A 20 4.95 6.94 -12.33
CA ASP A 20 3.67 7.27 -12.96
C ASP A 20 2.45 6.56 -12.35
N ILE A 21 2.62 5.39 -11.72
CA ILE A 21 1.55 4.64 -11.01
C ILE A 21 0.83 5.53 -9.98
N PHE A 22 1.59 6.29 -9.19
CA PHE A 22 1.08 7.12 -8.09
C PHE A 22 0.91 8.58 -8.52
N LYS A 23 1.79 9.09 -9.40
CA LYS A 23 1.69 10.42 -10.02
C LYS A 23 0.41 10.63 -10.87
N GLU A 24 -0.34 9.55 -11.13
CA GLU A 24 -1.72 9.58 -11.64
C GLU A 24 -2.67 10.47 -10.80
N CYS A 25 -2.37 10.70 -9.50
CA CYS A 25 -3.09 11.65 -8.64
C CYS A 25 -3.02 13.14 -9.06
N GLY A 26 -2.19 13.50 -10.05
CA GLY A 26 -2.05 14.89 -10.56
C GLY A 26 -0.99 15.73 -9.83
N ASN A 27 -0.29 15.14 -8.87
CA ASN A 27 0.87 15.68 -8.15
C ASN A 27 1.92 14.55 -7.99
N VAL A 28 3.06 14.75 -7.33
CA VAL A 28 4.11 13.72 -7.17
C VAL A 28 4.62 13.58 -5.72
N ALA A 29 4.98 12.34 -5.37
CA ALA A 29 5.66 11.95 -4.13
C ALA A 29 7.14 11.59 -4.41
N HIS A 30 7.55 10.35 -4.09
CA HIS A 30 8.92 9.84 -4.17
C HIS A 30 8.98 8.28 -4.20
N ALA A 31 10.06 7.71 -4.74
CA ALA A 31 10.26 6.25 -4.86
C ALA A 31 11.73 5.85 -5.01
N ASP A 32 12.01 4.55 -4.81
CA ASP A 32 13.34 3.92 -4.94
C ASP A 32 13.20 2.41 -5.21
N VAL A 33 14.25 1.78 -5.75
CA VAL A 33 14.25 0.39 -6.23
C VAL A 33 15.66 -0.19 -6.10
N GLU A 34 15.76 -1.47 -5.71
CA GLU A 34 17.00 -2.27 -5.77
C GLU A 34 16.84 -3.38 -6.82
N LEU A 35 17.86 -3.57 -7.66
CA LEU A 35 17.80 -4.44 -8.85
C LEU A 35 18.43 -5.83 -8.60
N ASP A 36 18.26 -6.70 -9.59
CA ASP A 36 18.98 -7.97 -9.78
C ASP A 36 20.52 -7.83 -9.63
N GLY A 37 21.19 -8.93 -9.25
CA GLY A 37 22.61 -8.97 -8.91
C GLY A 37 23.59 -8.84 -10.09
N ASP A 38 23.08 -8.78 -11.32
CA ASP A 38 23.80 -8.42 -12.55
C ASP A 38 23.28 -7.09 -13.16
N GLY A 39 22.28 -6.47 -12.51
CA GLY A 39 21.69 -5.18 -12.87
C GLY A 39 20.44 -5.26 -13.73
N VAL A 40 19.89 -6.47 -13.94
CA VAL A 40 18.79 -6.73 -14.90
C VAL A 40 17.41 -6.50 -14.24
N SER A 41 17.21 -5.27 -13.76
CA SER A 41 15.92 -4.74 -13.25
C SER A 41 15.32 -5.50 -12.03
N THR A 42 14.06 -5.23 -11.68
CA THR A 42 13.25 -5.90 -10.62
C THR A 42 11.77 -5.56 -10.70
N GLY A 43 11.44 -4.27 -10.89
CA GLY A 43 10.07 -3.75 -10.92
C GLY A 43 9.51 -3.50 -9.53
N SER A 44 9.50 -4.54 -8.70
CA SER A 44 9.21 -4.48 -7.26
C SER A 44 10.15 -3.51 -6.51
N GLY A 45 9.60 -2.39 -6.02
CA GLY A 45 10.34 -1.34 -5.30
C GLY A 45 9.60 -0.76 -4.10
N THR A 46 10.09 0.38 -3.60
CA THR A 46 9.59 1.11 -2.43
C THR A 46 9.09 2.47 -2.89
N VAL A 47 7.99 2.92 -2.30
CA VAL A 47 7.26 4.14 -2.66
C VAL A 47 7.04 4.95 -1.39
N SER A 48 7.63 6.13 -1.34
CA SER A 48 7.66 7.02 -0.17
C SER A 48 6.62 8.13 -0.39
N PHE A 49 5.52 8.10 0.39
CA PHE A 49 4.24 8.63 -0.05
C PHE A 49 4.03 10.13 0.23
N TYR A 50 2.97 10.69 -0.37
CA TYR A 50 2.52 12.07 -0.18
C TYR A 50 2.32 12.38 1.32
N ASP A 51 1.33 11.70 1.93
CA ASP A 51 1.10 11.47 3.36
C ASP A 51 -0.07 10.47 3.51
N ILE A 52 -0.51 10.19 4.74
CA ILE A 52 -1.55 9.19 5.05
C ILE A 52 -2.88 9.39 4.28
N LYS A 53 -3.30 10.64 4.06
CA LYS A 53 -4.54 10.98 3.35
C LYS A 53 -4.65 10.35 1.96
N ASP A 54 -3.59 10.50 1.15
CA ASP A 54 -3.61 10.05 -0.24
C ASP A 54 -3.08 8.62 -0.36
N LEU A 55 -2.35 8.14 0.65
CA LEU A 55 -1.93 6.75 0.74
C LEU A 55 -3.14 5.83 0.93
N HIS A 56 -4.05 6.14 1.85
CA HIS A 56 -5.26 5.33 2.07
C HIS A 56 -6.25 5.40 0.88
N ARG A 57 -6.16 6.44 0.04
CA ARG A 57 -6.75 6.47 -1.31
C ARG A 57 -6.02 5.53 -2.28
N ALA A 58 -4.69 5.65 -2.43
CA ALA A 58 -3.87 4.86 -3.34
C ALA A 58 -3.97 3.34 -3.09
N ILE A 59 -3.92 2.91 -1.82
CA ILE A 59 -4.06 1.49 -1.43
C ILE A 59 -5.45 0.90 -1.75
N GLU A 60 -6.48 1.75 -1.91
CA GLU A 60 -7.81 1.35 -2.37
C GLU A 60 -7.86 1.27 -3.91
N LYS A 61 -7.33 2.27 -4.62
CA LYS A 61 -7.39 2.32 -6.09
C LYS A 61 -6.49 1.29 -6.79
N TYR A 62 -5.22 1.18 -6.38
CA TYR A 62 -4.19 0.51 -7.19
C TYR A 62 -3.90 -0.94 -6.79
N ASN A 63 -4.21 -1.36 -5.56
CA ASN A 63 -3.98 -2.74 -5.13
C ASN A 63 -4.93 -3.71 -5.88
N GLY A 64 -4.35 -4.67 -6.62
CA GLY A 64 -5.07 -5.59 -7.51
C GLY A 64 -5.17 -5.12 -8.98
N TYR A 65 -4.63 -3.94 -9.32
CA TYR A 65 -4.61 -3.39 -10.68
C TYR A 65 -3.25 -3.64 -11.36
N SER A 66 -3.24 -3.98 -12.66
CA SER A 66 -2.03 -4.35 -13.41
C SER A 66 -1.52 -3.23 -14.34
N ILE A 67 -0.20 -2.98 -14.30
CA ILE A 67 0.48 -1.89 -15.06
C ILE A 67 1.86 -2.40 -15.51
N GLU A 68 2.07 -2.57 -16.82
CA GLU A 68 3.37 -2.97 -17.42
C GLU A 68 3.91 -4.33 -16.90
N GLY A 69 3.01 -5.21 -16.44
CA GLY A 69 3.36 -6.51 -15.84
C GLY A 69 2.19 -7.17 -15.11
N ASN A 70 2.42 -7.60 -13.86
CA ASN A 70 1.44 -8.30 -13.04
C ASN A 70 0.50 -7.31 -12.32
N VAL A 71 -0.49 -7.82 -11.58
CA VAL A 71 -1.25 -7.00 -10.61
C VAL A 71 -0.34 -6.45 -9.51
N LEU A 72 -0.68 -5.28 -8.98
CA LEU A 72 -0.06 -4.70 -7.79
C LEU A 72 -0.49 -5.43 -6.51
N ASP A 73 0.49 -5.69 -5.64
CA ASP A 73 0.29 -6.12 -4.26
C ASP A 73 1.05 -5.14 -3.35
N VAL A 74 0.30 -4.31 -2.62
CA VAL A 74 0.78 -3.10 -1.93
C VAL A 74 0.73 -3.31 -0.41
N LYS A 75 1.89 -3.21 0.25
CA LYS A 75 2.09 -3.53 1.67
C LYS A 75 3.01 -2.50 2.38
N SER A 76 2.99 -2.46 3.71
CA SER A 76 3.75 -1.48 4.50
C SER A 76 4.28 -2.06 5.84
N LYS A 77 5.31 -1.42 6.40
CA LYS A 77 5.94 -1.81 7.68
C LYS A 77 5.16 -1.27 8.90
N GLU A 78 3.89 -1.65 9.03
CA GLU A 78 2.94 -1.13 10.03
C GLU A 78 1.75 -2.08 10.21
N SER A 79 1.17 -2.11 11.42
CA SER A 79 -0.03 -2.89 11.75
C SER A 79 -0.65 -2.47 13.10
N VAL A 80 -1.88 -2.94 13.39
CA VAL A 80 -2.69 -2.54 14.57
C VAL A 80 -3.57 -3.69 15.09
N HIS A 81 -3.88 -3.66 16.38
CA HIS A 81 -4.71 -4.68 17.07
C HIS A 81 -6.21 -4.62 16.68
N ASN A 82 -6.89 -5.76 16.81
CA ASN A 82 -8.33 -5.96 16.51
C ASN A 82 -8.87 -7.25 17.17
N HIS A 83 -10.14 -7.60 16.93
CA HIS A 83 -10.79 -8.85 17.34
C HIS A 83 -10.88 -9.04 18.88
N SER A 84 -10.84 -7.96 19.66
CA SER A 84 -10.66 -7.97 21.12
C SER A 84 -11.21 -6.68 21.78
N ASP A 85 -12.28 -6.11 21.20
CA ASP A 85 -12.65 -4.70 21.33
C ASP A 85 -13.96 -4.45 22.10
N GLY A 86 -14.63 -5.52 22.57
CA GLY A 86 -15.81 -5.46 23.46
C GLY A 86 -17.17 -5.49 22.75
N ASP A 87 -18.22 -5.63 23.54
CA ASP A 87 -19.63 -5.71 23.16
C ASP A 87 -20.54 -5.19 24.31
N ASP A 88 -21.75 -4.73 23.97
CA ASP A 88 -22.73 -4.15 24.88
C ASP A 88 -24.14 -4.15 24.28
N VAL A 89 -25.15 -4.23 25.14
CA VAL A 89 -26.59 -4.27 24.81
C VAL A 89 -27.43 -3.98 26.07
N ASP A 90 -28.54 -3.27 25.90
CA ASP A 90 -29.48 -2.87 26.96
C ASP A 90 -30.83 -2.46 26.33
N ILE A 91 -31.87 -3.25 26.60
CA ILE A 91 -33.24 -3.11 26.06
C ILE A 91 -34.31 -3.23 27.17
N PRO A 92 -35.47 -2.54 27.03
CA PRO A 92 -36.60 -2.69 27.95
C PRO A 92 -37.29 -4.05 27.75
N MET A 93 -37.86 -4.59 28.83
CA MET A 93 -38.43 -5.95 28.87
C MET A 93 -39.60 -6.12 29.87
N ASP A 94 -40.15 -5.01 30.37
CA ASP A 94 -41.25 -4.95 31.35
C ASP A 94 -41.95 -3.58 31.34
N ASP A 95 -43.18 -3.54 31.88
CA ASP A 95 -44.01 -2.35 32.04
C ASP A 95 -45.04 -2.56 33.15
N SER A 96 -44.76 -2.03 34.34
CA SER A 96 -45.60 -2.17 35.56
C SER A 96 -46.18 -0.82 36.04
N PRO A 97 -47.36 -0.83 36.71
CA PRO A 97 -48.00 0.38 37.21
C PRO A 97 -47.27 0.95 38.44
N VAL A 98 -47.31 2.27 38.59
CA VAL A 98 -46.62 3.03 39.67
C VAL A 98 -47.20 4.45 39.79
N ASN A 99 -47.35 4.93 41.03
CA ASN A 99 -47.91 6.24 41.39
C ASN A 99 -47.46 6.68 42.79
N GLY A 1 3.78 10.42 7.42
CA GLY A 1 3.70 9.46 6.28
C GLY A 1 4.42 8.15 6.58
N SER A 2 3.72 7.01 6.51
CA SER A 2 4.25 5.69 6.93
C SER A 2 4.92 4.89 5.80
N GLU A 3 4.77 5.32 4.54
CA GLU A 3 5.33 4.73 3.30
C GLU A 3 4.65 3.40 2.90
N VAL A 4 4.84 2.96 1.66
CA VAL A 4 4.37 1.64 1.15
C VAL A 4 5.45 0.97 0.30
N ILE A 5 5.33 -0.35 0.14
CA ILE A 5 6.26 -1.25 -0.55
C ILE A 5 5.44 -2.13 -1.51
N VAL A 6 5.94 -2.42 -2.71
CA VAL A 6 5.20 -3.16 -3.74
C VAL A 6 6.04 -4.32 -4.30
N LYS A 7 5.42 -5.49 -4.41
CA LYS A 7 6.10 -6.79 -4.61
C LYS A 7 5.26 -7.78 -5.46
N ASN A 8 5.17 -7.54 -6.77
CA ASN A 8 4.58 -8.44 -7.78
C ASN A 8 4.88 -7.95 -9.22
N LEU A 9 4.78 -6.63 -9.44
CA LEU A 9 5.49 -5.84 -10.48
C LEU A 9 6.85 -6.49 -10.85
N PRO A 10 7.03 -7.05 -12.08
CA PRO A 10 8.23 -7.78 -12.51
C PRO A 10 9.22 -6.88 -13.28
N ALA A 11 10.26 -7.47 -13.89
CA ALA A 11 11.35 -6.74 -14.56
C ALA A 11 10.93 -5.78 -15.70
N SER A 12 9.74 -5.96 -16.29
CA SER A 12 9.22 -5.06 -17.34
C SER A 12 8.68 -3.71 -16.80
N VAL A 13 8.51 -3.60 -15.48
CA VAL A 13 8.24 -2.36 -14.72
C VAL A 13 9.51 -2.01 -13.92
N ASN A 14 9.79 -0.70 -13.75
CA ASN A 14 10.98 -0.17 -13.09
C ASN A 14 10.68 1.25 -12.56
N TRP A 15 11.60 1.89 -11.83
CA TRP A 15 11.40 3.16 -11.09
C TRP A 15 10.59 4.23 -11.87
N GLN A 16 10.95 4.52 -13.12
CA GLN A 16 10.29 5.60 -13.87
C GLN A 16 8.83 5.26 -14.22
N ALA A 17 8.50 4.00 -14.50
CA ALA A 17 7.11 3.52 -14.60
C ALA A 17 6.41 3.46 -13.23
N LEU A 18 7.12 3.07 -12.16
CA LEU A 18 6.57 3.02 -10.80
C LEU A 18 6.12 4.39 -10.32
N LYS A 19 6.83 5.47 -10.69
CA LYS A 19 6.37 6.85 -10.45
C LYS A 19 4.95 7.06 -11.00
N ASP A 20 4.73 6.71 -12.27
CA ASP A 20 3.47 6.93 -13.00
C ASP A 20 2.26 6.22 -12.35
N ILE A 21 2.49 5.10 -11.64
CA ILE A 21 1.46 4.38 -10.84
C ILE A 21 0.70 5.31 -9.89
N PHE A 22 1.41 6.18 -9.15
CA PHE A 22 0.83 7.05 -8.11
C PHE A 22 0.74 8.53 -8.57
N LYS A 23 1.59 8.93 -9.51
CA LYS A 23 1.65 10.28 -10.12
C LYS A 23 0.39 10.69 -10.92
N GLU A 24 -0.62 9.83 -11.05
CA GLU A 24 -1.95 10.19 -11.58
C GLU A 24 -2.64 11.31 -10.76
N CYS A 25 -2.23 11.52 -9.50
CA CYS A 25 -2.64 12.65 -8.65
C CYS A 25 -2.09 14.03 -9.11
N GLY A 26 -1.31 14.08 -10.20
CA GLY A 26 -0.72 15.29 -10.79
C GLY A 26 0.74 15.43 -10.40
N ASN A 27 0.98 15.86 -9.16
CA ASN A 27 2.31 15.91 -8.55
C ASN A 27 2.80 14.49 -8.17
N VAL A 28 4.05 14.35 -7.69
CA VAL A 28 4.59 13.10 -7.14
C VAL A 28 5.54 13.36 -5.96
N ALA A 29 5.47 12.50 -4.95
CA ALA A 29 6.30 12.55 -3.75
C ALA A 29 7.73 12.04 -4.03
N HIS A 30 8.01 10.76 -3.74
CA HIS A 30 9.29 10.09 -3.97
C HIS A 30 9.15 8.55 -3.97
N ALA A 31 9.95 7.83 -4.77
CA ALA A 31 9.92 6.37 -4.85
C ALA A 31 11.24 5.79 -5.41
N ASP A 32 11.41 4.46 -5.37
CA ASP A 32 12.62 3.80 -5.83
C ASP A 32 12.44 2.31 -6.21
N VAL A 33 13.31 1.86 -7.11
CA VAL A 33 13.49 0.50 -7.65
C VAL A 33 14.92 0.43 -8.16
N GLU A 34 15.63 -0.66 -7.87
CA GLU A 34 17.01 -0.86 -8.34
C GLU A 34 17.21 -2.25 -8.96
N LEU A 35 18.05 -2.31 -10.00
CA LEU A 35 18.45 -3.54 -10.66
C LEU A 35 19.27 -4.46 -9.73
N ASP A 36 19.06 -5.77 -9.88
CA ASP A 36 19.87 -6.82 -9.26
C ASP A 36 21.27 -6.88 -9.87
N GLY A 37 22.26 -7.33 -9.08
CA GLY A 37 23.68 -7.40 -9.48
C GLY A 37 24.00 -8.39 -10.61
N ASP A 38 23.06 -9.25 -11.00
CA ASP A 38 23.11 -10.03 -12.24
C ASP A 38 22.93 -9.18 -13.52
N GLY A 39 22.61 -7.89 -13.36
CA GLY A 39 22.45 -6.91 -14.45
C GLY A 39 21.05 -6.92 -15.06
N VAL A 40 20.02 -6.86 -14.21
CA VAL A 40 18.62 -7.06 -14.61
C VAL A 40 17.63 -6.37 -13.65
N SER A 41 16.54 -5.85 -14.20
CA SER A 41 15.45 -5.21 -13.44
C SER A 41 14.65 -6.22 -12.57
N THR A 42 13.77 -5.70 -11.70
CA THR A 42 13.01 -6.48 -10.71
C THR A 42 11.58 -5.98 -10.44
N GLY A 43 11.29 -4.69 -10.68
CA GLY A 43 9.96 -4.06 -10.52
C GLY A 43 9.53 -3.84 -9.07
N SER A 44 9.67 -4.86 -8.23
CA SER A 44 9.54 -4.80 -6.77
C SER A 44 10.41 -3.69 -6.15
N GLY A 45 9.77 -2.79 -5.40
CA GLY A 45 10.40 -1.60 -4.82
C GLY A 45 9.55 -0.85 -3.80
N THR A 46 10.00 0.36 -3.44
CA THR A 46 9.49 1.19 -2.33
C THR A 46 8.87 2.48 -2.85
N VAL A 47 7.92 3.01 -2.10
CA VAL A 47 7.15 4.22 -2.43
C VAL A 47 6.99 5.06 -1.16
N SER A 48 7.50 6.28 -1.21
CA SER A 48 7.47 7.23 -0.09
C SER A 48 6.32 8.23 -0.30
N PHE A 49 5.25 8.11 0.49
CA PHE A 49 3.95 8.64 0.10
C PHE A 49 3.75 10.14 0.38
N TYR A 50 2.75 10.73 -0.29
CA TYR A 50 2.31 12.11 -0.10
C TYR A 50 2.01 12.41 1.38
N ASP A 51 0.99 11.71 1.94
CA ASP A 51 0.73 11.46 3.36
C ASP A 51 -0.43 10.46 3.51
N ILE A 52 -0.85 10.15 4.74
CA ILE A 52 -1.96 9.22 5.07
C ILE A 52 -3.24 9.47 4.26
N LYS A 53 -3.61 10.75 4.02
CA LYS A 53 -4.80 11.10 3.22
C LYS A 53 -4.83 10.43 1.84
N ASP A 54 -3.68 10.39 1.17
CA ASP A 54 -3.62 9.90 -0.20
C ASP A 54 -3.22 8.42 -0.22
N LEU A 55 -2.41 7.99 0.76
CA LEU A 55 -1.99 6.60 0.97
C LEU A 55 -3.20 5.68 1.11
N HIS A 56 -4.16 6.00 1.98
CA HIS A 56 -5.32 5.14 2.23
C HIS A 56 -6.19 4.95 0.98
N ARG A 57 -6.51 6.04 0.26
CA ARG A 57 -7.26 5.96 -1.01
C ARG A 57 -6.47 5.34 -2.17
N ALA A 58 -5.15 5.54 -2.23
CA ALA A 58 -4.25 4.85 -3.17
C ALA A 58 -4.18 3.33 -2.90
N ILE A 59 -4.17 2.92 -1.62
CA ILE A 59 -4.17 1.51 -1.19
C ILE A 59 -5.37 0.73 -1.74
N GLU A 60 -6.56 1.35 -1.75
CA GLU A 60 -7.77 0.70 -2.27
C GLU A 60 -7.88 0.80 -3.80
N LYS A 61 -7.24 1.80 -4.43
CA LYS A 61 -7.29 2.04 -5.88
C LYS A 61 -6.36 1.11 -6.68
N TYR A 62 -5.11 0.92 -6.23
CA TYR A 62 -4.06 0.27 -7.02
C TYR A 62 -3.75 -1.18 -6.62
N ASN A 63 -3.99 -1.60 -5.38
CA ASN A 63 -3.86 -2.99 -4.98
C ASN A 63 -4.92 -3.86 -5.70
N GLY A 64 -4.49 -4.80 -6.55
CA GLY A 64 -5.38 -5.60 -7.41
C GLY A 64 -5.48 -5.12 -8.86
N TYR A 65 -4.78 -4.06 -9.24
CA TYR A 65 -4.70 -3.52 -10.61
C TYR A 65 -3.35 -3.87 -11.28
N SER A 66 -3.28 -4.00 -12.61
CA SER A 66 -2.07 -4.39 -13.36
C SER A 66 -1.50 -3.24 -14.22
N ILE A 67 -0.16 -3.04 -14.16
CA ILE A 67 0.56 -1.96 -14.86
C ILE A 67 1.94 -2.46 -15.29
N GLU A 68 2.23 -2.47 -16.61
CA GLU A 68 3.53 -2.78 -17.21
C GLU A 68 4.09 -4.18 -16.82
N GLY A 69 3.23 -5.12 -16.42
CA GLY A 69 3.62 -6.46 -15.98
C GLY A 69 2.46 -7.25 -15.36
N ASN A 70 2.60 -7.64 -14.09
CA ASN A 70 1.60 -8.44 -13.38
C ASN A 70 0.52 -7.54 -12.75
N VAL A 71 -0.49 -8.15 -12.13
CA VAL A 71 -1.28 -7.49 -11.06
C VAL A 71 -0.33 -7.05 -9.94
N LEU A 72 -0.53 -5.86 -9.37
CA LEU A 72 0.32 -5.31 -8.31
C LEU A 72 -0.32 -5.46 -6.93
N ASP A 73 0.53 -5.69 -5.93
CA ASP A 73 0.18 -5.90 -4.53
C ASP A 73 0.97 -4.91 -3.65
N VAL A 74 0.30 -4.33 -2.66
CA VAL A 74 0.80 -3.22 -1.84
C VAL A 74 0.84 -3.64 -0.36
N LYS A 75 1.97 -3.37 0.30
CA LYS A 75 2.23 -3.66 1.72
C LYS A 75 2.82 -2.42 2.42
N SER A 76 2.65 -2.30 3.74
CA SER A 76 3.03 -1.10 4.52
C SER A 76 3.54 -1.44 5.93
N LYS A 77 4.15 -0.46 6.61
CA LYS A 77 4.62 -0.60 7.99
C LYS A 77 3.46 -0.72 9.00
N GLU A 78 3.64 -1.51 10.07
CA GLU A 78 2.60 -1.85 11.05
C GLU A 78 3.21 -2.28 12.39
N SER A 79 4.00 -3.36 12.42
CA SER A 79 4.92 -3.72 13.54
C SER A 79 4.19 -4.16 14.84
N VAL A 80 2.91 -4.55 14.75
CA VAL A 80 2.06 -4.95 15.89
C VAL A 80 0.90 -5.84 15.43
N HIS A 81 0.55 -6.85 16.22
CA HIS A 81 -0.44 -7.90 15.91
C HIS A 81 -1.26 -8.34 17.14
N ASN A 82 -2.46 -8.87 16.91
CA ASN A 82 -3.35 -9.39 17.95
C ASN A 82 -2.96 -10.80 18.45
N HIS A 83 -3.55 -11.22 19.57
CA HIS A 83 -3.25 -12.50 20.27
C HIS A 83 -4.53 -13.17 20.85
N SER A 84 -4.39 -14.42 21.29
CA SER A 84 -5.44 -15.31 21.84
C SER A 84 -6.39 -15.89 20.77
N ASP A 85 -7.05 -17.01 21.09
CA ASP A 85 -7.88 -17.80 20.14
C ASP A 85 -9.33 -17.30 20.00
N GLY A 86 -9.75 -16.34 20.84
CA GLY A 86 -11.10 -15.76 20.86
C GLY A 86 -12.03 -16.41 21.89
N ASP A 87 -13.32 -16.44 21.58
CA ASP A 87 -14.41 -16.87 22.49
C ASP A 87 -15.67 -17.29 21.71
N ASP A 88 -16.43 -18.25 22.26
CA ASP A 88 -17.64 -18.85 21.70
C ASP A 88 -18.42 -19.62 22.79
N VAL A 89 -19.75 -19.67 22.63
CA VAL A 89 -20.70 -20.31 23.56
C VAL A 89 -22.05 -20.56 22.87
N ASP A 90 -22.66 -21.72 23.15
CA ASP A 90 -23.95 -22.18 22.62
C ASP A 90 -24.48 -23.35 23.46
N ILE A 91 -25.62 -23.13 24.13
CA ILE A 91 -26.29 -24.12 24.99
C ILE A 91 -27.31 -24.90 24.12
N PRO A 92 -27.27 -26.26 24.08
CA PRO A 92 -28.21 -27.06 23.33
C PRO A 92 -29.59 -27.09 24.01
N MET A 93 -30.65 -27.09 23.20
CA MET A 93 -32.06 -27.02 23.63
C MET A 93 -33.04 -27.40 22.50
N ASP A 94 -34.23 -27.83 22.87
CA ASP A 94 -35.31 -28.30 21.97
C ASP A 94 -36.67 -28.29 22.68
N ASP A 95 -37.75 -28.37 21.90
CA ASP A 95 -39.15 -28.43 22.37
C ASP A 95 -40.01 -29.18 21.34
N SER A 96 -40.36 -30.43 21.65
CA SER A 96 -41.14 -31.31 20.77
C SER A 96 -42.59 -30.82 20.54
N PRO A 97 -43.13 -30.93 19.31
CA PRO A 97 -44.51 -30.56 18.99
C PRO A 97 -45.50 -31.60 19.52
N VAL A 98 -46.79 -31.21 19.62
CA VAL A 98 -47.89 -32.10 20.08
C VAL A 98 -48.18 -33.23 19.05
N ASN A 99 -47.92 -32.98 17.76
CA ASN A 99 -48.12 -33.91 16.63
C ASN A 99 -47.30 -33.50 15.40
N GLY A 1 6.81 8.53 9.59
CA GLY A 1 7.17 8.42 8.16
C GLY A 1 5.96 8.15 7.27
N SER A 2 6.19 7.84 6.00
CA SER A 2 5.14 7.59 4.98
C SER A 2 5.72 6.77 3.81
N GLU A 3 5.39 5.48 3.72
CA GLU A 3 6.06 4.54 2.81
C GLU A 3 5.20 3.31 2.48
N VAL A 4 5.26 2.88 1.22
CA VAL A 4 4.58 1.72 0.64
C VAL A 4 5.62 0.84 -0.06
N ILE A 5 5.49 -0.47 0.08
CA ILE A 5 6.30 -1.49 -0.59
C ILE A 5 5.44 -2.13 -1.68
N VAL A 6 5.95 -2.26 -2.91
CA VAL A 6 5.23 -2.84 -4.05
C VAL A 6 5.86 -4.18 -4.42
N LYS A 7 5.06 -5.25 -4.47
CA LYS A 7 5.54 -6.64 -4.30
C LYS A 7 4.71 -7.65 -5.12
N ASN A 8 4.70 -7.46 -6.45
CA ASN A 8 3.98 -8.28 -7.46
C ASN A 8 4.37 -7.89 -8.90
N LEU A 9 4.56 -6.57 -9.14
CA LEU A 9 5.28 -6.00 -10.29
C LEU A 9 6.47 -6.89 -10.74
N PRO A 10 6.53 -7.35 -12.00
CA PRO A 10 7.64 -8.12 -12.55
C PRO A 10 8.74 -7.19 -13.08
N ALA A 11 9.92 -7.75 -13.38
CA ALA A 11 11.12 -7.02 -13.79
C ALA A 11 11.00 -6.19 -15.08
N SER A 12 9.86 -6.27 -15.78
CA SER A 12 9.50 -5.40 -16.90
C SER A 12 9.41 -3.91 -16.50
N VAL A 13 9.03 -3.61 -15.25
CA VAL A 13 8.84 -2.21 -14.78
C VAL A 13 10.19 -1.54 -14.44
N ASN A 14 10.48 -0.44 -15.11
CA ASN A 14 11.61 0.46 -14.79
C ASN A 14 11.25 1.39 -13.60
N TRP A 15 12.24 1.92 -12.87
CA TRP A 15 11.98 2.85 -11.74
C TRP A 15 11.07 4.03 -12.12
N GLN A 16 11.21 4.58 -13.33
CA GLN A 16 10.38 5.68 -13.81
C GLN A 16 8.95 5.21 -14.11
N ALA A 17 8.75 4.01 -14.66
CA ALA A 17 7.41 3.44 -14.80
C ALA A 17 6.79 3.05 -13.45
N LEU A 18 7.60 2.76 -12.42
CA LEU A 18 7.13 2.59 -11.04
C LEU A 18 6.61 3.91 -10.46
N LYS A 19 7.34 5.02 -10.60
CA LYS A 19 6.82 6.30 -10.09
C LYS A 19 5.61 6.78 -10.90
N ASP A 20 5.54 6.41 -12.18
CA ASP A 20 4.39 6.67 -13.06
C ASP A 20 3.11 5.92 -12.62
N ILE A 21 3.22 4.82 -11.87
CA ILE A 21 2.06 4.13 -11.24
C ILE A 21 1.27 5.12 -10.38
N PHE A 22 1.96 5.85 -9.48
CA PHE A 22 1.36 6.74 -8.49
C PHE A 22 1.22 8.18 -9.00
N LYS A 23 1.96 8.56 -10.06
CA LYS A 23 1.90 9.88 -10.73
C LYS A 23 0.50 10.25 -11.26
N GLU A 24 -0.40 9.26 -11.41
CA GLU A 24 -1.81 9.45 -11.79
C GLU A 24 -2.59 10.37 -10.82
N CYS A 25 -2.06 10.66 -9.62
CA CYS A 25 -2.60 11.67 -8.69
C CYS A 25 -2.52 13.14 -9.21
N GLY A 26 -1.78 13.39 -10.30
CA GLY A 26 -1.55 14.74 -10.88
C GLY A 26 -0.30 15.45 -10.35
N ASN A 27 0.38 14.82 -9.39
CA ASN A 27 1.70 15.18 -8.84
C ASN A 27 2.52 13.87 -8.66
N VAL A 28 3.76 13.93 -8.15
CA VAL A 28 4.47 12.73 -7.64
C VAL A 28 5.38 13.06 -6.45
N ALA A 29 5.44 12.13 -5.49
CA ALA A 29 6.26 12.21 -4.28
C ALA A 29 7.75 11.87 -4.56
N HIS A 30 8.12 10.60 -4.34
CA HIS A 30 9.47 10.06 -4.28
C HIS A 30 9.42 8.52 -4.24
N ALA A 31 10.47 7.83 -4.71
CA ALA A 31 10.56 6.36 -4.72
C ALA A 31 12.01 5.85 -4.80
N ASP A 32 12.22 4.55 -4.62
CA ASP A 32 13.54 3.92 -4.61
C ASP A 32 13.52 2.45 -5.12
N VAL A 33 14.58 2.09 -5.83
CA VAL A 33 14.77 0.83 -6.57
C VAL A 33 16.28 0.62 -6.77
N GLU A 34 16.76 -0.61 -6.58
CA GLU A 34 18.14 -1.02 -6.91
C GLU A 34 18.12 -2.35 -7.67
N LEU A 35 18.79 -2.40 -8.83
CA LEU A 35 18.68 -3.51 -9.78
C LEU A 35 19.45 -4.78 -9.33
N ASP A 36 19.18 -5.88 -10.02
CA ASP A 36 19.90 -7.15 -10.01
C ASP A 36 21.43 -7.01 -10.16
N GLY A 37 22.19 -7.97 -9.61
CA GLY A 37 23.65 -7.94 -9.51
C GLY A 37 24.42 -8.12 -10.84
N ASP A 38 23.72 -8.44 -11.94
CA ASP A 38 24.24 -8.44 -13.31
C ASP A 38 23.64 -7.28 -14.15
N GLY A 39 22.78 -6.46 -13.53
CA GLY A 39 22.13 -5.28 -14.09
C GLY A 39 20.74 -5.52 -14.68
N VAL A 40 20.16 -6.71 -14.48
CA VAL A 40 18.96 -7.17 -15.20
C VAL A 40 17.67 -6.78 -14.45
N SER A 41 17.51 -5.46 -14.25
CA SER A 41 16.28 -4.83 -13.71
C SER A 41 15.92 -5.29 -12.27
N THR A 42 14.67 -5.03 -11.85
CA THR A 42 14.01 -5.46 -10.59
C THR A 42 12.51 -5.20 -10.72
N GLY A 43 11.69 -6.10 -10.16
CA GLY A 43 10.22 -6.00 -10.20
C GLY A 43 9.67 -5.21 -9.01
N SER A 44 9.62 -5.84 -7.84
CA SER A 44 9.34 -5.20 -6.56
C SER A 44 10.28 -4.01 -6.24
N GLY A 45 9.72 -3.05 -5.49
CA GLY A 45 10.38 -1.80 -5.09
C GLY A 45 9.71 -1.06 -3.92
N THR A 46 10.25 0.10 -3.57
CA THR A 46 9.80 0.96 -2.46
C THR A 46 9.32 2.27 -3.03
N VAL A 47 8.17 2.76 -2.55
CA VAL A 47 7.59 4.05 -2.97
C VAL A 47 7.23 4.87 -1.72
N SER A 48 7.65 6.12 -1.71
CA SER A 48 7.50 7.03 -0.56
C SER A 48 6.17 7.78 -0.71
N PHE A 49 5.23 7.57 0.21
CA PHE A 49 3.84 7.95 -0.03
C PHE A 49 3.55 9.42 0.28
N TYR A 50 2.63 10.02 -0.48
CA TYR A 50 2.27 11.45 -0.40
C TYR A 50 1.99 11.92 1.04
N ASP A 51 1.06 11.23 1.71
CA ASP A 51 0.85 11.23 3.16
C ASP A 51 -0.21 10.19 3.55
N ILE A 52 -0.41 9.96 4.85
CA ILE A 52 -1.39 8.98 5.38
C ILE A 52 -2.83 9.31 4.94
N LYS A 53 -3.13 10.57 4.62
CA LYS A 53 -4.39 11.00 3.98
C LYS A 53 -4.73 10.26 2.68
N ASP A 54 -3.76 10.07 1.78
CA ASP A 54 -4.01 9.46 0.47
C ASP A 54 -3.66 7.97 0.45
N LEU A 55 -2.82 7.51 1.39
CA LEU A 55 -2.46 6.12 1.62
C LEU A 55 -3.70 5.22 1.69
N HIS A 56 -4.69 5.57 2.52
CA HIS A 56 -5.91 4.78 2.70
C HIS A 56 -6.81 4.77 1.45
N ARG A 57 -6.79 5.83 0.64
CA ARG A 57 -7.45 5.86 -0.68
C ARG A 57 -6.70 4.96 -1.68
N ALA A 58 -5.39 5.14 -1.83
CA ALA A 58 -4.53 4.38 -2.73
C ALA A 58 -4.54 2.86 -2.44
N ILE A 59 -4.62 2.49 -1.15
CA ILE A 59 -4.71 1.09 -0.70
C ILE A 59 -5.81 0.31 -1.42
N GLU A 60 -7.00 0.91 -1.58
CA GLU A 60 -8.11 0.30 -2.30
C GLU A 60 -8.12 0.64 -3.82
N LYS A 61 -7.70 1.84 -4.21
CA LYS A 61 -7.72 2.30 -5.60
C LYS A 61 -6.84 1.45 -6.54
N TYR A 62 -5.65 1.04 -6.08
CA TYR A 62 -4.70 0.22 -6.85
C TYR A 62 -4.85 -1.29 -6.62
N ASN A 63 -5.58 -1.72 -5.59
CA ASN A 63 -5.98 -3.12 -5.40
C ASN A 63 -6.89 -3.58 -6.56
N GLY A 64 -6.40 -4.53 -7.36
CA GLY A 64 -7.10 -5.02 -8.58
C GLY A 64 -6.70 -4.30 -9.88
N TYR A 65 -5.79 -3.32 -9.82
CA TYR A 65 -5.29 -2.57 -10.99
C TYR A 65 -3.89 -3.05 -11.41
N SER A 66 -3.65 -3.24 -12.71
CA SER A 66 -2.37 -3.75 -13.26
C SER A 66 -1.64 -2.68 -14.09
N ILE A 67 -0.33 -2.52 -13.85
CA ILE A 67 0.50 -1.43 -14.41
C ILE A 67 1.90 -1.97 -14.73
N GLU A 68 2.34 -1.92 -15.99
CA GLU A 68 3.67 -2.38 -16.43
C GLU A 68 3.98 -3.86 -16.08
N GLY A 69 2.92 -4.68 -15.99
CA GLY A 69 2.99 -6.08 -15.56
C GLY A 69 1.73 -6.57 -14.85
N ASN A 70 1.87 -6.99 -13.59
CA ASN A 70 0.82 -7.69 -12.84
C ASN A 70 -0.10 -6.72 -12.07
N VAL A 71 -1.15 -7.25 -11.43
CA VAL A 71 -1.99 -6.51 -10.47
C VAL A 71 -1.15 -6.06 -9.26
N LEU A 72 -1.34 -4.82 -8.80
CA LEU A 72 -0.57 -4.22 -7.71
C LEU A 72 -0.93 -4.84 -6.35
N ASP A 73 0.07 -5.36 -5.62
CA ASP A 73 0.01 -5.56 -4.17
C ASP A 73 0.52 -4.29 -3.48
N VAL A 74 -0.37 -3.59 -2.77
CA VAL A 74 -0.05 -2.37 -2.00
C VAL A 74 -0.05 -2.72 -0.52
N LYS A 75 1.09 -2.49 0.14
CA LYS A 75 1.28 -2.67 1.59
C LYS A 75 2.16 -1.53 2.15
N SER A 76 1.77 -0.93 3.27
CA SER A 76 2.58 0.08 3.98
C SER A 76 3.62 -0.58 4.90
N LYS A 77 4.60 0.21 5.37
CA LYS A 77 5.60 -0.27 6.35
C LYS A 77 4.95 -0.48 7.75
N GLU A 78 4.52 -1.71 8.03
CA GLU A 78 3.77 -2.12 9.22
C GLU A 78 3.72 -3.65 9.33
N SER A 79 3.08 -4.19 10.37
CA SER A 79 2.90 -5.64 10.59
C SER A 79 1.76 -5.94 11.60
N VAL A 80 1.46 -7.22 11.82
CA VAL A 80 0.32 -7.72 12.60
C VAL A 80 0.48 -9.22 12.91
N HIS A 81 0.00 -9.65 14.09
CA HIS A 81 0.16 -11.01 14.63
C HIS A 81 -1.14 -11.65 15.19
N ASN A 82 -2.29 -11.00 14.96
CA ASN A 82 -3.60 -11.46 15.44
C ASN A 82 -4.09 -12.77 14.75
N HIS A 83 -5.07 -13.44 15.35
CA HIS A 83 -5.63 -14.73 14.93
C HIS A 83 -7.14 -14.86 15.25
N SER A 84 -7.81 -15.84 14.64
CA SER A 84 -9.28 -15.92 14.58
C SER A 84 -9.83 -17.37 14.63
N ASP A 85 -9.04 -18.34 15.12
CA ASP A 85 -9.39 -19.77 15.16
C ASP A 85 -10.56 -20.10 16.12
N GLY A 86 -10.79 -19.25 17.14
CA GLY A 86 -11.93 -19.35 18.07
C GLY A 86 -11.71 -20.32 19.23
N ASP A 87 -12.60 -20.24 20.21
CA ASP A 87 -12.57 -21.00 21.48
C ASP A 87 -13.97 -21.04 22.16
N ASP A 88 -15.03 -20.93 21.34
CA ASP A 88 -16.35 -20.43 21.76
C ASP A 88 -17.41 -21.52 21.99
N VAL A 89 -16.98 -22.79 21.94
CA VAL A 89 -17.82 -24.00 22.12
C VAL A 89 -17.02 -25.07 22.88
N ASP A 90 -17.59 -25.57 23.98
CA ASP A 90 -16.96 -26.53 24.89
C ASP A 90 -18.01 -27.38 25.65
N ILE A 91 -19.12 -27.71 24.97
CA ILE A 91 -20.30 -28.39 25.51
C ILE A 91 -20.76 -29.55 24.58
N PRO A 92 -21.16 -30.73 25.11
CA PRO A 92 -21.70 -31.81 24.30
C PRO A 92 -23.14 -31.51 23.83
N MET A 93 -23.60 -32.21 22.80
CA MET A 93 -24.90 -32.00 22.14
C MET A 93 -25.36 -33.26 21.38
N ASP A 94 -26.66 -33.53 21.43
CA ASP A 94 -27.32 -34.67 20.76
C ASP A 94 -28.83 -34.40 20.54
N ASP A 95 -29.40 -35.13 19.59
CA ASP A 95 -30.78 -35.04 19.11
C ASP A 95 -31.30 -36.37 18.52
N SER A 96 -30.51 -37.45 18.53
CA SER A 96 -30.93 -38.76 18.01
C SER A 96 -32.04 -39.41 18.86
N PRO A 97 -33.05 -40.05 18.25
CA PRO A 97 -34.17 -40.70 18.95
C PRO A 97 -33.74 -42.03 19.59
N VAL A 98 -34.43 -42.43 20.67
CA VAL A 98 -34.17 -43.65 21.45
C VAL A 98 -35.46 -44.24 22.03
N ASN A 99 -35.49 -45.58 22.19
CA ASN A 99 -36.63 -46.38 22.69
C ASN A 99 -36.19 -47.81 23.10
N GLY A 1 4.28 5.39 8.70
CA GLY A 1 4.17 6.77 8.14
C GLY A 1 3.96 6.76 6.62
N SER A 2 4.47 7.77 5.92
CA SER A 2 4.31 7.95 4.47
C SER A 2 5.25 7.06 3.64
N GLU A 3 5.09 5.73 3.75
CA GLU A 3 5.99 4.73 3.16
C GLU A 3 5.21 3.46 2.77
N VAL A 4 5.53 2.90 1.59
CA VAL A 4 4.76 1.88 0.87
C VAL A 4 5.71 1.03 0.04
N ILE A 5 5.41 -0.25 -0.11
CA ILE A 5 6.14 -1.22 -0.92
C ILE A 5 5.13 -1.98 -1.81
N VAL A 6 5.46 -2.19 -3.08
CA VAL A 6 4.58 -2.82 -4.08
C VAL A 6 5.27 -4.08 -4.61
N LYS A 7 4.60 -5.24 -4.53
CA LYS A 7 5.27 -6.56 -4.51
C LYS A 7 4.50 -7.68 -5.26
N ASN A 8 4.63 -7.69 -6.60
CA ASN A 8 4.18 -8.77 -7.51
C ASN A 8 4.67 -8.51 -8.95
N LEU A 9 4.64 -7.22 -9.36
CA LEU A 9 5.26 -6.63 -10.55
C LEU A 9 6.62 -7.28 -10.94
N PRO A 10 6.78 -7.82 -12.16
CA PRO A 10 8.05 -8.34 -12.67
C PRO A 10 8.91 -7.22 -13.28
N ALA A 11 10.14 -7.57 -13.68
CA ALA A 11 11.15 -6.67 -14.26
C ALA A 11 10.70 -5.85 -15.49
N SER A 12 9.54 -6.19 -16.08
CA SER A 12 8.86 -5.43 -17.14
C SER A 12 8.56 -3.96 -16.74
N VAL A 13 8.32 -3.65 -15.46
CA VAL A 13 8.10 -2.27 -14.97
C VAL A 13 9.43 -1.63 -14.54
N ASN A 14 9.77 -0.49 -15.15
CA ASN A 14 10.94 0.34 -14.83
C ASN A 14 10.65 1.30 -13.66
N TRP A 15 11.67 1.80 -12.95
CA TRP A 15 11.51 2.81 -11.88
C TRP A 15 10.66 4.04 -12.29
N GLN A 16 10.73 4.48 -13.54
CA GLN A 16 9.91 5.60 -14.04
C GLN A 16 8.42 5.22 -14.07
N ALA A 17 8.09 3.98 -14.44
CA ALA A 17 6.73 3.45 -14.39
C ALA A 17 6.27 3.05 -12.97
N LEU A 18 7.16 2.68 -12.04
CA LEU A 18 6.84 2.58 -10.60
C LEU A 18 6.23 3.88 -10.11
N LYS A 19 6.89 5.00 -10.38
CA LYS A 19 6.40 6.34 -10.03
C LYS A 19 4.99 6.57 -10.62
N ASP A 20 4.77 6.20 -11.89
CA ASP A 20 3.49 6.33 -12.60
C ASP A 20 2.32 5.54 -11.97
N ILE A 21 2.60 4.51 -11.13
CA ILE A 21 1.57 3.81 -10.32
C ILE A 21 0.82 4.78 -9.38
N PHE A 22 1.48 5.86 -8.93
CA PHE A 22 0.92 6.83 -7.97
C PHE A 22 0.91 8.28 -8.48
N LYS A 23 1.76 8.63 -9.45
CA LYS A 23 1.86 9.99 -10.04
C LYS A 23 0.61 10.43 -10.82
N GLU A 24 -0.32 9.51 -11.12
CA GLU A 24 -1.59 9.78 -11.81
C GLU A 24 -2.53 10.77 -11.07
N CYS A 25 -2.27 11.11 -9.80
CA CYS A 25 -2.98 12.18 -9.08
C CYS A 25 -2.61 13.61 -9.53
N GLY A 26 -1.58 13.78 -10.38
CA GLY A 26 -1.08 15.07 -10.87
C GLY A 26 0.08 15.65 -10.04
N ASN A 27 0.69 14.85 -9.16
CA ASN A 27 1.79 15.21 -8.25
C ASN A 27 2.86 14.10 -8.20
N VAL A 28 3.97 14.30 -7.47
CA VAL A 28 4.94 13.23 -7.14
C VAL A 28 5.56 13.42 -5.74
N ALA A 29 5.75 12.31 -5.02
CA ALA A 29 6.56 12.21 -3.79
C ALA A 29 7.99 11.75 -4.12
N HIS A 30 8.29 10.45 -3.94
CA HIS A 30 9.56 9.81 -4.27
C HIS A 30 9.43 8.27 -4.37
N ALA A 31 10.29 7.58 -5.14
CA ALA A 31 10.14 6.17 -5.49
C ALA A 31 11.49 5.54 -5.90
N ASP A 32 11.67 4.22 -5.66
CA ASP A 32 12.94 3.50 -5.88
C ASP A 32 12.76 1.96 -6.07
N VAL A 33 13.80 1.31 -6.58
CA VAL A 33 13.91 -0.14 -6.82
C VAL A 33 15.31 -0.65 -6.47
N GLU A 34 15.39 -1.88 -5.94
CA GLU A 34 16.66 -2.60 -5.71
C GLU A 34 16.78 -3.75 -6.71
N LEU A 35 17.91 -3.85 -7.40
CA LEU A 35 18.14 -4.77 -8.52
C LEU A 35 19.48 -5.51 -8.44
N ASP A 36 19.68 -6.48 -9.33
CA ASP A 36 20.85 -7.37 -9.37
C ASP A 36 22.14 -6.63 -9.79
N GLY A 37 23.29 -7.14 -9.35
CA GLY A 37 24.62 -6.53 -9.57
C GLY A 37 25.13 -6.61 -11.01
N ASP A 38 24.58 -7.50 -11.85
CA ASP A 38 24.82 -7.53 -13.30
C ASP A 38 23.82 -6.65 -14.08
N GLY A 39 22.89 -5.97 -13.39
CA GLY A 39 21.96 -5.00 -13.95
C GLY A 39 20.61 -5.57 -14.39
N VAL A 40 20.30 -6.81 -14.03
CA VAL A 40 18.97 -7.43 -14.24
C VAL A 40 17.97 -6.77 -13.28
N SER A 41 16.98 -6.08 -13.84
CA SER A 41 16.04 -5.21 -13.11
C SER A 41 14.94 -5.97 -12.34
N THR A 42 14.10 -5.22 -11.61
CA THR A 42 13.09 -5.68 -10.64
C THR A 42 11.86 -4.77 -10.69
N GLY A 43 10.67 -5.37 -10.61
CA GLY A 43 9.39 -4.65 -10.54
C GLY A 43 8.88 -4.43 -9.11
N SER A 44 9.12 -5.38 -8.21
CA SER A 44 8.94 -5.24 -6.76
C SER A 44 9.76 -4.04 -6.23
N GLY A 45 9.08 -2.97 -5.79
CA GLY A 45 9.65 -1.64 -5.55
C GLY A 45 9.08 -0.92 -4.33
N THR A 46 9.74 0.19 -3.97
CA THR A 46 9.48 1.00 -2.76
C THR A 46 9.03 2.39 -3.19
N VAL A 47 8.06 2.96 -2.46
CA VAL A 47 7.35 4.18 -2.84
C VAL A 47 7.05 5.00 -1.58
N SER A 48 7.71 6.15 -1.51
CA SER A 48 7.41 7.17 -0.51
C SER A 48 6.10 7.91 -0.87
N PHE A 49 5.35 8.36 0.14
CA PHE A 49 3.99 8.87 -0.06
C PHE A 49 3.83 10.38 0.15
N TYR A 50 2.77 10.90 -0.47
CA TYR A 50 2.34 12.29 -0.39
C TYR A 50 2.03 12.70 1.07
N ASP A 51 1.16 11.93 1.73
CA ASP A 51 0.79 11.95 3.14
C ASP A 51 -0.13 10.74 3.44
N ILE A 52 -0.33 10.42 4.71
CA ILE A 52 -1.17 9.29 5.16
C ILE A 52 -2.63 9.44 4.67
N LYS A 53 -3.11 10.68 4.52
CA LYS A 53 -4.40 11.02 3.90
C LYS A 53 -4.64 10.36 2.54
N ASP A 54 -3.63 10.34 1.67
CA ASP A 54 -3.77 9.78 0.32
C ASP A 54 -3.28 8.33 0.25
N LEU A 55 -2.42 7.91 1.18
CA LEU A 55 -1.90 6.54 1.29
C LEU A 55 -3.06 5.56 1.46
N HIS A 56 -3.95 5.78 2.44
CA HIS A 56 -5.07 4.88 2.69
C HIS A 56 -6.10 4.85 1.55
N ARG A 57 -6.23 5.95 0.79
CA ARG A 57 -7.04 6.03 -0.45
C ARG A 57 -6.40 5.21 -1.58
N ALA A 58 -5.11 5.44 -1.85
CA ALA A 58 -4.31 4.74 -2.86
C ALA A 58 -4.17 3.23 -2.59
N ILE A 59 -4.13 2.83 -1.32
CA ILE A 59 -4.04 1.42 -0.88
C ILE A 59 -5.20 0.57 -1.41
N GLU A 60 -6.43 1.08 -1.41
CA GLU A 60 -7.59 0.40 -1.99
C GLU A 60 -7.70 0.59 -3.51
N LYS A 61 -7.21 1.72 -4.04
CA LYS A 61 -7.41 2.11 -5.46
C LYS A 61 -6.54 1.32 -6.44
N TYR A 62 -5.25 1.14 -6.15
CA TYR A 62 -4.29 0.55 -7.11
C TYR A 62 -3.98 -0.94 -6.84
N ASN A 63 -4.30 -1.47 -5.66
CA ASN A 63 -4.09 -2.88 -5.35
C ASN A 63 -5.07 -3.77 -6.14
N GLY A 64 -4.52 -4.65 -6.99
CA GLY A 64 -5.28 -5.54 -7.90
C GLY A 64 -5.31 -5.07 -9.36
N TYR A 65 -4.67 -3.95 -9.70
CA TYR A 65 -4.64 -3.36 -11.06
C TYR A 65 -3.28 -3.56 -11.76
N SER A 66 -3.28 -3.79 -13.08
CA SER A 66 -2.07 -4.07 -13.85
C SER A 66 -1.46 -2.80 -14.49
N ILE A 67 -0.16 -2.53 -14.23
CA ILE A 67 0.59 -1.41 -14.81
C ILE A 67 2.00 -1.88 -15.21
N GLU A 68 2.26 -1.99 -16.52
CA GLU A 68 3.57 -2.39 -17.10
C GLU A 68 4.07 -3.77 -16.66
N GLY A 69 3.17 -4.64 -16.17
CA GLY A 69 3.49 -5.97 -15.64
C GLY A 69 2.23 -6.82 -15.42
N ASN A 70 2.15 -7.45 -14.25
CA ASN A 70 0.94 -8.17 -13.78
C ASN A 70 0.12 -7.29 -12.82
N VAL A 71 -0.93 -7.82 -12.18
CA VAL A 71 -1.65 -7.07 -11.12
C VAL A 71 -0.68 -6.70 -10.01
N LEU A 72 -0.68 -5.43 -9.59
CA LEU A 72 0.18 -4.99 -8.50
C LEU A 72 -0.51 -5.11 -7.14
N ASP A 73 0.27 -5.58 -6.18
CA ASP A 73 -0.05 -5.54 -4.75
C ASP A 73 0.53 -4.26 -4.12
N VAL A 74 -0.06 -3.83 -3.01
CA VAL A 74 0.32 -2.63 -2.25
C VAL A 74 0.29 -2.97 -0.75
N LYS A 75 1.36 -2.59 -0.03
CA LYS A 75 1.53 -2.83 1.41
C LYS A 75 2.35 -1.69 2.07
N SER A 76 2.01 -1.29 3.30
CA SER A 76 2.69 -0.20 4.03
C SER A 76 3.33 -0.69 5.35
N LYS A 77 4.12 0.17 6.01
CA LYS A 77 5.06 -0.23 7.07
C LYS A 77 4.40 -0.50 8.45
N GLU A 78 3.10 -0.21 8.61
CA GLU A 78 2.35 -0.33 9.87
C GLU A 78 2.25 -1.79 10.38
N SER A 79 2.16 -1.94 11.71
CA SER A 79 1.91 -3.20 12.42
C SER A 79 1.37 -2.92 13.84
N VAL A 80 0.72 -3.90 14.48
CA VAL A 80 -0.01 -3.74 15.75
C VAL A 80 -0.30 -5.11 16.41
N HIS A 81 -0.18 -5.18 17.73
CA HIS A 81 -0.34 -6.42 18.53
C HIS A 81 -1.80 -6.70 18.96
N ASN A 82 -2.72 -5.75 18.73
CA ASN A 82 -4.13 -5.78 19.15
C ASN A 82 -5.00 -4.94 18.18
N HIS A 83 -6.04 -4.24 18.65
CA HIS A 83 -7.00 -3.51 17.82
C HIS A 83 -7.67 -2.32 18.56
N SER A 84 -8.38 -1.48 17.81
CA SER A 84 -9.06 -0.26 18.30
C SER A 84 -10.12 0.22 17.29
N ASP A 85 -11.16 0.89 17.78
CA ASP A 85 -12.20 1.57 16.98
C ASP A 85 -11.76 2.98 16.51
N GLY A 86 -10.53 3.39 16.86
CA GLY A 86 -10.06 4.78 16.83
C GLY A 86 -10.09 5.44 18.22
N ASP A 87 -10.32 4.64 19.26
CA ASP A 87 -10.42 5.04 20.67
C ASP A 87 -9.05 5.10 21.38
N ASP A 88 -8.01 4.47 20.83
CA ASP A 88 -6.64 4.42 21.36
C ASP A 88 -5.87 5.73 21.08
N VAL A 89 -6.43 6.85 21.56
CA VAL A 89 -6.00 8.23 21.29
C VAL A 89 -6.16 9.12 22.53
N ASP A 90 -5.33 10.15 22.62
CA ASP A 90 -5.30 11.17 23.67
C ASP A 90 -4.70 12.47 23.08
N ILE A 91 -5.54 13.50 22.92
CA ILE A 91 -5.17 14.79 22.32
C ILE A 91 -5.70 15.98 23.17
N PRO A 92 -4.90 17.04 23.41
CA PRO A 92 -5.33 18.24 24.13
C PRO A 92 -5.99 19.26 23.18
N MET A 93 -6.58 20.31 23.77
CA MET A 93 -7.18 21.45 23.07
C MET A 93 -6.82 22.77 23.76
N ASP A 94 -6.63 23.83 22.97
CA ASP A 94 -6.22 25.18 23.39
C ASP A 94 -6.84 26.26 22.49
N ASP A 95 -7.05 27.46 23.04
CA ASP A 95 -7.82 28.56 22.41
C ASP A 95 -7.04 29.90 22.36
N SER A 96 -5.74 29.91 22.68
CA SER A 96 -4.89 31.11 22.68
C SER A 96 -4.50 31.58 21.25
N PRO A 97 -4.41 32.90 21.01
CA PRO A 97 -4.07 33.47 19.71
C PRO A 97 -2.55 33.38 19.43
N VAL A 98 -2.18 33.42 18.14
CA VAL A 98 -0.79 33.37 17.66
C VAL A 98 -0.69 33.89 16.21
N ASN A 99 0.38 34.63 15.91
CA ASN A 99 0.64 35.30 14.61
C ASN A 99 2.13 35.27 14.25
N GLY A 1 6.08 9.14 6.79
CA GLY A 1 6.21 7.73 7.23
C GLY A 1 5.23 6.79 6.55
N SER A 2 5.05 5.58 7.08
CA SER A 2 4.07 4.53 6.69
C SER A 2 4.38 3.85 5.35
N GLU A 3 4.51 4.62 4.25
CA GLU A 3 4.95 4.17 2.92
C GLU A 3 4.00 3.14 2.25
N VAL A 4 4.29 2.73 1.01
CA VAL A 4 3.71 1.53 0.37
C VAL A 4 4.77 0.76 -0.43
N ILE A 5 4.58 -0.54 -0.56
CA ILE A 5 5.45 -1.48 -1.30
C ILE A 5 4.64 -2.10 -2.44
N VAL A 6 5.25 -2.24 -3.62
CA VAL A 6 4.69 -2.96 -4.78
C VAL A 6 5.54 -4.21 -5.02
N LYS A 7 4.89 -5.39 -5.05
CA LYS A 7 5.52 -6.65 -4.60
C LYS A 7 5.11 -7.88 -5.47
N ASN A 8 5.17 -7.72 -6.81
CA ASN A 8 4.83 -8.79 -7.78
C ASN A 8 5.20 -8.50 -9.25
N LEU A 9 5.29 -7.23 -9.67
CA LEU A 9 5.64 -6.82 -11.04
C LEU A 9 6.96 -7.48 -11.52
N PRO A 10 7.09 -7.84 -12.82
CA PRO A 10 8.27 -8.45 -13.40
C PRO A 10 9.35 -7.39 -13.69
N ALA A 11 10.50 -7.82 -14.23
CA ALA A 11 11.65 -6.95 -14.51
C ALA A 11 11.39 -5.81 -15.53
N SER A 12 10.22 -5.79 -16.18
CA SER A 12 9.80 -4.78 -17.16
C SER A 12 9.52 -3.39 -16.56
N VAL A 13 9.34 -3.28 -15.23
CA VAL A 13 9.15 -2.00 -14.52
C VAL A 13 10.48 -1.54 -13.88
N ASN A 14 10.73 -0.22 -13.89
CA ASN A 14 11.94 0.45 -13.39
C ASN A 14 11.57 1.79 -12.72
N TRP A 15 12.48 2.44 -11.99
CA TRP A 15 12.20 3.63 -11.15
C TRP A 15 11.34 4.71 -11.84
N GLN A 16 11.70 5.15 -13.05
CA GLN A 16 10.97 6.21 -13.75
C GLN A 16 9.52 5.79 -14.09
N ALA A 17 9.28 4.51 -14.43
CA ALA A 17 7.93 3.94 -14.55
C ALA A 17 7.22 3.78 -13.21
N LEU A 18 7.93 3.36 -12.15
CA LEU A 18 7.37 3.18 -10.81
C LEU A 18 6.80 4.49 -10.25
N LYS A 19 7.43 5.63 -10.54
CA LYS A 19 6.87 6.96 -10.27
C LYS A 19 5.46 7.11 -10.87
N ASP A 20 5.32 6.83 -12.17
CA ASP A 20 4.08 6.98 -12.95
C ASP A 20 2.92 6.08 -12.45
N ILE A 21 3.23 5.00 -11.71
CA ILE A 21 2.23 4.15 -11.03
C ILE A 21 1.32 4.98 -10.08
N PHE A 22 1.83 6.08 -9.52
CA PHE A 22 1.11 6.96 -8.58
C PHE A 22 1.03 8.42 -9.10
N LYS A 23 1.98 8.86 -9.92
CA LYS A 23 2.09 10.25 -10.45
C LYS A 23 0.95 10.65 -11.42
N GLU A 24 0.08 9.73 -11.86
CA GLU A 24 -1.12 10.06 -12.67
C GLU A 24 -2.12 11.00 -11.95
N CYS A 25 -2.01 11.18 -10.62
CA CYS A 25 -2.77 12.18 -9.85
C CYS A 25 -2.42 13.65 -10.19
N GLY A 26 -1.41 13.92 -11.03
CA GLY A 26 -1.00 15.26 -11.48
C GLY A 26 0.07 15.92 -10.62
N ASN A 27 0.60 15.18 -9.63
CA ASN A 27 1.66 15.56 -8.68
C ASN A 27 2.64 14.38 -8.47
N VAL A 28 3.68 14.56 -7.64
CA VAL A 28 4.65 13.49 -7.32
C VAL A 28 5.16 13.57 -5.87
N ALA A 29 5.39 12.40 -5.26
CA ALA A 29 6.02 12.23 -3.95
C ALA A 29 7.50 11.83 -4.11
N HIS A 30 7.89 10.62 -3.70
CA HIS A 30 9.27 10.12 -3.76
C HIS A 30 9.37 8.57 -3.78
N ALA A 31 10.33 8.02 -4.52
CA ALA A 31 10.61 6.59 -4.59
C ALA A 31 12.05 6.30 -5.07
N ASP A 32 12.44 5.02 -5.06
CA ASP A 32 13.75 4.54 -5.48
C ASP A 32 13.75 3.04 -5.83
N VAL A 33 14.65 2.64 -6.74
CA VAL A 33 14.86 1.26 -7.21
C VAL A 33 16.33 1.10 -7.60
N GLU A 34 16.93 -0.05 -7.28
CA GLU A 34 18.29 -0.41 -7.69
C GLU A 34 18.29 -1.84 -8.26
N LEU A 35 18.98 -2.05 -9.38
CA LEU A 35 18.90 -3.29 -10.17
C LEU A 35 19.98 -4.32 -9.74
N ASP A 36 19.74 -5.59 -10.04
CA ASP A 36 20.64 -6.71 -9.70
C ASP A 36 21.85 -6.79 -10.66
N GLY A 37 23.00 -7.22 -10.13
CA GLY A 37 24.28 -7.26 -10.83
C GLY A 37 24.38 -8.24 -12.01
N ASP A 38 23.42 -9.17 -12.16
CA ASP A 38 23.26 -9.97 -13.38
C ASP A 38 22.64 -9.18 -14.56
N GLY A 39 22.30 -7.90 -14.35
CA GLY A 39 21.81 -6.98 -15.38
C GLY A 39 20.29 -7.02 -15.56
N VAL A 40 19.55 -7.15 -14.46
CA VAL A 40 18.08 -7.33 -14.44
C VAL A 40 17.42 -6.59 -13.28
N SER A 41 16.23 -6.04 -13.51
CA SER A 41 15.46 -5.27 -12.52
C SER A 41 14.85 -6.14 -11.41
N THR A 42 14.61 -5.55 -10.22
CA THR A 42 13.91 -6.21 -9.09
C THR A 42 12.43 -6.45 -9.37
N GLY A 43 11.79 -5.56 -10.14
CA GLY A 43 10.35 -5.58 -10.45
C GLY A 43 9.51 -5.05 -9.28
N SER A 44 9.59 -5.70 -8.12
CA SER A 44 9.19 -5.13 -6.85
C SER A 44 10.02 -3.87 -6.49
N GLY A 45 9.34 -2.95 -5.81
CA GLY A 45 9.88 -1.66 -5.34
C GLY A 45 9.10 -1.03 -4.19
N THR A 46 9.67 0.03 -3.61
CA THR A 46 9.15 0.74 -2.42
C THR A 46 8.88 2.19 -2.79
N VAL A 47 7.80 2.76 -2.24
CA VAL A 47 7.23 4.06 -2.59
C VAL A 47 6.92 4.84 -1.31
N SER A 48 7.41 6.07 -1.21
CA SER A 48 7.07 7.01 -0.13
C SER A 48 5.89 7.89 -0.58
N PHE A 49 4.83 7.96 0.24
CA PHE A 49 3.54 8.48 -0.21
C PHE A 49 3.42 10.01 -0.12
N TYR A 50 2.41 10.55 -0.83
CA TYR A 50 2.05 11.98 -0.83
C TYR A 50 1.84 12.51 0.60
N ASP A 51 0.97 11.85 1.37
CA ASP A 51 0.69 11.98 2.80
C ASP A 51 -0.27 10.86 3.22
N ILE A 52 -0.36 10.58 4.52
CA ILE A 52 -1.22 9.51 5.09
C ILE A 52 -2.71 9.72 4.73
N LYS A 53 -3.12 10.98 4.53
CA LYS A 53 -4.45 11.34 4.01
C LYS A 53 -4.86 10.60 2.73
N ASP A 54 -3.93 10.47 1.76
CA ASP A 54 -4.23 9.85 0.48
C ASP A 54 -3.69 8.40 0.39
N LEU A 55 -2.76 8.03 1.27
CA LEU A 55 -2.24 6.66 1.39
C LEU A 55 -3.39 5.69 1.68
N HIS A 56 -4.22 5.97 2.69
CA HIS A 56 -5.34 5.11 3.07
C HIS A 56 -6.44 5.00 1.97
N ARG A 57 -6.59 6.04 1.13
CA ARG A 57 -7.42 6.01 -0.08
C ARG A 57 -6.77 5.12 -1.16
N ALA A 58 -5.51 5.37 -1.50
CA ALA A 58 -4.73 4.64 -2.50
C ALA A 58 -4.59 3.14 -2.19
N ILE A 59 -4.46 2.78 -0.91
CA ILE A 59 -4.28 1.39 -0.42
C ILE A 59 -5.37 0.45 -0.95
N GLU A 60 -6.64 0.86 -0.88
CA GLU A 60 -7.76 0.10 -1.42
C GLU A 60 -8.00 0.40 -2.92
N LYS A 61 -7.83 1.65 -3.36
CA LYS A 61 -8.10 2.08 -4.73
C LYS A 61 -7.25 1.35 -5.78
N TYR A 62 -5.99 1.01 -5.46
CA TYR A 62 -5.10 0.22 -6.33
C TYR A 62 -5.06 -1.28 -5.96
N ASN A 63 -5.77 -1.75 -4.94
CA ASN A 63 -5.78 -3.18 -4.58
C ASN A 63 -6.32 -4.06 -5.74
N GLY A 64 -5.45 -4.87 -6.36
CA GLY A 64 -5.75 -5.77 -7.49
C GLY A 64 -5.42 -5.21 -8.88
N TYR A 65 -4.89 -3.98 -8.98
CA TYR A 65 -4.50 -3.33 -10.25
C TYR A 65 -3.26 -3.93 -10.93
N SER A 66 -2.98 -3.55 -12.18
CA SER A 66 -1.74 -3.91 -12.90
C SER A 66 -1.17 -2.71 -13.70
N ILE A 67 0.09 -2.33 -13.45
CA ILE A 67 0.80 -1.21 -14.14
C ILE A 67 2.23 -1.66 -14.46
N GLU A 68 2.58 -1.73 -15.75
CA GLU A 68 3.89 -2.16 -16.26
C GLU A 68 4.24 -3.62 -15.89
N GLY A 69 3.21 -4.48 -15.77
CA GLY A 69 3.38 -5.89 -15.42
C GLY A 69 2.08 -6.65 -15.17
N ASN A 70 2.01 -7.32 -14.02
CA ASN A 70 0.96 -8.25 -13.60
C ASN A 70 0.09 -7.67 -12.46
N VAL A 71 -0.87 -8.43 -11.94
CA VAL A 71 -1.73 -7.96 -10.82
C VAL A 71 -0.90 -7.77 -9.54
N LEU A 72 -1.19 -6.69 -8.81
CA LEU A 72 -0.53 -6.31 -7.56
C LEU A 72 -1.48 -6.33 -6.37
N ASP A 73 -1.02 -7.00 -5.32
CA ASP A 73 -1.36 -6.65 -3.93
C ASP A 73 -0.64 -5.35 -3.53
N VAL A 74 -1.20 -4.61 -2.56
CA VAL A 74 -0.73 -3.28 -2.12
C VAL A 74 -0.75 -3.23 -0.59
N LYS A 75 0.39 -2.91 0.01
CA LYS A 75 0.66 -3.00 1.46
C LYS A 75 1.62 -1.88 1.93
N SER A 76 1.38 -1.33 3.11
CA SER A 76 2.26 -0.36 3.79
C SER A 76 3.31 -1.05 4.70
N LYS A 77 4.32 -0.30 5.16
CA LYS A 77 5.48 -0.80 5.92
C LYS A 77 5.15 -0.99 7.42
N GLU A 78 4.15 -1.83 7.71
CA GLU A 78 3.57 -2.05 9.05
C GLU A 78 2.78 -3.38 9.13
N SER A 79 2.29 -3.72 10.32
CA SER A 79 1.45 -4.91 10.56
C SER A 79 0.56 -4.71 11.81
N VAL A 80 -0.75 -5.00 11.70
CA VAL A 80 -1.79 -4.75 12.73
C VAL A 80 -2.91 -5.79 12.59
N HIS A 81 -3.34 -6.37 13.70
CA HIS A 81 -4.44 -7.35 13.76
C HIS A 81 -5.12 -7.40 15.15
N ASN A 82 -6.44 -7.63 15.16
CA ASN A 82 -7.30 -7.69 16.34
C ASN A 82 -8.65 -8.36 16.02
N HIS A 83 -9.30 -8.96 17.03
CA HIS A 83 -10.64 -9.56 16.93
C HIS A 83 -11.43 -9.46 18.25
N SER A 84 -12.76 -9.31 18.14
CA SER A 84 -13.73 -9.37 19.23
C SER A 84 -15.13 -9.61 18.65
N ASP A 85 -15.90 -10.55 19.23
CA ASP A 85 -17.27 -10.88 18.78
C ASP A 85 -18.33 -9.88 19.29
N GLY A 86 -17.98 -9.06 20.29
CA GLY A 86 -18.73 -7.88 20.75
C GLY A 86 -19.96 -8.15 21.62
N ASP A 87 -20.72 -9.21 21.33
CA ASP A 87 -22.03 -9.51 21.93
C ASP A 87 -22.47 -10.97 21.66
N ASP A 88 -23.36 -11.48 22.52
CA ASP A 88 -24.01 -12.79 22.44
C ASP A 88 -25.29 -12.80 23.31
N VAL A 89 -26.25 -13.66 22.95
CA VAL A 89 -27.62 -13.72 23.49
C VAL A 89 -28.33 -15.01 23.06
N ASP A 90 -29.21 -15.53 23.91
CA ASP A 90 -30.05 -16.71 23.67
C ASP A 90 -31.26 -16.70 24.62
N ILE A 91 -32.46 -16.54 24.04
CA ILE A 91 -33.75 -16.40 24.75
C ILE A 91 -34.83 -17.32 24.12
N PRO A 92 -35.65 -18.04 24.90
CA PRO A 92 -36.74 -18.87 24.39
C PRO A 92 -37.97 -18.01 24.03
N MET A 93 -38.92 -18.62 23.30
CA MET A 93 -40.15 -17.97 22.81
C MET A 93 -41.24 -19.01 22.48
N ASP A 94 -42.48 -18.71 22.83
CA ASP A 94 -43.68 -19.54 22.60
C ASP A 94 -44.92 -18.64 22.34
N ASP A 95 -45.84 -19.12 21.51
CA ASP A 95 -47.01 -18.36 21.01
C ASP A 95 -48.21 -19.29 20.66
N SER A 96 -48.34 -20.41 21.37
CA SER A 96 -49.42 -21.40 21.16
C SER A 96 -50.80 -20.90 21.64
N PRO A 97 -51.91 -21.32 20.99
CA PRO A 97 -53.27 -20.90 21.34
C PRO A 97 -53.77 -21.62 22.60
N VAL A 98 -54.67 -20.96 23.35
CA VAL A 98 -55.31 -21.46 24.58
C VAL A 98 -56.74 -20.92 24.71
N ASN A 99 -57.63 -21.73 25.32
CA ASN A 99 -59.07 -21.44 25.51
C ASN A 99 -59.67 -22.29 26.65
#